data_3ATZ
#
_entry.id   3ATZ
#
_cell.length_a   47.333
_cell.length_b   119.587
_cell.length_c   111.527
_cell.angle_alpha   90.00
_cell.angle_beta   90.35
_cell.angle_gamma   90.00
#
_symmetry.space_group_name_H-M   'P 1 21 1'
#
loop_
_entity.id
_entity.type
_entity.pdbx_description
1 polymer 'Prostaglandin F2a synthase'
2 non-polymer 'FLAVIN MONONUCLEOTIDE'
3 non-polymer P-HYDROXYBENZALDEHYDE
4 water water
#
_entity_poly.entity_id   1
_entity_poly.type   'polypeptide(L)'
_entity_poly.pdbx_seq_one_letter_code
;MATFPELLRPLKLGRYTLRNRIIMAPLTRCQATEDDHVPRTESMLKYYEDRASAGLIIAEATMVQPNYTGFLTEPGIYSD
AQIEEWRKIVDAVHKKGGLIFLQLIHAGRAGIPEKILQQSKSDQDPLAGRLLAASAIPIKDHRIPAYFAASGEKETYGVP
EELTDDEVRDGIIPLFVEGAKNAIFKAGFDGVEIHGANGYLLDAFFRESSNKRQSGPYAGTTIDTRCQLIYDVTKSVCDA
VGSDRVGLRISPLNGVHGMIDSNPEALTKHLCKKIEPLSLAYLHYLRGDMVNQQIGDVVAWVRGSYSGVKISNLRYDFEE
ADQQIREGKVDAVAFGAKFIANPDLVERAQQNWPLNEPRPETYYTRTAVGYNDYPTYNK
;
_entity_poly.pdbx_strand_id   A,B,C,D
#
# COMPACT_ATOMS: atom_id res chain seq x y z
N PHE A 4 -3.19 52.44 -60.84
CA PHE A 4 -4.30 52.46 -59.84
C PHE A 4 -5.02 53.81 -59.88
N PRO A 5 -5.62 54.15 -61.03
CA PRO A 5 -6.33 55.42 -61.21
C PRO A 5 -7.47 55.73 -60.23
N GLU A 6 -8.23 54.71 -59.83
CA GLU A 6 -9.34 54.91 -58.91
C GLU A 6 -8.85 55.16 -57.50
N LEU A 7 -7.78 54.48 -57.12
CA LEU A 7 -7.20 54.62 -55.80
C LEU A 7 -6.55 55.99 -55.62
N LEU A 8 -5.99 56.54 -56.70
CA LEU A 8 -5.33 57.83 -56.62
C LEU A 8 -6.24 59.02 -56.90
N ARG A 9 -7.52 58.75 -57.17
CA ARG A 9 -8.46 59.81 -57.46
C ARG A 9 -8.90 60.55 -56.19
N PRO A 10 -9.07 61.88 -56.28
CA PRO A 10 -9.48 62.66 -55.11
C PRO A 10 -10.85 62.19 -54.61
N LEU A 11 -11.19 62.58 -53.38
CA LEU A 11 -12.47 62.19 -52.79
C LEU A 11 -13.01 63.24 -51.83
N LYS A 12 -14.29 63.56 -51.98
CA LYS A 12 -14.92 64.52 -51.09
C LYS A 12 -15.29 63.77 -49.82
N LEU A 13 -14.78 64.23 -48.68
CA LEU A 13 -15.07 63.59 -47.38
C LEU A 13 -15.38 64.67 -46.36
N GLY A 14 -16.59 64.67 -45.85
CA GLY A 14 -16.97 65.69 -44.88
C GLY A 14 -16.87 67.04 -45.58
N ARG A 15 -16.30 68.03 -44.91
CA ARG A 15 -16.16 69.35 -45.54
C ARG A 15 -14.82 69.45 -46.27
N TYR A 16 -14.15 68.33 -46.46
CA TYR A 16 -12.84 68.30 -47.11
C TYR A 16 -12.78 67.53 -48.43
N THR A 17 -11.65 67.65 -49.10
CA THR A 17 -11.41 66.95 -50.35
C THR A 17 -10.04 66.26 -50.27
N LEU A 18 -10.04 64.93 -50.21
CA LEU A 18 -8.80 64.16 -50.15
C LEU A 18 -8.09 64.22 -51.49
N ARG A 19 -6.76 64.26 -51.47
CA ARG A 19 -5.99 64.30 -52.71
C ARG A 19 -5.99 62.91 -53.35
N ASN A 20 -6.24 61.89 -52.53
CA ASN A 20 -6.30 60.51 -53.01
C ASN A 20 -7.07 59.66 -51.99
N ARG A 21 -7.32 58.40 -52.35
CA ARG A 21 -8.08 57.50 -51.48
C ARG A 21 -7.23 56.48 -50.72
N ILE A 22 -5.96 56.81 -50.50
CA ILE A 22 -5.03 55.97 -49.76
C ILE A 22 -4.95 56.55 -48.35
N ILE A 23 -5.74 55.98 -47.45
CA ILE A 23 -5.82 56.46 -46.08
C ILE A 23 -4.89 55.73 -45.11
N MET A 24 -4.34 56.49 -44.17
CA MET A 24 -3.48 55.90 -43.16
C MET A 24 -4.40 55.54 -41.98
N ALA A 25 -4.54 54.25 -41.72
CA ALA A 25 -5.40 53.80 -40.63
C ALA A 25 -4.81 54.20 -39.28
N PRO A 26 -5.66 54.28 -38.24
CA PRO A 26 -5.15 54.65 -36.91
C PRO A 26 -4.18 53.58 -36.45
N LEU A 27 -3.01 53.99 -35.98
CA LEU A 27 -1.99 53.04 -35.56
C LEU A 27 -1.32 53.39 -34.23
N THR A 28 -1.70 52.66 -33.19
CA THR A 28 -1.13 52.86 -31.86
C THR A 28 0.36 52.51 -31.91
N ARG A 29 1.21 53.49 -31.59
CA ARG A 29 2.65 53.25 -31.62
C ARG A 29 3.33 53.48 -30.27
N CYS A 30 2.55 53.95 -29.30
CA CYS A 30 3.05 54.17 -27.94
C CYS A 30 4.23 55.14 -27.84
N GLN A 31 4.20 56.20 -28.65
CA GLN A 31 5.27 57.19 -28.64
C GLN A 31 4.90 58.44 -27.82
N ALA A 32 4.23 58.24 -26.70
CA ALA A 32 3.85 59.35 -25.83
C ALA A 32 4.47 59.14 -24.43
N THR A 33 4.42 60.17 -23.59
CA THR A 33 4.97 60.06 -22.23
C THR A 33 4.06 59.19 -21.38
N GLU A 34 4.66 58.33 -20.57
CA GLU A 34 3.91 57.39 -19.74
C GLU A 34 2.72 57.90 -18.93
N ASP A 35 2.97 58.71 -17.90
CA ASP A 35 1.87 59.17 -17.06
C ASP A 35 1.09 60.40 -17.53
N ASP A 36 1.75 61.27 -18.30
CA ASP A 36 1.09 62.46 -18.80
C ASP A 36 0.47 62.22 -20.16
N HIS A 37 0.91 61.15 -20.82
CA HIS A 37 0.38 60.78 -22.13
C HIS A 37 0.48 61.94 -23.12
N VAL A 38 1.62 62.63 -23.06
CA VAL A 38 1.88 63.75 -23.94
C VAL A 38 2.63 63.25 -25.16
N PRO A 39 2.17 63.61 -26.37
CA PRO A 39 2.85 63.15 -27.58
C PRO A 39 4.33 63.55 -27.55
N ARG A 40 5.22 62.60 -27.80
CA ARG A 40 6.64 62.89 -27.83
C ARG A 40 6.94 63.48 -29.21
N THR A 41 6.57 64.74 -29.35
CA THR A 41 6.72 65.52 -30.58
C THR A 41 7.92 65.25 -31.47
N GLU A 42 9.11 65.20 -30.87
CA GLU A 42 10.34 64.97 -31.63
C GLU A 42 10.22 63.80 -32.59
N SER A 43 9.74 62.66 -32.09
CA SER A 43 9.60 61.47 -32.94
C SER A 43 8.25 61.39 -33.64
N MET A 44 7.17 61.69 -32.92
CA MET A 44 5.84 61.62 -33.51
C MET A 44 5.59 62.61 -34.64
N LEU A 45 6.16 63.81 -34.55
CA LEU A 45 5.94 64.78 -35.61
C LEU A 45 6.53 64.27 -36.92
N LYS A 46 7.82 63.92 -36.92
CA LYS A 46 8.47 63.41 -38.12
C LYS A 46 7.71 62.22 -38.70
N TYR A 47 7.23 61.36 -37.80
CA TYR A 47 6.49 60.15 -38.20
C TYR A 47 5.27 60.48 -39.06
N TYR A 48 4.43 61.40 -38.57
CA TYR A 48 3.23 61.80 -39.28
C TYR A 48 3.53 62.70 -40.47
N GLU A 49 4.47 63.63 -40.31
CA GLU A 49 4.84 64.53 -41.39
C GLU A 49 5.35 63.71 -42.57
N ASP A 50 6.15 62.69 -42.26
CA ASP A 50 6.71 61.82 -43.29
C ASP A 50 5.65 61.09 -44.09
N ARG A 51 4.44 60.99 -43.54
CA ARG A 51 3.36 60.28 -44.21
C ARG A 51 2.22 61.19 -44.63
N ALA A 52 2.47 62.51 -44.56
CA ALA A 52 1.48 63.51 -44.90
C ALA A 52 0.94 63.50 -46.33
N SER A 53 1.54 62.70 -47.21
CA SER A 53 1.05 62.65 -48.59
C SER A 53 -0.20 61.79 -48.67
N ALA A 54 -0.54 61.17 -47.55
CA ALA A 54 -1.72 60.32 -47.48
C ALA A 54 -2.97 61.17 -47.76
N GLY A 55 -3.94 60.61 -48.48
CA GLY A 55 -5.16 61.34 -48.75
C GLY A 55 -5.72 61.83 -47.43
N LEU A 56 -5.63 60.96 -46.42
CA LEU A 56 -6.10 61.30 -45.09
C LEU A 56 -5.32 60.48 -44.09
N ILE A 57 -4.90 61.12 -43.02
CA ILE A 57 -4.19 60.42 -41.96
C ILE A 57 -5.16 60.34 -40.80
N ILE A 58 -5.30 59.15 -40.24
CA ILE A 58 -6.17 58.98 -39.08
C ILE A 58 -5.20 58.69 -37.95
N ALA A 59 -4.96 59.70 -37.11
CA ALA A 59 -4.03 59.55 -35.99
C ALA A 59 -4.44 58.44 -35.02
N GLU A 60 -3.45 57.81 -34.41
CA GLU A 60 -3.65 56.71 -33.47
C GLU A 60 -4.68 56.95 -32.36
N ALA A 61 -5.20 55.84 -31.84
CA ALA A 61 -6.19 55.89 -30.76
C ALA A 61 -5.65 56.82 -29.67
N THR A 62 -6.45 57.81 -29.30
CA THR A 62 -6.06 58.79 -28.31
C THR A 62 -7.09 58.88 -27.18
N MET A 63 -6.59 58.80 -25.94
CA MET A 63 -7.42 58.83 -24.73
C MET A 63 -8.29 60.05 -24.53
N VAL A 64 -9.54 59.83 -24.12
CA VAL A 64 -10.47 60.91 -23.84
C VAL A 64 -10.70 61.00 -22.33
N GLN A 65 -10.39 59.92 -21.60
CA GLN A 65 -10.56 59.96 -20.15
C GLN A 65 -9.19 60.03 -19.48
N PRO A 66 -9.01 61.02 -18.60
CA PRO A 66 -7.73 61.19 -17.91
C PRO A 66 -7.25 59.90 -17.26
N ASN A 67 -6.02 59.52 -17.58
CA ASN A 67 -5.39 58.33 -17.02
C ASN A 67 -6.00 56.98 -17.35
N TYR A 68 -7.09 56.97 -18.10
CA TYR A 68 -7.69 55.68 -18.44
C TYR A 68 -6.90 55.13 -19.61
N THR A 69 -5.72 54.62 -19.30
CA THR A 69 -4.82 54.08 -20.31
C THR A 69 -5.00 52.62 -20.62
N GLY A 70 -4.88 52.27 -21.89
CA GLY A 70 -5.00 50.89 -22.31
C GLY A 70 -3.71 50.41 -22.93
N PHE A 71 -2.83 51.36 -23.31
CA PHE A 71 -1.58 50.99 -23.96
C PHE A 71 -0.35 51.54 -23.25
N LEU A 72 -0.53 51.94 -22.00
CA LEU A 72 0.53 52.45 -21.15
C LEU A 72 1.07 53.82 -21.53
N THR A 73 1.52 53.98 -22.77
CA THR A 73 2.08 55.24 -23.20
C THR A 73 1.48 55.78 -24.50
N GLU A 74 0.17 55.70 -24.63
CA GLU A 74 -0.47 56.21 -25.83
C GLU A 74 -0.80 57.68 -25.56
N PRO A 75 -1.05 58.47 -26.63
CA PRO A 75 -1.38 59.89 -26.48
C PRO A 75 -2.76 60.12 -25.87
N GLY A 76 -2.95 61.33 -25.33
CA GLY A 76 -4.23 61.71 -24.77
C GLY A 76 -4.60 63.00 -25.46
N ILE A 77 -5.84 63.45 -25.33
CA ILE A 77 -6.26 64.71 -25.94
C ILE A 77 -7.15 65.46 -24.94
N TYR A 78 -6.95 65.19 -23.66
CA TYR A 78 -7.74 65.83 -22.62
C TYR A 78 -7.04 66.95 -21.86
N SER A 79 -5.71 67.03 -21.98
CA SER A 79 -4.96 68.07 -21.26
C SER A 79 -4.32 69.09 -22.21
N ASP A 80 -4.01 70.28 -21.67
CA ASP A 80 -3.39 71.33 -22.47
C ASP A 80 -2.02 70.89 -22.99
N ALA A 81 -1.31 70.12 -22.16
CA ALA A 81 0.02 69.66 -22.53
C ALA A 81 -0.05 68.77 -23.77
N GLN A 82 -1.06 67.91 -23.82
CA GLN A 82 -1.23 67.01 -24.96
C GLN A 82 -1.66 67.83 -26.17
N ILE A 83 -2.63 68.72 -25.97
CA ILE A 83 -3.12 69.58 -27.05
C ILE A 83 -1.98 70.37 -27.70
N GLU A 84 -1.11 70.94 -26.87
CA GLU A 84 0.03 71.73 -27.34
C GLU A 84 0.93 70.99 -28.31
N GLU A 85 1.30 69.76 -27.98
CA GLU A 85 2.19 69.00 -28.84
C GLU A 85 1.48 68.50 -30.09
N TRP A 86 0.22 68.09 -29.94
CA TRP A 86 -0.57 67.60 -31.07
C TRP A 86 -0.64 68.70 -32.12
N ARG A 87 -0.87 69.92 -31.66
CA ARG A 87 -0.97 71.07 -32.55
C ARG A 87 0.27 71.19 -33.45
N LYS A 88 1.45 70.91 -32.88
CA LYS A 88 2.69 70.99 -33.65
C LYS A 88 2.66 69.92 -34.73
N ILE A 89 2.23 68.72 -34.34
CA ILE A 89 2.14 67.61 -35.26
C ILE A 89 1.10 67.94 -36.35
N VAL A 90 -0.07 68.41 -35.95
CA VAL A 90 -1.10 68.75 -36.93
C VAL A 90 -0.63 69.86 -37.87
N ASP A 91 0.09 70.83 -37.32
CA ASP A 91 0.60 71.92 -38.14
C ASP A 91 1.61 71.42 -39.18
N ALA A 92 2.41 70.43 -38.79
CA ALA A 92 3.40 69.88 -39.71
C ALA A 92 2.73 69.13 -40.86
N VAL A 93 1.66 68.39 -40.53
CA VAL A 93 0.94 67.65 -41.55
C VAL A 93 0.28 68.61 -42.53
N HIS A 94 -0.34 69.66 -42.00
CA HIS A 94 -1.02 70.64 -42.82
C HIS A 94 -0.07 71.44 -43.72
N LYS A 95 1.16 71.65 -43.28
CA LYS A 95 2.14 72.39 -44.07
C LYS A 95 2.54 71.58 -45.30
N LYS A 96 2.38 70.27 -45.21
CA LYS A 96 2.70 69.38 -46.33
C LYS A 96 1.47 69.23 -47.22
N GLY A 97 0.38 69.88 -46.83
CA GLY A 97 -0.85 69.81 -47.60
C GLY A 97 -1.70 68.60 -47.28
N GLY A 98 -1.44 67.97 -46.14
CA GLY A 98 -2.21 66.80 -45.76
C GLY A 98 -3.43 67.10 -44.90
N LEU A 99 -4.20 66.06 -44.60
CA LEU A 99 -5.39 66.18 -43.78
C LEU A 99 -5.26 65.14 -42.68
N ILE A 100 -5.80 65.41 -41.50
CA ILE A 100 -5.66 64.47 -40.40
C ILE A 100 -6.80 64.48 -39.38
N PHE A 101 -7.32 63.29 -39.09
CA PHE A 101 -8.38 63.15 -38.10
C PHE A 101 -7.73 62.43 -36.93
N LEU A 102 -8.29 62.63 -35.74
CA LEU A 102 -7.76 61.99 -34.54
C LEU A 102 -8.75 60.94 -34.05
N GLN A 103 -8.28 59.71 -33.86
CA GLN A 103 -9.18 58.68 -33.39
C GLN A 103 -9.32 58.83 -31.87
N LEU A 104 -10.57 58.89 -31.42
CA LEU A 104 -10.88 59.04 -29.99
C LEU A 104 -11.20 57.69 -29.38
N ILE A 105 -10.53 57.34 -28.29
CA ILE A 105 -10.76 56.03 -27.67
C ILE A 105 -10.94 56.01 -26.15
N HIS A 106 -11.58 54.94 -25.71
CA HIS A 106 -11.77 54.65 -24.29
C HIS A 106 -11.56 53.13 -24.26
N ALA A 107 -10.47 52.70 -23.62
CA ALA A 107 -10.12 51.29 -23.54
C ALA A 107 -11.18 50.38 -22.90
N GLY A 108 -12.09 50.96 -22.14
CA GLY A 108 -13.11 50.14 -21.51
C GLY A 108 -12.49 49.04 -20.67
N ARG A 109 -12.97 47.81 -20.86
CA ARG A 109 -12.44 46.68 -20.09
C ARG A 109 -11.02 46.31 -20.47
N ALA A 110 -10.45 47.03 -21.45
CA ALA A 110 -9.08 46.76 -21.85
C ALA A 110 -8.11 47.72 -21.15
N GLY A 111 -8.62 48.44 -20.16
CA GLY A 111 -7.76 49.35 -19.42
C GLY A 111 -6.76 48.59 -18.57
N ILE A 112 -5.58 49.16 -18.37
CA ILE A 112 -4.53 48.53 -17.58
C ILE A 112 -4.79 48.74 -16.08
N PRO A 113 -5.18 47.66 -15.37
CA PRO A 113 -5.48 47.70 -13.93
C PRO A 113 -4.44 48.36 -13.03
N GLU A 114 -3.19 47.93 -13.15
CA GLU A 114 -2.10 48.46 -12.33
C GLU A 114 -1.95 49.98 -12.44
N LYS A 115 -2.40 50.55 -13.55
CA LYS A 115 -2.30 51.99 -13.75
C LYS A 115 -3.59 52.70 -13.40
N ILE A 116 -4.72 52.14 -13.82
CA ILE A 116 -6.01 52.74 -13.58
C ILE A 116 -6.47 52.64 -12.12
N LEU A 117 -6.41 51.44 -11.56
CA LEU A 117 -6.81 51.22 -10.16
C LEU A 117 -5.94 51.94 -9.15
N GLN A 118 -4.74 52.34 -9.56
CA GLN A 118 -3.83 53.06 -8.68
C GLN A 118 -4.07 54.56 -8.75
N GLN A 119 -5.32 54.94 -9.04
CA GLN A 119 -5.71 56.35 -9.15
C GLN A 119 -6.94 56.62 -8.30
N ASP A 125 -14.48 62.88 -8.86
CA ASP A 125 -14.42 62.19 -10.16
C ASP A 125 -14.87 60.74 -9.98
N PRO A 126 -16.19 60.49 -10.10
CA PRO A 126 -16.75 59.14 -9.95
C PRO A 126 -16.28 58.14 -11.00
N LEU A 127 -15.53 58.62 -11.99
CA LEU A 127 -15.04 57.74 -13.05
C LEU A 127 -13.57 57.37 -12.89
N ALA A 128 -12.87 58.10 -12.03
CA ALA A 128 -11.45 57.86 -11.80
C ALA A 128 -11.19 56.64 -10.91
N GLY A 129 -10.01 56.05 -11.07
CA GLY A 129 -9.63 54.88 -10.28
C GLY A 129 -10.60 53.73 -10.41
N ARG A 130 -11.06 53.45 -11.63
CA ARG A 130 -11.99 52.36 -11.86
C ARG A 130 -11.92 51.80 -13.28
N LEU A 131 -12.20 50.51 -13.41
CA LEU A 131 -12.23 49.84 -14.71
C LEU A 131 -13.71 49.88 -15.10
N LEU A 132 -14.01 50.38 -16.29
CA LEU A 132 -15.39 50.51 -16.72
C LEU A 132 -15.69 49.81 -18.05
N ALA A 133 -16.89 49.24 -18.15
CA ALA A 133 -17.33 48.54 -19.35
C ALA A 133 -18.85 48.42 -19.31
N ALA A 134 -19.41 47.76 -20.31
CA ALA A 134 -20.86 47.58 -20.36
C ALA A 134 -21.31 46.58 -19.30
N SER A 135 -20.51 45.52 -19.11
CA SER A 135 -20.82 44.47 -18.14
C SER A 135 -19.55 44.04 -17.42
N ALA A 136 -19.71 43.44 -16.24
CA ALA A 136 -18.57 42.98 -15.44
C ALA A 136 -18.00 41.70 -16.03
N ILE A 137 -17.62 41.77 -17.30
CA ILE A 137 -17.07 40.61 -18.00
C ILE A 137 -15.64 40.93 -18.41
N PRO A 138 -14.66 40.26 -17.80
CA PRO A 138 -13.25 40.51 -18.13
C PRO A 138 -12.80 39.86 -19.41
N ILE A 139 -11.72 40.40 -19.97
CA ILE A 139 -11.14 39.84 -21.18
C ILE A 139 -10.48 38.58 -20.62
N LYS A 140 -10.70 37.44 -21.25
CA LYS A 140 -10.12 36.18 -20.78
C LYS A 140 -9.27 35.45 -21.80
N ASP A 141 -9.35 35.86 -23.05
CA ASP A 141 -8.59 35.20 -24.10
C ASP A 141 -7.08 35.24 -23.88
N HIS A 142 -6.53 36.40 -23.55
CA HIS A 142 -5.09 36.51 -23.36
C HIS A 142 -4.68 37.49 -22.27
N ARG A 143 -3.37 37.51 -22.01
CA ARG A 143 -2.78 38.39 -21.01
C ARG A 143 -2.73 39.80 -21.60
N ILE A 144 -2.24 40.74 -20.80
CA ILE A 144 -2.07 42.10 -21.28
C ILE A 144 -0.74 42.01 -21.99
N PRO A 145 -0.68 42.45 -23.27
CA PRO A 145 0.58 42.39 -24.00
C PRO A 145 1.72 43.03 -23.20
N ALA A 146 2.86 42.37 -23.18
CA ALA A 146 4.02 42.87 -22.43
C ALA A 146 4.37 44.32 -22.78
N TYR A 147 4.11 44.73 -24.02
CA TYR A 147 4.42 46.10 -24.43
C TYR A 147 3.35 47.09 -23.98
N PHE A 148 2.36 46.59 -23.25
CA PHE A 148 1.27 47.42 -22.73
C PHE A 148 1.20 47.24 -21.22
N ALA A 149 1.87 46.21 -20.70
CA ALA A 149 1.85 45.94 -19.27
C ALA A 149 2.56 47.04 -18.49
N ALA A 150 2.10 47.26 -17.25
CA ALA A 150 2.66 48.29 -16.39
C ALA A 150 3.94 47.79 -15.71
N SER A 151 4.18 46.49 -15.76
CA SER A 151 5.37 45.92 -15.15
C SER A 151 5.90 44.74 -15.94
N GLY A 152 7.06 44.24 -15.54
CA GLY A 152 7.66 43.10 -16.22
C GLY A 152 6.92 41.82 -15.88
N GLU A 153 6.07 41.87 -14.85
CA GLU A 153 5.31 40.70 -14.44
C GLU A 153 4.21 40.42 -15.46
N LYS A 154 3.71 39.19 -15.48
CA LYS A 154 2.64 38.83 -16.40
C LYS A 154 1.35 39.44 -15.83
N GLU A 155 0.85 40.47 -16.50
CA GLU A 155 -0.37 41.12 -16.05
C GLU A 155 -1.59 40.66 -16.83
N THR A 156 -2.73 40.64 -16.16
CA THR A 156 -3.96 40.21 -16.80
C THR A 156 -5.02 41.28 -16.64
N TYR A 157 -5.94 41.36 -17.59
CA TYR A 157 -7.00 42.34 -17.52
C TYR A 157 -7.89 42.02 -16.33
N GLY A 158 -8.53 43.05 -15.78
CA GLY A 158 -9.38 42.83 -14.62
C GLY A 158 -10.86 42.78 -14.94
N VAL A 159 -11.66 42.57 -13.88
CA VAL A 159 -13.09 42.52 -14.04
C VAL A 159 -13.56 43.96 -13.92
N PRO A 160 -14.13 44.52 -15.00
CA PRO A 160 -14.60 45.90 -14.97
C PRO A 160 -15.90 46.04 -14.22
N GLU A 161 -16.26 47.27 -13.87
CA GLU A 161 -17.51 47.53 -13.19
C GLU A 161 -18.54 47.84 -14.27
N GLU A 162 -19.79 47.44 -14.03
CA GLU A 162 -20.86 47.70 -14.97
C GLU A 162 -21.19 49.18 -14.88
N LEU A 163 -21.12 49.88 -16.00
CA LEU A 163 -21.43 51.30 -16.05
C LEU A 163 -22.93 51.51 -15.93
N THR A 164 -23.35 52.50 -15.15
CA THR A 164 -24.77 52.79 -15.03
C THR A 164 -25.10 53.65 -16.25
N ASP A 165 -26.36 53.65 -16.67
CA ASP A 165 -26.73 54.44 -17.83
C ASP A 165 -26.39 55.90 -17.58
N ASP A 166 -26.42 56.31 -16.32
CA ASP A 166 -26.13 57.68 -15.92
C ASP A 166 -24.67 58.02 -16.18
N GLU A 167 -23.77 57.12 -15.78
CA GLU A 167 -22.33 57.33 -15.96
C GLU A 167 -22.01 57.36 -17.46
N VAL A 168 -22.73 56.55 -18.23
CA VAL A 168 -22.53 56.48 -19.67
C VAL A 168 -22.97 57.79 -20.32
N ARG A 169 -24.23 58.14 -20.11
CA ARG A 169 -24.80 59.37 -20.67
C ARG A 169 -24.12 60.66 -20.25
N ASP A 170 -23.86 60.80 -18.95
CA ASP A 170 -23.27 62.02 -18.43
C ASP A 170 -21.79 61.96 -18.07
N GLY A 171 -21.19 60.78 -18.15
CA GLY A 171 -19.79 60.67 -17.82
C GLY A 171 -18.93 60.37 -19.05
N ILE A 172 -19.23 59.26 -19.71
CA ILE A 172 -18.49 58.81 -20.88
C ILE A 172 -18.66 59.71 -22.10
N ILE A 173 -19.90 60.00 -22.46
CA ILE A 173 -20.17 60.81 -23.63
C ILE A 173 -19.52 62.19 -23.55
N PRO A 174 -19.72 62.92 -22.44
CA PRO A 174 -19.09 64.25 -22.35
C PRO A 174 -17.57 64.22 -22.57
N LEU A 175 -16.91 63.15 -22.16
CA LEU A 175 -15.46 63.04 -22.33
C LEU A 175 -15.09 62.99 -23.82
N PHE A 176 -15.87 62.24 -24.59
CA PHE A 176 -15.64 62.13 -26.03
C PHE A 176 -15.87 63.49 -26.68
N VAL A 177 -16.90 64.20 -26.21
CA VAL A 177 -17.23 65.52 -26.73
C VAL A 177 -16.12 66.54 -26.49
N GLU A 178 -15.64 66.62 -25.25
CA GLU A 178 -14.57 67.58 -24.92
C GLU A 178 -13.31 67.18 -25.70
N GLY A 179 -13.10 65.88 -25.82
CA GLY A 179 -11.94 65.38 -26.54
C GLY A 179 -11.97 65.78 -28.00
N ALA A 180 -13.16 65.74 -28.59
CA ALA A 180 -13.35 66.10 -29.99
C ALA A 180 -13.15 67.61 -30.17
N LYS A 181 -13.77 68.38 -29.28
CA LYS A 181 -13.64 69.84 -29.30
C LYS A 181 -12.17 70.24 -29.16
N ASN A 182 -11.47 69.60 -28.21
CA ASN A 182 -10.05 69.87 -27.98
C ASN A 182 -9.27 69.61 -29.26
N ALA A 183 -9.48 68.42 -29.82
CA ALA A 183 -8.79 68.00 -31.02
C ALA A 183 -9.01 68.94 -32.20
N ILE A 184 -10.28 69.25 -32.47
CA ILE A 184 -10.61 70.08 -33.61
C ILE A 184 -10.43 71.59 -33.42
N PHE A 185 -10.96 72.12 -32.34
CA PHE A 185 -10.89 73.56 -32.09
C PHE A 185 -9.57 74.07 -31.51
N LYS A 186 -8.84 73.20 -30.81
CA LYS A 186 -7.59 73.62 -30.19
C LYS A 186 -6.36 73.07 -30.89
N ALA A 187 -6.32 71.75 -31.10
CA ALA A 187 -5.19 71.13 -31.77
C ALA A 187 -5.24 71.39 -33.27
N GLY A 188 -6.43 71.70 -33.77
CA GLY A 188 -6.58 71.99 -35.18
C GLY A 188 -6.80 70.78 -36.08
N PHE A 189 -7.12 69.63 -35.50
CA PHE A 189 -7.37 68.46 -36.32
C PHE A 189 -8.55 68.75 -37.26
N ASP A 190 -8.51 68.20 -38.46
CA ASP A 190 -9.58 68.39 -39.43
C ASP A 190 -10.84 67.63 -38.99
N GLY A 191 -10.65 66.63 -38.14
CA GLY A 191 -11.78 65.87 -37.67
C GLY A 191 -11.37 64.82 -36.65
N VAL A 192 -12.34 64.01 -36.24
CA VAL A 192 -12.07 62.96 -35.27
C VAL A 192 -12.76 61.68 -35.73
N GLU A 193 -12.27 60.54 -35.27
CA GLU A 193 -12.87 59.26 -35.60
C GLU A 193 -13.22 58.56 -34.31
N ILE A 194 -14.50 58.28 -34.12
CA ILE A 194 -14.98 57.59 -32.93
C ILE A 194 -14.50 56.15 -32.99
N HIS A 195 -13.80 55.70 -31.94
CA HIS A 195 -13.30 54.34 -31.95
C HIS A 195 -14.36 53.38 -31.41
N GLY A 196 -15.15 52.82 -32.31
CA GLY A 196 -16.20 51.88 -31.91
C GLY A 196 -15.86 50.47 -32.37
N ALA A 197 -14.57 50.15 -32.39
CA ALA A 197 -14.11 48.84 -32.85
C ALA A 197 -13.09 48.20 -31.92
N ASN A 198 -12.59 47.07 -32.37
CA ASN A 198 -11.56 46.28 -31.72
C ASN A 198 -11.62 45.98 -30.22
N GLY A 199 -12.82 45.75 -29.70
CA GLY A 199 -12.96 45.38 -28.30
C GLY A 199 -12.89 46.45 -27.25
N TYR A 200 -12.82 47.71 -27.65
CA TYR A 200 -12.76 48.76 -26.66
C TYR A 200 -14.17 49.15 -26.23
N LEU A 201 -14.28 50.10 -25.32
CA LEU A 201 -15.57 50.50 -24.76
C LEU A 201 -16.80 50.45 -25.65
N LEU A 202 -16.78 51.24 -26.73
CA LEU A 202 -17.93 51.27 -27.62
C LEU A 202 -18.22 49.93 -28.30
N ASP A 203 -17.17 49.23 -28.72
CA ASP A 203 -17.34 47.93 -29.35
C ASP A 203 -17.88 46.94 -28.32
N ALA A 204 -17.51 47.13 -27.06
CA ALA A 204 -17.94 46.25 -25.96
C ALA A 204 -19.44 46.36 -25.70
N PHE A 205 -20.04 47.50 -26.03
CA PHE A 205 -21.48 47.70 -25.87
C PHE A 205 -22.16 47.16 -27.12
N PHE A 206 -21.48 47.35 -28.25
CA PHE A 206 -21.91 46.97 -29.60
C PHE A 206 -22.17 45.48 -29.83
N ARG A 207 -21.19 44.63 -29.51
CA ARG A 207 -21.32 43.20 -29.74
C ARG A 207 -21.79 42.44 -28.50
N GLU A 208 -22.64 41.44 -28.73
CA GLU A 208 -23.26 40.69 -27.65
C GLU A 208 -22.39 39.97 -26.63
N SER A 209 -21.24 39.47 -27.05
CA SER A 209 -20.36 38.74 -26.13
C SER A 209 -19.98 39.55 -24.89
N SER A 210 -19.75 40.85 -25.06
CA SER A 210 -19.34 41.69 -23.95
C SER A 210 -20.40 42.59 -23.34
N ASN A 211 -21.61 42.60 -23.91
CA ASN A 211 -22.68 43.44 -23.37
C ASN A 211 -23.85 42.59 -22.91
N LYS A 212 -23.97 42.41 -21.60
CA LYS A 212 -25.06 41.60 -21.04
C LYS A 212 -26.04 42.42 -20.21
N ARG A 213 -26.06 43.73 -20.43
CA ARG A 213 -26.95 44.64 -19.72
C ARG A 213 -28.42 44.23 -19.92
N GLN A 214 -29.15 44.09 -18.82
CA GLN A 214 -30.54 43.67 -18.89
C GLN A 214 -31.54 44.76 -19.28
N SER A 215 -31.21 46.01 -18.97
CA SER A 215 -32.13 47.10 -19.31
C SER A 215 -31.41 48.40 -19.63
N GLY A 216 -32.20 49.44 -19.89
CA GLY A 216 -31.62 50.74 -20.21
C GLY A 216 -31.50 50.95 -21.71
N PRO A 217 -31.15 52.17 -22.15
CA PRO A 217 -31.00 52.44 -23.58
C PRO A 217 -29.80 51.75 -24.21
N TYR A 218 -28.95 51.14 -23.38
CA TYR A 218 -27.75 50.44 -23.86
C TYR A 218 -27.78 48.95 -23.53
N ALA A 219 -28.98 48.39 -23.42
CA ALA A 219 -29.14 46.98 -23.08
C ALA A 219 -28.48 46.08 -24.13
N GLY A 220 -27.99 44.93 -23.69
CA GLY A 220 -27.36 44.01 -24.62
C GLY A 220 -28.35 42.99 -25.17
N THR A 221 -29.63 43.22 -24.93
CA THR A 221 -30.66 42.30 -25.38
C THR A 221 -31.09 42.45 -26.84
N THR A 222 -30.87 43.61 -27.44
CA THR A 222 -31.23 43.80 -28.85
C THR A 222 -30.11 44.50 -29.61
N ILE A 223 -30.12 44.32 -30.93
CA ILE A 223 -29.12 44.93 -31.78
C ILE A 223 -29.24 46.45 -31.71
N ASP A 224 -30.47 46.96 -31.62
CA ASP A 224 -30.66 48.41 -31.57
C ASP A 224 -30.10 49.03 -30.30
N THR A 225 -30.38 48.43 -29.16
CA THR A 225 -29.85 48.98 -27.91
C THR A 225 -28.34 48.83 -27.86
N ARG A 226 -27.81 47.76 -28.45
CA ARG A 226 -26.35 47.58 -28.44
C ARG A 226 -25.67 48.62 -29.34
N CYS A 227 -26.40 49.12 -30.33
CA CYS A 227 -25.86 50.14 -31.25
C CYS A 227 -26.01 51.53 -30.65
N GLN A 228 -26.83 51.65 -29.61
CA GLN A 228 -27.10 52.96 -29.01
C GLN A 228 -25.91 53.76 -28.50
N LEU A 229 -24.96 53.13 -27.82
CA LEU A 229 -23.82 53.90 -27.31
C LEU A 229 -23.01 54.49 -28.46
N ILE A 230 -22.72 53.68 -29.46
CA ILE A 230 -21.98 54.16 -30.61
C ILE A 230 -22.73 55.35 -31.20
N TYR A 231 -24.03 55.20 -31.38
CA TYR A 231 -24.84 56.30 -31.91
C TYR A 231 -24.83 57.54 -31.02
N ASP A 232 -25.11 57.37 -29.73
CA ASP A 232 -25.16 58.53 -28.82
C ASP A 232 -23.84 59.29 -28.76
N VAL A 233 -22.74 58.57 -28.61
CA VAL A 233 -21.43 59.19 -28.56
C VAL A 233 -21.18 59.93 -29.87
N THR A 234 -21.43 59.25 -30.99
CA THR A 234 -21.21 59.85 -32.31
C THR A 234 -22.13 61.07 -32.53
N LYS A 235 -23.39 60.94 -32.14
CA LYS A 235 -24.34 62.04 -32.30
C LYS A 235 -23.91 63.25 -31.47
N SER A 236 -23.64 63.02 -30.20
CA SER A 236 -23.23 64.11 -29.31
C SER A 236 -21.99 64.79 -29.86
N VAL A 237 -21.02 64.00 -30.34
CA VAL A 237 -19.80 64.57 -30.89
C VAL A 237 -20.13 65.39 -32.15
N CYS A 238 -21.06 64.90 -32.95
CA CYS A 238 -21.47 65.61 -34.17
C CYS A 238 -22.07 66.98 -33.85
N ASP A 239 -22.96 67.01 -32.86
CA ASP A 239 -23.60 68.27 -32.49
C ASP A 239 -22.54 69.26 -32.03
N ALA A 240 -21.52 68.75 -31.33
CA ALA A 240 -20.45 69.58 -30.80
C ALA A 240 -19.43 70.13 -31.81
N VAL A 241 -19.06 69.31 -32.80
CA VAL A 241 -18.06 69.75 -33.78
C VAL A 241 -18.48 69.66 -35.24
N GLY A 242 -19.72 69.27 -35.50
CA GLY A 242 -20.20 69.16 -36.86
C GLY A 242 -19.96 67.77 -37.43
N SER A 243 -21.03 67.13 -37.92
CA SER A 243 -20.91 65.78 -38.45
C SER A 243 -19.94 65.63 -39.62
N ASP A 244 -19.73 66.69 -40.39
CA ASP A 244 -18.80 66.62 -41.53
C ASP A 244 -17.34 66.61 -41.07
N ARG A 245 -17.16 66.60 -39.75
CA ARG A 245 -15.82 66.54 -39.17
C ARG A 245 -15.75 65.31 -38.24
N VAL A 246 -16.64 64.35 -38.47
CA VAL A 246 -16.68 63.14 -37.66
C VAL A 246 -16.82 61.85 -38.46
N GLY A 247 -15.94 60.91 -38.16
CA GLY A 247 -15.96 59.61 -38.80
C GLY A 247 -16.13 58.58 -37.69
N LEU A 248 -16.47 57.35 -38.05
CA LEU A 248 -16.67 56.29 -37.08
C LEU A 248 -16.06 54.99 -37.56
N ARG A 249 -15.39 54.28 -36.66
CA ARG A 249 -14.79 53.00 -37.02
C ARG A 249 -15.42 51.83 -36.25
N ILE A 250 -15.64 50.74 -36.97
CA ILE A 250 -16.20 49.52 -36.40
C ILE A 250 -15.43 48.31 -36.93
N SER A 251 -15.62 47.16 -36.28
CA SER A 251 -14.98 45.91 -36.68
C SER A 251 -15.91 44.79 -36.25
N PRO A 252 -16.99 44.58 -37.01
CA PRO A 252 -17.98 43.54 -36.71
C PRO A 252 -17.47 42.11 -36.63
N LEU A 253 -16.30 41.83 -37.20
CA LEU A 253 -15.76 40.47 -37.20
C LEU A 253 -14.40 40.28 -36.51
N ASN A 254 -13.89 41.33 -35.88
CA ASN A 254 -12.60 41.23 -35.20
C ASN A 254 -12.75 40.47 -33.89
N GLY A 255 -12.10 39.31 -33.80
CA GLY A 255 -12.20 38.49 -32.62
C GLY A 255 -11.31 38.82 -31.43
N VAL A 256 -10.50 39.87 -31.54
CA VAL A 256 -9.62 40.25 -30.43
C VAL A 256 -10.39 40.29 -29.12
N HIS A 257 -9.71 39.93 -28.03
CA HIS A 257 -10.29 39.92 -26.70
C HIS A 257 -11.53 39.04 -26.59
N GLY A 258 -11.62 38.02 -27.43
CA GLY A 258 -12.76 37.13 -27.41
C GLY A 258 -14.06 37.80 -27.88
N MET A 259 -13.94 38.96 -28.52
CA MET A 259 -15.11 39.67 -29.01
C MET A 259 -15.85 38.88 -30.08
N ILE A 260 -17.17 38.78 -29.95
CA ILE A 260 -17.97 38.07 -30.92
C ILE A 260 -19.46 38.36 -30.81
N ASP A 261 -20.11 38.42 -31.96
CA ASP A 261 -21.54 38.64 -32.01
C ASP A 261 -22.07 37.55 -32.91
N SER A 262 -23.28 37.06 -32.64
CA SER A 262 -23.84 36.00 -33.46
C SER A 262 -24.44 36.53 -34.76
N ASN A 263 -24.76 37.82 -34.79
CA ASN A 263 -25.35 38.44 -35.98
C ASN A 263 -24.52 39.60 -36.53
N PRO A 264 -23.24 39.35 -36.85
CA PRO A 264 -22.41 40.44 -37.37
C PRO A 264 -23.02 41.20 -38.54
N GLU A 265 -23.70 40.49 -39.43
CA GLU A 265 -24.32 41.12 -40.59
C GLU A 265 -25.48 42.04 -40.23
N ALA A 266 -26.46 41.53 -39.50
CA ALA A 266 -27.61 42.33 -39.12
C ALA A 266 -27.17 43.50 -38.25
N LEU A 267 -26.19 43.25 -37.37
CA LEU A 267 -25.67 44.28 -36.48
C LEU A 267 -25.06 45.42 -37.30
N THR A 268 -24.18 45.07 -38.23
CA THR A 268 -23.51 46.04 -39.08
C THR A 268 -24.51 46.84 -39.92
N LYS A 269 -25.43 46.13 -40.57
CA LYS A 269 -26.43 46.78 -41.40
C LYS A 269 -27.31 47.70 -40.58
N HIS A 270 -27.72 47.25 -39.39
CA HIS A 270 -28.57 48.08 -38.57
C HIS A 270 -27.86 49.34 -38.10
N LEU A 271 -26.58 49.22 -37.78
CA LEU A 271 -25.81 50.37 -37.34
C LEU A 271 -25.71 51.39 -38.50
N CYS A 272 -25.49 50.89 -39.72
CA CYS A 272 -25.40 51.79 -40.88
C CYS A 272 -26.67 52.61 -41.00
N LYS A 273 -27.82 51.95 -40.92
CA LYS A 273 -29.09 52.66 -41.02
C LYS A 273 -29.28 53.65 -39.89
N LYS A 274 -28.80 53.29 -38.70
CA LYS A 274 -28.94 54.14 -37.51
C LYS A 274 -28.10 55.43 -37.57
N ILE A 275 -26.88 55.36 -38.12
CA ILE A 275 -26.03 56.54 -38.20
C ILE A 275 -26.23 57.32 -39.49
N GLU A 276 -26.96 56.72 -40.43
CA GLU A 276 -27.23 57.35 -41.72
C GLU A 276 -27.73 58.79 -41.53
N PRO A 277 -28.66 59.02 -40.59
CA PRO A 277 -29.22 60.35 -40.31
C PRO A 277 -28.20 61.36 -39.80
N LEU A 278 -27.02 60.89 -39.42
CA LEU A 278 -25.99 61.78 -38.88
C LEU A 278 -25.11 62.45 -39.92
N SER A 279 -25.14 61.93 -41.15
CA SER A 279 -24.32 62.48 -42.23
C SER A 279 -22.87 62.64 -41.77
N LEU A 280 -22.25 61.52 -41.41
CA LEU A 280 -20.87 61.51 -40.96
C LEU A 280 -19.93 61.76 -42.12
N ALA A 281 -18.72 62.19 -41.80
CA ALA A 281 -17.71 62.41 -42.82
C ALA A 281 -17.50 61.06 -43.49
N TYR A 282 -17.52 59.99 -42.68
CA TYR A 282 -17.33 58.65 -43.19
C TYR A 282 -17.59 57.53 -42.17
N LEU A 283 -17.71 56.31 -42.68
CA LEU A 283 -17.86 55.11 -41.86
C LEU A 283 -16.64 54.27 -42.25
N HIS A 284 -15.83 53.93 -41.26
CA HIS A 284 -14.59 53.17 -41.45
C HIS A 284 -14.72 51.81 -40.75
N TYR A 285 -14.46 50.72 -41.47
CA TYR A 285 -14.61 49.38 -40.87
C TYR A 285 -13.53 48.38 -41.26
N LEU A 286 -13.27 47.43 -40.36
CA LEU A 286 -12.34 46.36 -40.65
C LEU A 286 -13.26 45.36 -41.33
N ARG A 287 -12.89 44.88 -42.51
CA ARG A 287 -13.74 43.94 -43.24
C ARG A 287 -13.62 42.49 -42.79
N GLY A 288 -12.77 42.24 -41.79
CA GLY A 288 -12.62 40.87 -41.35
C GLY A 288 -12.04 40.69 -39.96
N ASP A 289 -11.47 39.51 -39.75
CA ASP A 289 -10.88 39.12 -38.47
C ASP A 289 -9.39 38.95 -38.72
N MET A 290 -8.57 39.14 -37.69
CA MET A 290 -7.13 39.00 -37.85
C MET A 290 -6.76 37.56 -38.24
N VAL A 291 -7.60 36.61 -37.83
CA VAL A 291 -7.40 35.21 -38.18
C VAL A 291 -8.62 34.85 -39.03
N ASN A 292 -8.63 33.64 -39.60
CA ASN A 292 -9.76 33.26 -40.43
C ASN A 292 -10.85 32.50 -39.69
N GLN A 293 -11.28 33.03 -38.56
CA GLN A 293 -12.35 32.39 -37.79
C GLN A 293 -13.67 33.05 -38.11
N GLN A 294 -13.77 34.35 -37.85
CA GLN A 294 -15.00 35.09 -38.15
C GLN A 294 -14.89 35.65 -39.55
N ILE A 295 -15.81 35.25 -40.41
CA ILE A 295 -15.82 35.69 -41.81
C ILE A 295 -17.17 36.22 -42.24
N GLY A 296 -17.14 37.17 -43.16
CA GLY A 296 -18.35 37.78 -43.68
C GLY A 296 -17.95 38.90 -44.64
N ASP A 297 -18.84 39.23 -45.57
CA ASP A 297 -18.55 40.29 -46.52
C ASP A 297 -19.00 41.64 -45.98
N VAL A 298 -18.20 42.21 -45.09
CA VAL A 298 -18.53 43.50 -44.49
C VAL A 298 -18.66 44.58 -45.56
N VAL A 299 -17.80 44.51 -46.58
CA VAL A 299 -17.85 45.48 -47.67
C VAL A 299 -19.26 45.47 -48.27
N ALA A 300 -19.76 44.28 -48.56
CA ALA A 300 -21.09 44.13 -49.13
C ALA A 300 -22.16 44.66 -48.19
N TRP A 301 -22.08 44.28 -46.90
CA TRP A 301 -23.06 44.73 -45.92
C TRP A 301 -23.17 46.24 -45.84
N VAL A 302 -22.04 46.92 -45.65
CA VAL A 302 -22.06 48.37 -45.54
C VAL A 302 -22.52 49.01 -46.85
N ARG A 303 -22.06 48.44 -47.95
CA ARG A 303 -22.37 48.92 -49.30
C ARG A 303 -23.87 49.05 -49.55
N GLY A 304 -24.62 48.01 -49.21
CA GLY A 304 -26.06 48.05 -49.44
C GLY A 304 -26.89 48.71 -48.37
N SER A 305 -26.28 49.10 -47.25
CA SER A 305 -27.04 49.73 -46.17
C SER A 305 -26.60 51.13 -45.78
N TYR A 306 -25.55 51.65 -46.41
CA TYR A 306 -25.03 52.98 -46.08
C TYR A 306 -24.81 53.82 -47.33
N SER A 307 -25.32 55.05 -47.34
CA SER A 307 -25.16 55.89 -48.51
C SER A 307 -24.02 56.92 -48.41
N GLY A 308 -23.33 56.95 -47.29
CA GLY A 308 -22.24 57.90 -47.12
C GLY A 308 -20.89 57.36 -47.58
N VAL A 309 -19.81 58.01 -47.16
CA VAL A 309 -18.46 57.60 -47.53
C VAL A 309 -18.05 56.33 -46.80
N LYS A 310 -17.64 55.33 -47.56
CA LYS A 310 -17.25 54.04 -47.01
C LYS A 310 -15.76 53.79 -47.12
N ILE A 311 -15.10 53.67 -45.97
CA ILE A 311 -13.67 53.41 -45.94
C ILE A 311 -13.46 52.01 -45.38
N SER A 312 -12.94 51.13 -46.21
CA SER A 312 -12.71 49.76 -45.79
C SER A 312 -11.26 49.54 -45.41
N ASN A 313 -11.01 48.46 -44.68
CA ASN A 313 -9.67 48.15 -44.22
C ASN A 313 -9.49 46.67 -43.89
N LEU A 314 -8.23 46.24 -43.94
CA LEU A 314 -7.76 44.88 -43.60
C LEU A 314 -7.20 44.05 -44.74
N ARG A 315 -5.88 43.89 -44.74
CA ARG A 315 -5.16 43.10 -45.73
C ARG A 315 -5.41 43.53 -47.18
N TYR A 316 -5.44 44.83 -47.41
CA TYR A 316 -5.65 45.33 -48.76
C TYR A 316 -4.30 45.59 -49.42
N ASP A 317 -4.26 45.48 -50.74
CA ASP A 317 -3.06 45.79 -51.49
C ASP A 317 -3.59 46.81 -52.51
N PHE A 318 -2.70 47.58 -53.14
CA PHE A 318 -3.12 48.59 -54.09
C PHE A 318 -4.15 48.12 -55.13
N GLU A 319 -3.88 46.98 -55.74
CA GLU A 319 -4.77 46.44 -56.76
C GLU A 319 -6.19 46.15 -56.26
N GLU A 320 -6.30 45.43 -55.16
CA GLU A 320 -7.61 45.10 -54.62
C GLU A 320 -8.33 46.37 -54.21
N ALA A 321 -7.58 47.32 -53.64
CA ALA A 321 -8.16 48.59 -53.22
C ALA A 321 -8.70 49.33 -54.43
N ASP A 322 -7.86 49.46 -55.44
CA ASP A 322 -8.22 50.15 -56.68
C ASP A 322 -9.44 49.49 -57.32
N GLN A 323 -9.44 48.16 -57.37
CA GLN A 323 -10.54 47.42 -57.97
C GLN A 323 -11.89 47.61 -57.26
N GLN A 324 -11.90 47.65 -55.93
CA GLN A 324 -13.16 47.82 -55.21
C GLN A 324 -13.70 49.25 -55.34
N ILE A 325 -12.80 50.22 -55.38
CA ILE A 325 -13.22 51.61 -55.55
C ILE A 325 -13.79 51.71 -56.96
N ARG A 326 -13.11 51.09 -57.92
CA ARG A 326 -13.57 51.09 -59.30
C ARG A 326 -15.00 50.55 -59.40
N GLU A 327 -15.25 49.45 -58.70
CA GLU A 327 -16.57 48.81 -58.69
C GLU A 327 -17.57 49.55 -57.81
N GLY A 328 -17.12 50.62 -57.16
CA GLY A 328 -17.99 51.38 -56.30
C GLY A 328 -18.38 50.71 -54.99
N LYS A 329 -17.66 49.67 -54.60
CA LYS A 329 -17.96 48.96 -53.36
C LYS A 329 -17.47 49.72 -52.12
N VAL A 330 -16.36 50.43 -52.27
CA VAL A 330 -15.81 51.24 -51.18
C VAL A 330 -15.42 52.57 -51.81
N ASP A 331 -15.30 53.61 -51.00
CA ASP A 331 -14.91 54.91 -51.53
C ASP A 331 -13.43 55.15 -51.31
N ALA A 332 -12.88 54.49 -50.30
CA ALA A 332 -11.46 54.62 -49.98
C ALA A 332 -11.01 53.44 -49.13
N VAL A 333 -9.70 53.23 -49.07
CA VAL A 333 -9.15 52.13 -48.29
C VAL A 333 -8.07 52.66 -47.36
N ALA A 334 -8.16 52.27 -46.10
CA ALA A 334 -7.17 52.67 -45.10
C ALA A 334 -6.17 51.53 -44.97
N PHE A 335 -4.88 51.88 -44.96
CA PHE A 335 -3.84 50.87 -44.85
C PHE A 335 -3.16 50.96 -43.49
N GLY A 336 -2.98 49.80 -42.85
CA GLY A 336 -2.34 49.77 -41.56
C GLY A 336 -0.86 49.46 -41.65
N ALA A 337 -0.53 48.18 -41.80
CA ALA A 337 0.85 47.74 -41.88
C ALA A 337 1.67 48.44 -42.96
N LYS A 338 1.08 48.65 -44.13
CA LYS A 338 1.80 49.31 -45.21
C LYS A 338 2.25 50.74 -44.90
N PHE A 339 1.47 51.46 -44.10
CA PHE A 339 1.85 52.83 -43.76
C PHE A 339 2.92 52.84 -42.69
N ILE A 340 2.91 51.82 -41.84
CA ILE A 340 3.91 51.71 -40.80
C ILE A 340 5.26 51.58 -41.50
N ALA A 341 5.29 50.73 -42.52
CA ALA A 341 6.51 50.44 -43.27
C ALA A 341 6.82 51.35 -44.46
N ASN A 342 5.85 52.13 -44.91
CA ASN A 342 6.11 53.00 -46.06
C ASN A 342 5.63 54.42 -45.85
N PRO A 343 6.54 55.31 -45.44
CA PRO A 343 6.14 56.71 -45.23
C PRO A 343 5.62 57.31 -46.53
N ASP A 344 6.21 56.88 -47.64
CA ASP A 344 5.82 57.40 -48.95
C ASP A 344 4.96 56.42 -49.74
N LEU A 345 4.08 55.70 -49.03
CA LEU A 345 3.19 54.72 -49.66
C LEU A 345 2.48 55.29 -50.89
N VAL A 346 1.88 56.47 -50.73
CA VAL A 346 1.16 57.09 -51.84
C VAL A 346 2.04 57.18 -53.07
N GLU A 347 3.27 57.66 -52.88
CA GLU A 347 4.23 57.79 -53.98
C GLU A 347 4.48 56.44 -54.62
N ARG A 348 4.72 55.43 -53.79
CA ARG A 348 4.97 54.08 -54.27
C ARG A 348 3.77 53.56 -55.06
N ALA A 349 2.59 54.09 -54.77
CA ALA A 349 1.39 53.66 -55.48
C ALA A 349 1.38 54.31 -56.87
N GLN A 350 1.76 55.58 -56.93
CA GLN A 350 1.79 56.32 -58.17
C GLN A 350 2.71 55.70 -59.22
N GLN A 351 3.69 54.92 -58.78
CA GLN A 351 4.63 54.31 -59.71
C GLN A 351 4.79 52.81 -59.53
N ASN A 352 3.92 52.25 -58.71
CA ASN A 352 3.92 50.82 -58.43
C ASN A 352 5.29 50.37 -57.92
N TRP A 353 5.93 51.22 -57.12
CA TRP A 353 7.22 50.88 -56.53
C TRP A 353 6.99 49.75 -55.53
N PRO A 354 8.00 48.91 -55.31
CA PRO A 354 7.81 47.83 -54.34
C PRO A 354 7.67 48.48 -52.97
N LEU A 355 7.12 47.75 -52.00
CA LEU A 355 6.93 48.31 -50.68
C LEU A 355 7.86 47.69 -49.64
N ASN A 356 8.25 48.48 -48.64
CA ASN A 356 9.10 47.96 -47.59
C ASN A 356 8.25 46.99 -46.79
N GLU A 357 8.83 45.89 -46.33
CA GLU A 357 8.07 44.92 -45.56
C GLU A 357 8.06 45.37 -44.09
N PRO A 358 6.89 45.37 -43.45
CA PRO A 358 6.80 45.78 -42.05
C PRO A 358 7.43 44.75 -41.12
N ARG A 359 7.73 45.16 -39.89
CA ARG A 359 8.33 44.24 -38.93
C ARG A 359 7.61 44.37 -37.60
N PRO A 360 6.57 43.54 -37.39
CA PRO A 360 5.75 43.53 -36.17
C PRO A 360 6.56 43.46 -34.88
N GLU A 361 7.71 42.83 -34.96
CA GLU A 361 8.59 42.67 -33.81
C GLU A 361 8.98 44.02 -33.22
N THR A 362 8.97 45.05 -34.06
CA THR A 362 9.35 46.38 -33.61
C THR A 362 8.25 47.45 -33.75
N TYR A 363 6.99 47.05 -33.66
CA TYR A 363 5.89 48.01 -33.78
C TYR A 363 5.78 48.93 -32.57
N TYR A 364 6.15 48.40 -31.40
CA TYR A 364 6.04 49.14 -30.14
C TYR A 364 7.35 49.28 -29.37
N THR A 365 8.43 49.62 -30.05
CA THR A 365 9.72 49.78 -29.38
C THR A 365 9.74 51.02 -28.49
N ARG A 366 9.04 52.06 -28.93
CA ARG A 366 8.99 53.33 -28.24
C ARG A 366 10.26 54.14 -28.54
N THR A 367 11.04 53.66 -29.49
CA THR A 367 12.26 54.35 -29.90
C THR A 367 12.16 54.57 -31.41
N ALA A 368 13.24 55.05 -32.02
CA ALA A 368 13.24 55.28 -33.46
C ALA A 368 13.15 53.94 -34.16
N VAL A 369 13.67 52.91 -33.50
CA VAL A 369 13.67 51.56 -34.05
C VAL A 369 12.26 51.08 -34.36
N GLY A 370 12.03 50.72 -35.63
CA GLY A 370 10.74 50.23 -36.05
C GLY A 370 9.66 51.31 -36.11
N TYR A 371 10.07 52.55 -35.88
CA TYR A 371 9.15 53.68 -35.92
C TYR A 371 9.48 54.66 -37.04
N ASN A 372 10.64 55.28 -36.95
CA ASN A 372 11.08 56.24 -37.97
C ASN A 372 12.26 55.72 -38.79
N ASP A 373 12.48 54.41 -38.76
CA ASP A 373 13.61 53.83 -39.49
C ASP A 373 13.25 53.22 -40.84
N TYR A 374 12.00 53.39 -41.27
CA TYR A 374 11.59 52.85 -42.56
C TYR A 374 11.99 53.88 -43.63
N PRO A 375 12.80 53.47 -44.61
CA PRO A 375 13.28 54.32 -45.70
C PRO A 375 12.24 54.70 -46.76
N THR A 376 12.50 55.82 -47.44
CA THR A 376 11.61 56.30 -48.49
C THR A 376 12.35 56.15 -49.81
N ALA B 2 -29.06 34.36 -23.26
CA ALA B 2 -28.86 34.18 -21.78
C ALA B 2 -28.53 32.73 -21.44
N THR B 3 -27.69 32.55 -20.42
CA THR B 3 -27.33 31.22 -19.98
C THR B 3 -28.53 30.60 -19.25
N PHE B 4 -29.09 31.37 -18.33
CA PHE B 4 -30.27 30.94 -17.56
C PHE B 4 -31.24 32.10 -17.54
N PRO B 5 -32.09 32.20 -18.59
CA PRO B 5 -33.10 33.25 -18.78
C PRO B 5 -34.03 33.51 -17.60
N GLU B 6 -34.58 32.43 -17.04
CA GLU B 6 -35.49 32.59 -15.92
C GLU B 6 -34.75 33.03 -14.67
N LEU B 7 -33.65 32.36 -14.36
CA LEU B 7 -32.86 32.69 -13.17
C LEU B 7 -32.41 34.15 -13.18
N LEU B 8 -32.15 34.70 -14.37
CA LEU B 8 -31.70 36.09 -14.50
C LEU B 8 -32.82 37.07 -14.81
N ARG B 9 -34.08 36.61 -14.74
CA ARG B 9 -35.23 37.47 -15.04
C ARG B 9 -35.73 38.22 -13.79
N PRO B 10 -36.03 39.53 -13.95
CA PRO B 10 -36.51 40.32 -12.81
C PRO B 10 -37.75 39.68 -12.18
N LEU B 11 -38.06 40.06 -10.94
CA LEU B 11 -39.21 39.51 -10.23
C LEU B 11 -39.82 40.54 -9.28
N LYS B 12 -41.15 40.68 -9.34
CA LYS B 12 -41.82 41.61 -8.45
C LYS B 12 -42.00 40.81 -7.16
N LEU B 13 -41.42 41.29 -6.07
CA LEU B 13 -41.49 40.62 -4.78
C LEU B 13 -41.91 41.65 -3.74
N GLY B 14 -43.09 41.48 -3.15
CA GLY B 14 -43.55 42.46 -2.18
C GLY B 14 -43.70 43.79 -2.89
N ARG B 15 -43.17 44.85 -2.31
CA ARG B 15 -43.25 46.17 -2.91
C ARG B 15 -41.98 46.45 -3.70
N TYR B 16 -41.19 45.40 -3.92
CA TYR B 16 -39.92 45.57 -4.63
C TYR B 16 -39.84 44.80 -5.94
N THR B 17 -38.86 45.20 -6.74
CA THR B 17 -38.61 44.55 -8.01
C THR B 17 -37.18 44.06 -7.94
N LEU B 18 -37.01 42.74 -7.92
CA LEU B 18 -35.68 42.15 -7.88
C LEU B 18 -35.08 42.21 -9.28
N ARG B 19 -33.76 42.35 -9.35
CA ARG B 19 -33.05 42.40 -10.62
C ARG B 19 -32.93 40.99 -11.20
N ASN B 20 -33.02 39.99 -10.33
CA ASN B 20 -32.94 38.61 -10.76
C ASN B 20 -33.56 37.72 -9.71
N ARG B 21 -33.59 36.42 -10.00
CA ARG B 21 -34.20 35.46 -9.09
C ARG B 21 -33.20 34.56 -8.38
N ILE B 22 -31.97 35.05 -8.24
CA ILE B 22 -30.92 34.32 -7.53
C ILE B 22 -30.88 34.93 -6.14
N ILE B 23 -31.52 34.25 -5.20
CA ILE B 23 -31.64 34.72 -3.82
C ILE B 23 -30.58 34.16 -2.89
N MET B 24 -30.06 35.01 -2.01
CA MET B 24 -29.08 34.56 -1.04
C MET B 24 -29.85 34.09 0.19
N ALA B 25 -29.78 32.80 0.48
CA ALA B 25 -30.46 32.21 1.62
C ALA B 25 -29.86 32.72 2.92
N PRO B 26 -30.64 32.70 4.02
CA PRO B 26 -30.12 33.17 5.31
C PRO B 26 -29.04 32.21 5.77
N LEU B 27 -27.88 32.74 6.14
CA LEU B 27 -26.77 31.89 6.55
C LEU B 27 -26.08 32.38 7.81
N THR B 28 -26.30 31.67 8.91
CA THR B 28 -25.67 31.99 10.20
C THR B 28 -24.16 31.84 10.04
N ARG B 29 -23.42 32.90 10.28
CA ARG B 29 -21.95 32.86 10.17
C ARG B 29 -21.27 33.16 11.50
N CYS B 30 -22.07 33.49 12.52
CA CYS B 30 -21.54 33.79 13.85
C CYS B 30 -20.53 34.92 13.94
N GLN B 31 -20.69 35.95 13.11
CA GLN B 31 -19.78 37.09 13.11
C GLN B 31 -20.30 38.29 13.92
N ALA B 32 -20.88 38.02 15.07
CA ALA B 32 -21.37 39.09 15.94
C ALA B 32 -20.68 38.93 17.29
N THR B 33 -20.73 39.98 18.11
CA THR B 33 -20.11 39.94 19.43
C THR B 33 -20.87 38.97 20.33
N GLU B 34 -20.12 38.17 21.07
CA GLU B 34 -20.67 37.16 21.97
C GLU B 34 -21.75 37.52 23.00
N ASP B 35 -21.52 38.54 23.83
CA ASP B 35 -22.51 38.86 24.86
C ASP B 35 -23.62 39.84 24.51
N ASP B 36 -23.34 40.81 23.65
CA ASP B 36 -24.38 41.77 23.28
C ASP B 36 -24.91 41.51 21.87
N HIS B 37 -24.33 40.51 21.21
CA HIS B 37 -24.76 40.12 19.86
C HIS B 37 -24.80 41.26 18.86
N VAL B 38 -23.82 42.15 18.93
CA VAL B 38 -23.75 43.27 18.00
C VAL B 38 -22.97 42.83 16.77
N PRO B 39 -23.53 43.09 15.57
CA PRO B 39 -22.84 42.69 14.35
C PRO B 39 -21.44 43.29 14.31
N ARG B 40 -20.46 42.50 13.86
CA ARG B 40 -19.10 42.99 13.75
C ARG B 40 -19.03 43.58 12.35
N THR B 41 -19.47 44.83 12.26
CA THR B 41 -19.54 45.56 11.00
C THR B 41 -18.32 45.48 10.10
N GLU B 42 -17.13 45.45 10.67
CA GLU B 42 -15.92 45.39 9.86
C GLU B 42 -15.88 44.15 8.98
N SER B 43 -16.50 43.07 9.43
CA SER B 43 -16.51 41.83 8.65
C SER B 43 -17.81 41.64 7.87
N MET B 44 -18.92 41.74 8.60
CA MET B 44 -20.24 41.54 8.01
C MET B 44 -20.63 42.51 6.90
N LEU B 45 -20.24 43.78 7.02
CA LEU B 45 -20.58 44.74 5.98
C LEU B 45 -19.92 44.34 4.67
N LYS B 46 -18.65 43.97 4.74
CA LYS B 46 -17.91 43.55 3.56
C LYS B 46 -18.55 42.31 2.93
N TYR B 47 -18.84 41.34 3.79
CA TYR B 47 -19.45 40.09 3.39
C TYR B 47 -20.75 40.30 2.62
N TYR B 48 -21.65 41.09 3.19
CA TYR B 48 -22.92 41.34 2.53
C TYR B 48 -22.82 42.23 1.31
N GLU B 49 -22.00 43.27 1.37
CA GLU B 49 -21.87 44.15 0.21
C GLU B 49 -21.29 43.37 -0.98
N ASP B 50 -20.35 42.48 -0.72
CA ASP B 50 -19.73 41.67 -1.77
C ASP B 50 -20.75 40.78 -2.47
N ARG B 51 -21.89 40.58 -1.82
CA ARG B 51 -22.94 39.73 -2.36
C ARG B 51 -24.18 40.51 -2.73
N ALA B 52 -24.07 41.84 -2.70
CA ALA B 52 -25.20 42.71 -3.01
C ALA B 52 -25.77 42.52 -4.42
N SER B 53 -25.05 41.82 -5.29
CA SER B 53 -25.55 41.61 -6.65
C SER B 53 -26.71 40.61 -6.66
N ALA B 54 -26.92 39.95 -5.53
CA ALA B 54 -28.01 38.99 -5.40
C ALA B 54 -29.34 39.70 -5.67
N GLY B 55 -30.31 38.97 -6.22
CA GLY B 55 -31.62 39.57 -6.48
C GLY B 55 -32.19 40.06 -5.16
N LEU B 56 -31.94 39.28 -4.12
CA LEU B 56 -32.38 39.61 -2.77
C LEU B 56 -31.49 38.87 -1.78
N ILE B 57 -31.00 39.60 -0.79
CA ILE B 57 -30.19 39.00 0.24
C ILE B 57 -31.09 38.78 1.45
N ILE B 58 -31.05 37.60 2.03
CA ILE B 58 -31.83 37.36 3.24
C ILE B 58 -30.78 37.19 4.30
N ALA B 59 -30.60 38.20 5.14
CA ALA B 59 -29.61 38.15 6.20
C ALA B 59 -29.87 37.02 7.18
N GLU B 60 -28.78 36.50 7.74
CA GLU B 60 -28.78 35.40 8.69
C GLU B 60 -29.75 35.53 9.86
N ALA B 61 -30.10 34.40 10.46
CA ALA B 61 -31.01 34.35 11.60
C ALA B 61 -30.59 35.33 12.68
N THR B 62 -31.46 36.28 12.99
CA THR B 62 -31.17 37.29 13.99
C THR B 62 -32.14 37.23 15.16
N MET B 63 -31.59 37.23 16.37
CA MET B 63 -32.36 37.13 17.61
C MET B 63 -33.37 38.24 17.90
N VAL B 64 -34.58 37.85 18.31
CA VAL B 64 -35.59 38.82 18.67
C VAL B 64 -35.71 38.90 20.20
N GLN B 65 -35.26 37.88 20.90
CA GLN B 65 -35.32 37.91 22.36
C GLN B 65 -33.92 38.10 22.94
N PRO B 66 -33.76 39.11 23.80
CA PRO B 66 -32.46 39.40 24.42
C PRO B 66 -31.82 38.16 25.04
N ASN B 67 -30.56 37.92 24.67
CA ASN B 67 -29.79 36.80 25.17
C ASN B 67 -30.30 35.40 24.82
N TYR B 68 -31.43 35.29 24.12
CA TYR B 68 -31.91 33.96 23.78
C TYR B 68 -31.14 33.52 22.53
N THR B 69 -29.93 33.04 22.76
CA THR B 69 -29.01 32.63 21.71
C THR B 69 -28.99 31.13 21.41
N GLY B 70 -28.78 30.79 20.15
CA GLY B 70 -28.71 29.40 19.75
C GLY B 70 -27.42 29.10 19.01
N PHE B 71 -26.71 30.15 18.61
CA PHE B 71 -25.46 30.01 17.87
C PHE B 71 -24.30 30.69 18.58
N LEU B 72 -24.51 31.04 19.84
CA LEU B 72 -23.51 31.67 20.69
C LEU B 72 -23.16 33.10 20.30
N THR B 73 -22.83 33.33 19.03
CA THR B 73 -22.47 34.68 18.61
C THR B 73 -23.18 35.16 17.35
N GLU B 74 -24.50 35.00 17.30
CA GLU B 74 -25.25 35.46 16.15
C GLU B 74 -25.71 36.87 16.44
N PRO B 75 -26.11 37.62 15.41
CA PRO B 75 -26.57 39.00 15.60
C PRO B 75 -27.90 39.06 16.33
N GLY B 76 -28.21 40.24 16.86
CA GLY B 76 -29.47 40.47 17.52
C GLY B 76 -30.08 41.68 16.82
N ILE B 77 -31.35 41.95 17.07
CA ILE B 77 -31.99 43.12 16.44
C ILE B 77 -32.92 43.76 17.46
N TYR B 78 -32.62 43.53 18.74
CA TYR B 78 -33.42 44.04 19.84
C TYR B 78 -32.83 45.23 20.59
N SER B 79 -31.58 45.59 20.30
CA SER B 79 -30.93 46.72 20.97
C SER B 79 -30.49 47.79 19.98
N ASP B 80 -30.29 49.02 20.49
CA ASP B 80 -29.86 50.13 19.66
C ASP B 80 -28.49 49.88 19.03
N ALA B 81 -27.60 49.27 19.81
CA ALA B 81 -26.25 48.97 19.35
C ALA B 81 -26.30 48.08 18.10
N GLN B 82 -27.06 47.00 18.20
CA GLN B 82 -27.21 46.07 17.09
C GLN B 82 -27.83 46.80 15.91
N ILE B 83 -28.89 47.55 16.18
CA ILE B 83 -29.59 48.30 15.15
C ILE B 83 -28.71 49.23 14.32
N GLU B 84 -27.89 50.02 14.99
CA GLU B 84 -26.99 50.96 14.30
C GLU B 84 -25.96 50.25 13.41
N GLU B 85 -25.44 49.12 13.85
CA GLU B 85 -24.47 48.41 13.02
C GLU B 85 -25.16 47.77 11.83
N TRP B 86 -26.35 47.22 12.05
CA TRP B 86 -27.11 46.63 10.95
C TRP B 86 -27.44 47.75 9.95
N ARG B 87 -27.75 48.93 10.48
CA ARG B 87 -28.10 50.07 9.64
C ARG B 87 -26.99 50.37 8.62
N LYS B 88 -25.74 50.32 9.09
CA LYS B 88 -24.63 50.59 8.20
C LYS B 88 -24.47 49.49 7.15
N ILE B 89 -24.67 48.25 7.57
CA ILE B 89 -24.56 47.11 6.66
C ILE B 89 -25.60 47.23 5.55
N VAL B 90 -26.84 47.53 5.95
CA VAL B 90 -27.94 47.69 5.00
C VAL B 90 -27.66 48.83 4.03
N ASP B 91 -27.14 49.93 4.55
CA ASP B 91 -26.82 51.10 3.72
C ASP B 91 -25.82 50.73 2.63
N ALA B 92 -24.81 49.96 3.00
CA ALA B 92 -23.79 49.54 2.04
C ALA B 92 -24.42 48.72 0.91
N VAL B 93 -25.36 47.84 1.26
CA VAL B 93 -26.02 47.01 0.25
C VAL B 93 -26.87 47.85 -0.69
N HIS B 94 -27.64 48.79 -0.13
CA HIS B 94 -28.47 49.65 -0.96
C HIS B 94 -27.60 50.52 -1.86
N LYS B 95 -26.39 50.83 -1.41
CA LYS B 95 -25.48 51.65 -2.20
C LYS B 95 -25.12 50.89 -3.46
N LYS B 96 -25.06 49.57 -3.33
CA LYS B 96 -24.74 48.68 -4.45
C LYS B 96 -26.00 48.35 -5.22
N GLY B 97 -27.12 48.95 -4.83
CA GLY B 97 -28.37 48.69 -5.52
C GLY B 97 -28.99 47.35 -5.17
N GLY B 98 -28.57 46.77 -4.06
CA GLY B 98 -29.12 45.50 -3.64
C GLY B 98 -30.34 45.65 -2.75
N LEU B 99 -30.91 44.53 -2.33
CA LEU B 99 -32.08 44.52 -1.47
C LEU B 99 -31.83 43.48 -0.40
N ILE B 100 -32.22 43.77 0.83
CA ILE B 100 -31.96 42.83 1.90
C ILE B 100 -33.07 42.74 2.94
N PHE B 101 -33.43 41.50 3.29
CA PHE B 101 -34.44 41.22 4.29
C PHE B 101 -33.70 40.61 5.47
N LEU B 102 -34.21 40.81 6.68
CA LEU B 102 -33.58 40.26 7.87
C LEU B 102 -34.39 39.07 8.39
N GLN B 103 -33.74 37.93 8.60
CA GLN B 103 -34.48 36.78 9.11
C GLN B 103 -34.54 36.92 10.63
N LEU B 104 -35.74 36.78 11.18
CA LEU B 104 -35.97 36.90 12.62
C LEU B 104 -36.12 35.52 13.24
N ILE B 105 -35.35 35.25 14.28
CA ILE B 105 -35.39 33.94 14.91
C ILE B 105 -35.51 33.93 16.42
N HIS B 106 -35.97 32.79 16.93
CA HIS B 106 -36.08 32.50 18.35
C HIS B 106 -35.75 31.01 18.38
N ALA B 107 -34.59 30.68 18.93
CA ALA B 107 -34.09 29.30 18.97
C ALA B 107 -34.98 28.26 19.62
N GLY B 108 -35.94 28.70 20.44
CA GLY B 108 -36.81 27.74 21.10
C GLY B 108 -36.01 26.72 21.89
N ARG B 109 -36.36 25.44 21.76
CA ARG B 109 -35.66 24.40 22.51
C ARG B 109 -34.24 24.15 22.03
N ALA B 110 -33.82 24.89 21.01
CA ALA B 110 -32.46 24.73 20.49
C ALA B 110 -31.53 25.80 21.05
N GLY B 111 -32.02 26.56 22.03
CA GLY B 111 -31.19 27.59 22.64
C GLY B 111 -30.04 26.97 23.44
N ILE B 112 -28.96 27.73 23.61
CA ILE B 112 -27.80 27.26 24.37
C ILE B 112 -28.08 27.40 25.86
N PRO B 113 -28.28 26.26 26.57
CA PRO B 113 -28.58 26.25 28.01
C PRO B 113 -27.70 27.15 28.87
N GLU B 114 -26.39 27.00 28.78
CA GLU B 114 -25.49 27.83 29.57
C GLU B 114 -25.84 29.30 29.48
N LYS B 115 -25.69 29.87 28.29
CA LYS B 115 -25.98 31.28 28.07
C LYS B 115 -27.37 31.73 28.52
N ILE B 116 -28.40 30.95 28.18
CA ILE B 116 -29.76 31.33 28.54
C ILE B 116 -30.09 31.15 30.01
N LEU B 117 -29.78 29.98 30.55
CA LEU B 117 -30.07 29.69 31.95
C LEU B 117 -29.17 30.42 32.95
N GLN B 118 -28.16 31.13 32.45
CA GLN B 118 -27.27 31.86 33.34
C GLN B 118 -27.91 33.20 33.72
N GLN B 119 -28.82 33.67 32.88
CA GLN B 119 -29.52 34.92 33.16
C GLN B 119 -30.54 34.62 34.25
N SER B 120 -30.67 35.53 35.21
CA SER B 120 -31.60 35.34 36.31
C SER B 120 -33.04 35.55 35.91
N LYS B 121 -33.93 34.77 36.53
CA LYS B 121 -35.36 34.90 36.27
C LYS B 121 -35.84 36.18 36.93
N SER B 122 -36.53 37.02 36.17
CA SER B 122 -37.03 38.29 36.70
C SER B 122 -38.55 38.40 36.49
N ASP B 123 -39.25 38.91 37.50
CA ASP B 123 -40.69 39.08 37.37
C ASP B 123 -40.96 40.24 36.40
N GLN B 124 -39.96 41.09 36.22
CA GLN B 124 -40.06 42.22 35.31
C GLN B 124 -39.81 41.74 33.88
N ASP B 125 -38.84 40.83 33.73
CA ASP B 125 -38.49 40.26 32.43
C ASP B 125 -38.70 38.75 32.58
N PRO B 126 -39.97 38.33 32.64
CA PRO B 126 -40.43 36.94 32.79
C PRO B 126 -39.95 35.90 31.80
N LEU B 127 -39.47 36.33 30.63
CA LEU B 127 -39.01 35.37 29.64
C LEU B 127 -37.51 35.14 29.70
N ALA B 128 -36.84 35.89 30.55
CA ALA B 128 -35.38 35.76 30.69
C ALA B 128 -34.98 34.54 31.51
N GLY B 129 -33.77 34.04 31.24
CA GLY B 129 -33.24 32.89 31.96
C GLY B 129 -34.07 31.63 31.92
N ARG B 130 -34.79 31.41 30.82
CA ARG B 130 -35.61 30.22 30.69
C ARG B 130 -35.51 29.64 29.28
N LEU B 131 -35.55 28.31 29.19
CA LEU B 131 -35.52 27.64 27.89
C LEU B 131 -37.00 27.50 27.57
N LEU B 132 -37.41 28.03 26.42
CA LEU B 132 -38.81 28.02 26.04
C LEU B 132 -39.10 27.26 24.74
N ALA B 133 -40.21 26.54 24.73
CA ALA B 133 -40.64 25.77 23.57
C ALA B 133 -42.14 25.51 23.62
N ALA B 134 -42.65 24.79 22.63
CA ALA B 134 -44.07 24.47 22.59
C ALA B 134 -44.40 23.46 23.68
N SER B 135 -43.53 22.48 23.85
CA SER B 135 -43.71 21.43 24.85
C SER B 135 -42.40 21.17 25.57
N ALA B 136 -42.49 20.66 26.80
CA ALA B 136 -41.31 20.36 27.59
C ALA B 136 -40.67 19.07 27.06
N ILE B 137 -40.17 19.15 25.82
CA ILE B 137 -39.53 18.00 25.18
C ILE B 137 -38.17 18.37 24.60
N PRO B 138 -37.09 17.90 25.24
CA PRO B 138 -35.73 18.20 24.78
C PRO B 138 -35.37 17.50 23.47
N ILE B 139 -34.37 18.03 22.79
CA ILE B 139 -33.92 17.40 21.56
C ILE B 139 -33.25 16.13 22.09
N LYS B 140 -33.79 14.99 21.69
CA LYS B 140 -33.30 13.70 22.15
C LYS B 140 -31.80 13.40 22.05
N ASP B 141 -31.38 12.70 21.00
CA ASP B 141 -29.96 12.39 20.92
C ASP B 141 -29.19 13.06 19.82
N HIS B 142 -28.85 14.31 20.09
CA HIS B 142 -28.06 15.16 19.23
C HIS B 142 -27.53 16.13 20.25
N ARG B 143 -26.25 16.42 20.21
CA ARG B 143 -25.72 17.38 21.17
C ARG B 143 -25.46 18.68 20.43
N ILE B 144 -25.36 19.76 21.17
CA ILE B 144 -25.11 21.06 20.55
C ILE B 144 -23.73 20.99 19.93
N PRO B 145 -23.65 21.31 18.62
CA PRO B 145 -22.38 21.29 17.89
C PRO B 145 -21.31 22.13 18.57
N ALA B 146 -20.06 21.70 18.45
CA ALA B 146 -18.95 22.41 19.08
C ALA B 146 -18.91 23.88 18.66
N TYR B 147 -19.20 24.15 17.39
CA TYR B 147 -19.15 25.53 16.89
C TYR B 147 -20.27 26.46 17.39
N PHE B 148 -21.25 25.89 18.10
CA PHE B 148 -22.36 26.68 18.65
C PHE B 148 -22.32 26.60 20.17
N ALA B 149 -21.63 25.57 20.66
CA ALA B 149 -21.51 25.32 22.10
C ALA B 149 -20.77 26.39 22.89
N ALA B 150 -21.31 26.73 24.06
CA ALA B 150 -20.72 27.72 24.94
C ALA B 150 -19.32 27.29 25.39
N SER B 151 -19.17 26.00 25.67
CA SER B 151 -17.89 25.45 26.11
C SER B 151 -16.93 25.26 24.95
N GLY B 152 -17.46 25.34 23.73
CA GLY B 152 -16.63 25.14 22.55
C GLY B 152 -16.54 23.66 22.22
N GLU B 153 -17.31 22.85 22.95
CA GLU B 153 -17.33 21.40 22.76
C GLU B 153 -18.78 20.94 22.81
N LYS B 154 -19.09 19.82 22.15
CA LYS B 154 -20.46 19.33 22.16
C LYS B 154 -21.06 19.42 23.55
N GLU B 155 -22.18 20.13 23.65
CA GLU B 155 -22.90 20.31 24.90
C GLU B 155 -24.27 19.67 24.74
N THR B 156 -24.96 19.48 25.87
CA THR B 156 -26.28 18.86 25.84
C THR B 156 -27.40 19.88 25.73
N TYR B 157 -28.46 19.54 25.01
CA TYR B 157 -29.60 20.44 24.91
C TYR B 157 -30.33 20.36 26.24
N GLY B 158 -31.14 21.36 26.54
CA GLY B 158 -31.85 21.36 27.80
C GLY B 158 -33.31 21.03 27.66
N VAL B 159 -34.00 20.86 28.80
CA VAL B 159 -35.42 20.57 28.80
C VAL B 159 -36.11 21.93 28.77
N PRO B 160 -36.87 22.22 27.70
CA PRO B 160 -37.54 23.51 27.65
C PRO B 160 -38.81 23.55 28.49
N GLU B 161 -39.25 24.75 28.85
CA GLU B 161 -40.47 24.93 29.62
C GLU B 161 -41.58 25.11 28.60
N GLU B 162 -42.77 24.63 28.93
CA GLU B 162 -43.91 24.77 28.03
C GLU B 162 -44.43 26.20 28.15
N LEU B 163 -44.35 26.94 27.05
CA LEU B 163 -44.84 28.32 27.05
C LEU B 163 -46.35 28.33 27.25
N THR B 164 -46.85 29.20 28.11
CA THR B 164 -48.29 29.29 28.32
C THR B 164 -48.80 30.08 27.10
N ASP B 165 -50.09 29.97 26.80
CA ASP B 165 -50.65 30.71 25.67
C ASP B 165 -50.43 32.20 25.87
N ASP B 166 -50.55 32.66 27.11
CA ASP B 166 -50.35 34.07 27.42
C ASP B 166 -48.92 34.53 27.14
N GLU B 167 -47.96 33.68 27.46
CA GLU B 167 -46.56 34.03 27.23
C GLU B 167 -46.30 34.15 25.73
N VAL B 168 -46.98 33.34 24.93
CA VAL B 168 -46.81 33.38 23.48
C VAL B 168 -47.40 34.67 22.94
N ARG B 169 -48.66 34.93 23.28
CA ARG B 169 -49.36 36.13 22.80
C ARG B 169 -48.78 37.43 23.33
N ASP B 170 -48.42 37.45 24.61
CA ASP B 170 -47.92 38.66 25.23
C ASP B 170 -46.40 38.80 25.28
N GLY B 171 -45.69 37.68 25.14
CA GLY B 171 -44.24 37.73 25.18
C GLY B 171 -43.56 37.46 23.86
N ILE B 172 -43.76 36.26 23.33
CA ILE B 172 -43.14 35.86 22.07
C ILE B 172 -43.53 36.70 20.87
N ILE B 173 -44.83 36.84 20.60
CA ILE B 173 -45.27 37.62 19.45
C ILE B 173 -44.75 39.07 19.52
N PRO B 174 -44.96 39.75 20.66
CA PRO B 174 -44.47 41.13 20.73
C PRO B 174 -43.00 41.27 20.38
N LEU B 175 -42.19 40.29 20.76
CA LEU B 175 -40.76 40.33 20.44
C LEU B 175 -40.53 40.31 18.93
N PHE B 176 -41.24 39.43 18.23
CA PHE B 176 -41.10 39.36 16.78
C PHE B 176 -41.53 40.68 16.15
N VAL B 177 -42.66 41.21 16.63
CA VAL B 177 -43.19 42.46 16.11
C VAL B 177 -42.20 43.60 16.29
N GLU B 178 -41.66 43.74 17.50
CA GLU B 178 -40.70 44.81 17.75
C GLU B 178 -39.44 44.60 16.92
N GLY B 179 -39.01 43.34 16.83
CA GLY B 179 -37.81 43.02 16.06
C GLY B 179 -37.97 43.45 14.61
N ALA B 180 -39.16 43.21 14.05
CA ALA B 180 -39.45 43.58 12.67
C ALA B 180 -39.44 45.10 12.50
N LYS B 181 -40.10 45.80 13.41
CA LYS B 181 -40.13 47.27 13.37
C LYS B 181 -38.71 47.80 13.48
N ASN B 182 -37.94 47.19 14.38
CA ASN B 182 -36.55 47.60 14.58
C ASN B 182 -35.76 47.44 13.30
N ALA B 183 -35.93 46.29 12.65
CA ALA B 183 -35.21 45.99 11.42
C ALA B 183 -35.60 46.90 10.27
N ILE B 184 -36.90 47.12 10.11
CA ILE B 184 -37.40 47.94 9.02
C ILE B 184 -37.44 49.44 9.26
N PHE B 185 -38.07 49.85 10.35
CA PHE B 185 -38.18 51.27 10.64
C PHE B 185 -36.95 51.93 11.23
N LYS B 186 -36.08 51.15 11.87
CA LYS B 186 -34.90 51.72 12.48
C LYS B 186 -33.60 51.42 11.71
N ALA B 187 -33.41 50.17 11.30
CA ALA B 187 -32.20 49.78 10.58
C ALA B 187 -32.33 49.96 9.07
N GLY B 188 -33.57 50.08 8.59
CA GLY B 188 -33.76 50.27 7.16
C GLY B 188 -33.83 49.02 6.31
N PHE B 189 -33.94 47.85 6.91
CA PHE B 189 -34.04 46.63 6.11
C PHE B 189 -35.26 46.76 5.22
N ASP B 190 -35.18 46.20 4.02
CA ASP B 190 -36.28 46.26 3.08
C ASP B 190 -37.45 45.40 3.53
N GLY B 191 -37.19 44.45 4.42
CA GLY B 191 -38.24 43.59 4.91
C GLY B 191 -37.66 42.58 5.89
N VAL B 192 -38.47 41.62 6.32
CA VAL B 192 -37.99 40.61 7.24
C VAL B 192 -38.55 39.25 6.90
N GLU B 193 -37.84 38.21 7.31
CA GLU B 193 -38.29 36.85 7.05
C GLU B 193 -38.53 36.17 8.40
N ILE B 194 -39.73 35.63 8.57
CA ILE B 194 -40.06 34.96 9.82
C ILE B 194 -39.45 33.55 9.78
N HIS B 195 -38.64 33.22 10.78
CA HIS B 195 -38.02 31.90 10.81
C HIS B 195 -38.95 30.84 11.38
N GLY B 196 -39.66 30.15 10.51
CA GLY B 196 -40.57 29.11 10.96
C GLY B 196 -40.06 27.75 10.52
N ALA B 197 -38.74 27.62 10.45
CA ALA B 197 -38.12 26.38 10.00
C ALA B 197 -37.00 25.86 10.91
N ASN B 198 -36.39 24.78 10.42
CA ASN B 198 -35.26 24.14 11.06
C ASN B 198 -35.26 23.85 12.55
N GLY B 199 -36.42 23.48 13.09
CA GLY B 199 -36.51 23.13 14.49
C GLY B 199 -36.53 24.22 15.54
N TYR B 200 -36.57 25.47 15.11
CA TYR B 200 -36.60 26.54 16.09
C TYR B 200 -38.01 26.77 16.63
N LEU B 201 -38.18 27.77 17.48
CA LEU B 201 -39.47 28.03 18.11
C LEU B 201 -40.72 27.85 17.25
N LEU B 202 -40.85 28.63 16.19
CA LEU B 202 -42.03 28.54 15.34
C LEU B 202 -42.24 27.18 14.70
N ASP B 203 -41.17 26.60 14.17
CA ASP B 203 -41.26 25.29 13.54
C ASP B 203 -41.59 24.25 14.60
N ALA B 204 -41.23 24.54 15.85
CA ALA B 204 -41.46 23.64 16.96
C ALA B 204 -42.96 23.48 17.29
N PHE B 205 -43.73 24.54 17.09
CA PHE B 205 -45.17 24.45 17.32
C PHE B 205 -45.79 23.83 16.07
N PHE B 206 -45.16 24.12 14.94
CA PHE B 206 -45.60 23.68 13.62
C PHE B 206 -45.71 22.17 13.41
N ARG B 207 -44.65 21.43 13.72
CA ARG B 207 -44.67 20.00 13.51
C ARG B 207 -44.93 19.13 14.74
N GLU B 208 -45.58 18.00 14.51
CA GLU B 208 -45.96 17.04 15.54
C GLU B 208 -44.89 16.68 16.56
N SER B 209 -43.79 16.10 16.08
CA SER B 209 -42.71 15.66 16.93
C SER B 209 -42.38 16.57 18.12
N SER B 210 -42.54 17.88 17.96
CA SER B 210 -42.22 18.81 19.04
C SER B 210 -43.39 19.53 19.71
N ASN B 211 -44.57 19.47 19.11
CA ASN B 211 -45.73 20.13 19.71
C ASN B 211 -46.70 19.10 20.26
N LYS B 212 -46.72 18.95 21.59
CA LYS B 212 -47.61 17.99 22.23
C LYS B 212 -48.63 18.70 23.10
N ARG B 213 -48.75 20.02 22.93
CA ARG B 213 -49.70 20.79 23.71
C ARG B 213 -51.07 20.15 23.54
N GLN B 214 -51.78 19.95 24.64
CA GLN B 214 -53.09 19.30 24.58
C GLN B 214 -54.29 20.22 24.47
N SER B 215 -54.08 21.53 24.62
CA SER B 215 -55.18 22.48 24.54
C SER B 215 -54.67 23.88 24.19
N GLY B 216 -55.59 24.82 24.03
CA GLY B 216 -55.22 26.18 23.70
C GLY B 216 -55.19 26.37 22.20
N PRO B 217 -55.09 27.63 21.73
CA PRO B 217 -55.05 27.94 20.29
C PRO B 217 -53.81 27.43 19.54
N TYR B 218 -52.81 26.96 20.28
CA TYR B 218 -51.59 26.46 19.64
C TYR B 218 -51.35 24.97 19.90
N ALA B 219 -52.40 24.26 20.29
CA ALA B 219 -52.29 22.83 20.57
C ALA B 219 -51.69 22.06 19.39
N GLY B 220 -51.06 20.93 19.69
CA GLY B 220 -50.46 20.13 18.64
C GLY B 220 -51.41 19.02 18.19
N THR B 221 -52.65 19.09 18.67
CA THR B 221 -53.68 18.10 18.36
C THR B 221 -54.15 18.13 16.90
N THR B 222 -54.08 19.31 16.26
CA THR B 222 -54.50 19.42 14.87
C THR B 222 -53.52 20.21 14.04
N ILE B 223 -53.61 20.05 12.73
CA ILE B 223 -52.73 20.75 11.80
C ILE B 223 -52.97 22.25 11.86
N ASP B 224 -54.22 22.67 11.97
CA ASP B 224 -54.51 24.09 12.01
C ASP B 224 -53.94 24.78 13.24
N THR B 225 -54.17 24.21 14.43
CA THR B 225 -53.64 24.83 15.64
C THR B 225 -52.12 24.80 15.64
N ARG B 226 -51.52 23.81 15.01
CA ARG B 226 -50.05 23.75 14.94
C ARG B 226 -49.54 24.86 14.03
N CYS B 227 -50.36 25.27 13.07
CA CYS B 227 -50.00 26.33 12.13
C CYS B 227 -50.31 27.72 12.71
N GLN B 228 -51.04 27.74 13.82
CA GLN B 228 -51.45 29.01 14.41
C GLN B 228 -50.38 30.00 14.85
N LEU B 229 -49.31 29.51 15.48
CA LEU B 229 -48.25 30.41 15.94
C LEU B 229 -47.57 31.12 14.78
N ILE B 230 -47.17 30.36 13.77
CA ILE B 230 -46.51 30.97 12.62
C ILE B 230 -47.47 32.00 12.04
N TYR B 231 -48.75 31.61 11.92
CA TYR B 231 -49.73 32.54 11.38
C TYR B 231 -49.80 33.82 12.21
N ASP B 232 -50.00 33.67 13.51
CA ASP B 232 -50.12 34.82 14.42
C ASP B 232 -48.88 35.70 14.42
N VAL B 233 -47.71 35.09 14.45
CA VAL B 233 -46.47 35.85 14.44
C VAL B 233 -46.36 36.63 13.15
N THR B 234 -46.53 35.92 12.03
CA THR B 234 -46.43 36.55 10.72
C THR B 234 -47.48 37.64 10.51
N LYS B 235 -48.73 37.38 10.87
CA LYS B 235 -49.76 38.39 10.69
C LYS B 235 -49.47 39.62 11.54
N SER B 236 -49.13 39.41 12.80
CA SER B 236 -48.83 40.53 13.70
C SER B 236 -47.70 41.38 13.14
N VAL B 237 -46.68 40.74 12.58
CA VAL B 237 -45.57 41.49 12.01
C VAL B 237 -46.03 42.24 10.77
N CYS B 238 -46.90 41.60 9.99
CA CYS B 238 -47.45 42.22 8.77
C CYS B 238 -48.25 43.48 9.09
N ASP B 239 -49.10 43.38 10.11
CA ASP B 239 -49.92 44.52 10.49
C ASP B 239 -49.04 45.68 10.92
N ALA B 240 -47.86 45.35 11.44
CA ALA B 240 -46.93 46.37 11.91
C ALA B 240 -46.06 47.01 10.84
N VAL B 241 -45.54 46.20 9.90
CA VAL B 241 -44.66 46.74 8.87
C VAL B 241 -45.16 46.64 7.43
N GLY B 242 -46.31 46.01 7.24
CA GLY B 242 -46.83 45.83 5.90
C GLY B 242 -46.47 44.45 5.37
N SER B 243 -47.47 43.69 4.94
CA SER B 243 -47.23 42.34 4.44
C SER B 243 -46.26 42.24 3.26
N ASP B 244 -46.26 43.27 2.40
CA ASP B 244 -45.37 43.28 1.24
C ASP B 244 -43.90 43.49 1.59
N ARG B 245 -43.59 43.44 2.89
CA ARG B 245 -42.22 43.55 3.37
C ARG B 245 -41.94 42.38 4.32
N VAL B 246 -42.81 41.37 4.26
CA VAL B 246 -42.67 40.21 5.13
C VAL B 246 -42.68 38.88 4.41
N GLY B 247 -41.61 38.11 4.61
CA GLY B 247 -41.54 36.79 4.01
C GLY B 247 -41.58 35.77 5.14
N LEU B 248 -41.88 34.52 4.80
CA LEU B 248 -41.94 33.44 5.79
C LEU B 248 -41.15 32.23 5.29
N ARG B 249 -40.38 31.62 6.19
CA ARG B 249 -39.59 30.45 5.82
C ARG B 249 -39.99 29.21 6.60
N ILE B 250 -40.17 28.09 5.88
CA ILE B 250 -40.54 26.83 6.49
C ILE B 250 -39.68 25.70 5.93
N SER B 251 -39.68 24.56 6.62
CA SER B 251 -38.92 23.39 6.22
C SER B 251 -39.69 22.15 6.67
N PRO B 252 -40.81 21.84 5.99
CA PRO B 252 -41.66 20.70 6.30
C PRO B 252 -41.02 19.32 6.30
N LEU B 253 -39.83 19.18 5.72
CA LEU B 253 -39.16 17.88 5.67
C LEU B 253 -37.77 17.85 6.31
N ASN B 254 -37.30 18.99 6.82
CA ASN B 254 -35.98 19.04 7.43
C ASN B 254 -36.06 18.40 8.82
N GLY B 255 -35.27 17.36 9.05
CA GLY B 255 -35.30 16.68 10.33
C GLY B 255 -34.33 17.15 11.39
N VAL B 256 -33.54 18.18 11.09
CA VAL B 256 -32.59 18.70 12.06
C VAL B 256 -33.30 19.02 13.38
N HIS B 257 -32.58 18.83 14.48
CA HIS B 257 -33.12 19.08 15.82
C HIS B 257 -34.35 18.25 16.12
N GLY B 258 -34.30 16.97 15.77
CA GLY B 258 -35.40 16.05 16.02
C GLY B 258 -36.78 16.50 15.55
N MET B 259 -36.85 17.02 14.32
CA MET B 259 -38.13 17.48 13.78
C MET B 259 -38.74 16.51 12.78
N ILE B 260 -40.01 16.17 13.00
CA ILE B 260 -40.70 15.27 12.09
C ILE B 260 -42.21 15.29 12.30
N ASP B 261 -42.93 15.37 11.20
CA ASP B 261 -44.40 15.39 11.22
C ASP B 261 -44.85 14.21 10.37
N SER B 262 -45.80 13.42 10.87
CA SER B 262 -46.29 12.25 10.14
C SER B 262 -46.94 12.56 8.81
N ASN B 263 -47.44 13.78 8.63
CA ASN B 263 -48.09 14.14 7.38
C ASN B 263 -47.63 15.51 6.88
N PRO B 264 -46.37 15.60 6.42
CA PRO B 264 -45.80 16.86 5.92
C PRO B 264 -46.58 17.48 4.76
N GLU B 265 -47.10 16.64 3.87
CA GLU B 265 -47.85 17.13 2.72
C GLU B 265 -49.08 17.92 3.18
N ALA B 266 -49.89 17.29 4.04
CA ALA B 266 -51.10 17.93 4.55
C ALA B 266 -50.75 19.19 5.35
N LEU B 267 -49.70 19.11 6.16
CA LEU B 267 -49.27 20.24 6.96
C LEU B 267 -48.85 21.42 6.07
N THR B 268 -48.03 21.15 5.07
CA THR B 268 -47.55 22.18 4.14
C THR B 268 -48.70 22.87 3.39
N LYS B 269 -49.56 22.07 2.76
CA LYS B 269 -50.69 22.60 2.02
C LYS B 269 -51.60 23.44 2.91
N HIS B 270 -51.81 22.98 4.14
CA HIS B 270 -52.67 23.72 5.05
C HIS B 270 -52.04 25.06 5.43
N LEU B 271 -50.73 25.05 5.65
CA LEU B 271 -50.05 26.30 6.01
C LEU B 271 -50.14 27.31 4.86
N CYS B 272 -49.95 26.84 3.63
CA CYS B 272 -50.02 27.71 2.46
C CYS B 272 -51.39 28.36 2.36
N LYS B 273 -52.43 27.54 2.46
CA LYS B 273 -53.79 28.05 2.37
C LYS B 273 -54.06 29.04 3.51
N LYS B 274 -53.51 28.76 4.67
CA LYS B 274 -53.70 29.62 5.84
C LYS B 274 -53.01 30.99 5.75
N ILE B 275 -51.89 31.08 5.05
CA ILE B 275 -51.18 32.34 4.93
C ILE B 275 -51.53 33.15 3.69
N GLU B 276 -52.26 32.53 2.76
CA GLU B 276 -52.67 33.21 1.53
C GLU B 276 -53.31 34.58 1.83
N PRO B 277 -54.24 34.65 2.79
CA PRO B 277 -54.90 35.90 3.16
C PRO B 277 -53.94 37.00 3.61
N LEU B 278 -52.72 36.62 3.99
CA LEU B 278 -51.76 37.60 4.48
C LEU B 278 -51.05 38.41 3.39
N SER B 279 -51.13 37.97 2.14
CA SER B 279 -50.47 38.67 1.03
C SER B 279 -49.01 38.96 1.33
N LEU B 280 -48.27 37.92 1.71
CA LEU B 280 -46.86 38.05 2.04
C LEU B 280 -46.01 38.35 0.81
N ALA B 281 -44.85 38.95 1.03
CA ALA B 281 -43.93 39.25 -0.05
C ALA B 281 -43.54 37.92 -0.68
N TYR B 282 -43.48 36.87 0.14
CA TYR B 282 -43.13 35.53 -0.35
C TYR B 282 -43.16 34.45 0.73
N LEU B 283 -43.18 33.20 0.25
CA LEU B 283 -43.11 32.04 1.12
C LEU B 283 -41.80 31.39 0.67
N HIS B 284 -40.90 31.18 1.61
CA HIS B 284 -39.58 30.59 1.33
C HIS B 284 -39.54 29.25 2.05
N TYR B 285 -39.12 28.20 1.34
CA TYR B 285 -39.07 26.87 1.96
C TYR B 285 -37.92 25.98 1.50
N LEU B 286 -37.53 25.06 2.37
CA LEU B 286 -36.50 24.08 2.01
C LEU B 286 -37.36 23.00 1.38
N ARG B 287 -37.02 22.60 0.17
CA ARG B 287 -37.81 21.59 -0.54
C ARG B 287 -37.57 20.17 -0.02
N GLY B 288 -36.65 20.02 0.92
CA GLY B 288 -36.36 18.69 1.41
C GLY B 288 -35.68 18.64 2.77
N ASP B 289 -35.04 17.50 3.01
CA ASP B 289 -34.35 17.23 4.25
C ASP B 289 -32.83 17.30 4.09
N MET B 290 -32.16 17.98 5.00
CA MET B 290 -30.71 18.07 4.93
C MET B 290 -30.04 16.75 5.34
N VAL B 291 -30.81 15.84 5.95
CA VAL B 291 -30.26 14.54 6.34
C VAL B 291 -30.72 13.45 5.37
N ASN B 292 -31.48 13.87 4.34
CA ASN B 292 -31.98 12.97 3.31
C ASN B 292 -32.89 11.85 3.76
N GLN B 293 -33.53 12.01 4.91
CA GLN B 293 -34.42 10.97 5.40
C GLN B 293 -35.86 11.15 4.96
N GLN B 294 -36.35 12.37 5.09
CA GLN B 294 -37.73 12.69 4.74
C GLN B 294 -37.87 13.12 3.29
N ILE B 295 -38.64 12.35 2.54
CA ILE B 295 -38.86 12.60 1.12
C ILE B 295 -40.26 13.08 0.80
N GLY B 296 -40.35 13.97 -0.17
CA GLY B 296 -41.63 14.51 -0.57
C GLY B 296 -41.43 15.70 -1.48
N ASP B 297 -42.35 15.89 -2.41
CA ASP B 297 -42.25 16.98 -3.37
C ASP B 297 -42.85 18.27 -2.80
N VAL B 298 -42.14 18.89 -1.86
CA VAL B 298 -42.62 20.14 -1.26
C VAL B 298 -42.85 21.19 -2.34
N VAL B 299 -41.95 21.27 -3.31
CA VAL B 299 -42.10 22.24 -4.39
C VAL B 299 -43.50 22.11 -5.00
N ALA B 300 -43.88 20.88 -5.32
CA ALA B 300 -45.18 20.62 -5.91
C ALA B 300 -46.28 20.93 -4.91
N TRP B 301 -46.06 20.62 -3.64
CA TRP B 301 -47.06 20.88 -2.60
C TRP B 301 -47.37 22.36 -2.51
N VAL B 302 -46.30 23.15 -2.44
CA VAL B 302 -46.44 24.58 -2.31
C VAL B 302 -47.05 25.22 -3.56
N ARG B 303 -46.56 24.81 -4.74
CA ARG B 303 -47.07 25.36 -5.99
C ARG B 303 -48.56 25.15 -6.16
N GLY B 304 -49.07 24.02 -5.66
CA GLY B 304 -50.48 23.74 -5.78
C GLY B 304 -51.38 24.37 -4.72
N SER B 305 -50.79 24.91 -3.65
CA SER B 305 -51.59 25.49 -2.58
C SER B 305 -51.28 26.94 -2.22
N TYR B 306 -50.33 27.54 -2.92
CA TYR B 306 -49.95 28.92 -2.63
C TYR B 306 -49.83 29.71 -3.93
N SER B 307 -50.60 30.80 -4.04
CA SER B 307 -50.59 31.63 -5.23
C SER B 307 -49.67 32.85 -5.15
N GLY B 308 -48.89 32.95 -4.08
CA GLY B 308 -47.99 34.08 -3.93
C GLY B 308 -46.62 33.76 -4.50
N VAL B 309 -45.62 34.54 -4.10
CA VAL B 309 -44.26 34.33 -4.57
C VAL B 309 -43.67 33.10 -3.85
N LYS B 310 -43.11 32.19 -4.64
CA LYS B 310 -42.55 30.97 -4.11
C LYS B 310 -41.04 30.87 -4.30
N ILE B 311 -40.31 30.84 -3.18
CA ILE B 311 -38.87 30.76 -3.18
C ILE B 311 -38.48 29.40 -2.63
N SER B 312 -37.84 28.58 -3.46
CA SER B 312 -37.43 27.24 -3.04
C SER B 312 -35.94 27.23 -2.71
N ASN B 313 -35.51 26.18 -2.02
CA ASN B 313 -34.12 26.08 -1.63
C ASN B 313 -33.73 24.66 -1.27
N LEU B 314 -32.44 24.37 -1.41
CA LEU B 314 -31.82 23.09 -1.08
C LEU B 314 -31.27 22.28 -2.25
N ARG B 315 -29.94 22.30 -2.36
CA ARG B 315 -29.23 21.54 -3.38
C ARG B 315 -29.59 21.85 -4.82
N TYR B 316 -29.84 23.11 -5.12
CA TYR B 316 -30.13 23.50 -6.50
C TYR B 316 -28.86 23.88 -7.23
N ASP B 317 -28.82 23.62 -8.54
CA ASP B 317 -27.70 24.08 -9.32
C ASP B 317 -28.42 25.07 -10.24
N PHE B 318 -27.66 25.89 -10.97
CA PHE B 318 -28.27 26.89 -11.83
C PHE B 318 -29.28 26.34 -12.83
N GLU B 319 -28.97 25.19 -13.41
CA GLU B 319 -29.85 24.58 -14.40
C GLU B 319 -31.21 24.19 -13.85
N GLU B 320 -31.23 23.44 -12.76
CA GLU B 320 -32.47 22.99 -12.15
C GLU B 320 -33.34 24.16 -11.65
N ALA B 321 -32.71 25.18 -11.11
CA ALA B 321 -33.45 26.34 -10.59
C ALA B 321 -34.12 27.06 -11.75
N ASP B 322 -33.34 27.30 -12.80
CA ASP B 322 -33.84 27.97 -14.00
C ASP B 322 -35.01 27.20 -14.58
N GLN B 323 -34.87 25.88 -14.64
CA GLN B 323 -35.93 25.04 -15.19
C GLN B 323 -37.21 25.07 -14.36
N GLN B 324 -37.09 25.00 -13.04
CA GLN B 324 -38.27 25.03 -12.18
C GLN B 324 -39.00 26.37 -12.25
N ILE B 325 -38.25 27.44 -12.49
CA ILE B 325 -38.86 28.76 -12.61
C ILE B 325 -39.62 28.80 -13.92
N ARG B 326 -38.94 28.37 -14.99
CA ARG B 326 -39.53 28.32 -16.32
C ARG B 326 -40.87 27.58 -16.32
N GLU B 327 -40.89 26.43 -15.66
CA GLU B 327 -42.08 25.58 -15.59
C GLU B 327 -43.21 26.10 -14.71
N GLY B 328 -42.93 27.10 -13.89
CA GLY B 328 -43.96 27.61 -13.01
C GLY B 328 -44.01 26.89 -11.68
N LYS B 329 -42.99 26.10 -11.36
CA LYS B 329 -42.96 25.40 -10.08
C LYS B 329 -42.56 26.38 -8.99
N VAL B 330 -41.60 27.24 -9.31
CA VAL B 330 -41.11 28.22 -8.35
C VAL B 330 -40.95 29.56 -9.05
N ASP B 331 -40.77 30.61 -8.24
CA ASP B 331 -40.61 31.96 -8.76
C ASP B 331 -39.17 32.41 -8.63
N ALA B 332 -38.48 31.84 -7.65
CA ALA B 332 -37.08 32.15 -7.39
C ALA B 332 -36.46 31.05 -6.53
N VAL B 333 -35.14 30.99 -6.51
CA VAL B 333 -34.44 30.00 -5.72
C VAL B 333 -33.36 30.63 -4.86
N ALA B 334 -33.35 30.25 -3.59
CA ALA B 334 -32.37 30.76 -2.65
C ALA B 334 -31.21 29.76 -2.61
N PHE B 335 -29.99 30.27 -2.71
CA PHE B 335 -28.80 29.43 -2.66
C PHE B 335 -28.07 29.66 -1.34
N GLY B 336 -27.69 28.57 -0.68
CA GLY B 336 -26.97 28.68 0.57
C GLY B 336 -25.46 28.59 0.40
N ALA B 337 -24.96 27.35 0.37
CA ALA B 337 -23.52 27.11 0.23
C ALA B 337 -22.89 27.84 -0.96
N LYS B 338 -23.59 27.91 -2.08
CA LYS B 338 -23.03 28.60 -3.24
C LYS B 338 -22.78 30.09 -2.99
N PHE B 339 -23.60 30.73 -2.17
CA PHE B 339 -23.39 32.14 -1.87
C PHE B 339 -22.31 32.31 -0.80
N ILE B 340 -22.16 31.30 0.05
CA ILE B 340 -21.12 31.33 1.06
C ILE B 340 -19.79 31.37 0.31
N ALA B 341 -19.69 30.54 -0.73
CA ALA B 341 -18.46 30.41 -1.52
C ALA B 341 -18.29 31.36 -2.70
N ASN B 342 -19.38 31.94 -3.21
CA ASN B 342 -19.26 32.84 -4.35
C ASN B 342 -19.90 34.21 -4.16
N PRO B 343 -19.09 35.22 -3.81
CA PRO B 343 -19.62 36.57 -3.61
C PRO B 343 -20.32 37.04 -4.89
N ASP B 344 -19.72 36.67 -6.02
CA ASP B 344 -20.23 37.07 -7.33
C ASP B 344 -21.01 35.96 -8.02
N LEU B 345 -21.81 35.22 -7.24
CA LEU B 345 -22.60 34.12 -7.77
C LEU B 345 -23.45 34.52 -8.98
N VAL B 346 -24.08 35.68 -8.90
CA VAL B 346 -24.93 36.16 -9.99
C VAL B 346 -24.14 36.35 -11.28
N GLU B 347 -22.98 36.99 -11.17
CA GLU B 347 -22.14 37.21 -12.33
C GLU B 347 -21.73 35.88 -12.96
N ARG B 348 -21.42 34.90 -12.11
CA ARG B 348 -21.01 33.59 -12.60
C ARG B 348 -22.15 32.86 -13.28
N ALA B 349 -23.38 33.13 -12.84
CA ALA B 349 -24.52 32.48 -13.47
C ALA B 349 -24.72 33.13 -14.84
N GLN B 350 -24.56 34.44 -14.90
CA GLN B 350 -24.74 35.20 -16.12
C GLN B 350 -23.78 34.74 -17.22
N GLN B 351 -22.56 34.43 -16.84
CA GLN B 351 -21.55 34.01 -17.80
C GLN B 351 -21.24 32.53 -17.70
N ASN B 352 -22.00 31.84 -16.86
CA ASN B 352 -21.81 30.42 -16.63
C ASN B 352 -20.35 30.11 -16.31
N TRP B 353 -19.77 30.87 -15.39
CA TRP B 353 -18.39 30.64 -14.99
C TRP B 353 -18.36 29.55 -13.90
N PRO B 354 -17.23 28.86 -13.76
CA PRO B 354 -17.14 27.82 -12.74
C PRO B 354 -17.28 28.46 -11.35
N LEU B 355 -17.84 27.71 -10.40
CA LEU B 355 -18.03 28.24 -9.05
C LEU B 355 -17.00 27.77 -8.04
N ASN B 356 -16.77 28.59 -7.03
CA ASN B 356 -15.84 28.21 -5.96
C ASN B 356 -16.55 27.10 -5.21
N GLU B 357 -15.78 26.21 -4.60
CA GLU B 357 -16.36 25.11 -3.84
C GLU B 357 -16.44 25.51 -2.36
N PRO B 358 -17.64 25.40 -1.76
CA PRO B 358 -17.83 25.75 -0.34
C PRO B 358 -16.96 24.89 0.56
N ARG B 359 -16.50 25.45 1.68
CA ARG B 359 -15.67 24.69 2.62
C ARG B 359 -16.40 24.62 3.96
N PRO B 360 -17.25 23.59 4.15
CA PRO B 360 -18.03 23.39 5.37
C PRO B 360 -17.19 23.51 6.64
N GLU B 361 -15.98 22.95 6.59
CA GLU B 361 -15.06 22.97 7.71
C GLU B 361 -14.82 24.38 8.26
N THR B 362 -14.91 25.39 7.39
CA THR B 362 -14.67 26.76 7.81
C THR B 362 -15.90 27.69 7.75
N TYR B 363 -17.10 27.13 7.84
CA TYR B 363 -18.30 27.96 7.82
C TYR B 363 -18.43 28.87 9.05
N TYR B 364 -17.99 28.37 10.20
CA TYR B 364 -18.10 29.10 11.47
C TYR B 364 -16.77 29.42 12.18
N THR B 365 -15.81 30.03 11.48
CA THR B 365 -14.53 30.34 12.12
C THR B 365 -14.57 31.61 12.97
N ARG B 366 -15.56 32.45 12.73
CA ARG B 366 -15.70 33.72 13.45
C ARG B 366 -14.56 34.66 13.06
N THR B 367 -13.81 34.28 12.03
CA THR B 367 -12.72 35.09 11.52
C THR B 367 -12.98 35.35 10.04
N ALA B 368 -12.02 35.95 9.36
CA ALA B 368 -12.18 36.23 7.93
C ALA B 368 -12.04 34.93 7.15
N VAL B 369 -11.35 33.96 7.75
CA VAL B 369 -11.12 32.66 7.14
C VAL B 369 -12.41 31.93 6.80
N GLY B 370 -12.57 31.60 5.52
CA GLY B 370 -13.76 30.91 5.08
C GLY B 370 -15.00 31.77 5.19
N TYR B 371 -14.80 33.08 5.31
CA TYR B 371 -15.90 34.03 5.43
C TYR B 371 -15.77 35.12 4.38
N ASN B 372 -14.67 35.88 4.45
CA ASN B 372 -14.43 36.96 3.49
C ASN B 372 -13.23 36.70 2.58
N ASP B 373 -12.81 35.44 2.50
CA ASP B 373 -11.65 35.10 1.67
C ASP B 373 -11.95 34.24 0.43
N TYR B 374 -13.21 34.19 0.02
CA TYR B 374 -13.58 33.44 -1.18
C TYR B 374 -13.44 34.44 -2.34
N PRO B 375 -12.57 34.15 -3.31
CA PRO B 375 -12.35 35.03 -4.46
C PRO B 375 -13.53 35.14 -5.42
N PHE C 4 17.56 -50.02 1.76
CA PHE C 4 18.71 -49.79 0.82
C PHE C 4 20.02 -50.28 1.43
N PRO C 5 20.10 -51.60 1.69
CA PRO C 5 21.27 -52.26 2.28
C PRO C 5 22.58 -52.03 1.56
N GLU C 6 22.54 -52.11 0.22
CA GLU C 6 23.73 -51.92 -0.59
C GLU C 6 24.20 -50.47 -0.56
N LEU C 7 23.26 -49.52 -0.61
CA LEU C 7 23.61 -48.11 -0.60
C LEU C 7 24.21 -47.66 0.73
N LEU C 8 23.81 -48.32 1.81
CA LEU C 8 24.30 -47.96 3.13
C LEU C 8 25.50 -48.75 3.65
N ARG C 9 26.01 -49.70 2.87
CA ARG C 9 27.15 -50.46 3.36
C ARG C 9 28.48 -49.79 3.03
N PRO C 10 29.49 -49.98 3.91
CA PRO C 10 30.82 -49.41 3.76
C PRO C 10 31.49 -49.74 2.42
N LEU C 11 32.47 -48.91 2.05
CA LEU C 11 33.18 -49.09 0.80
C LEU C 11 34.66 -48.70 0.92
N LYS C 12 35.54 -49.60 0.52
CA LYS C 12 36.96 -49.29 0.56
C LYS C 12 37.22 -48.36 -0.64
N LEU C 13 37.81 -47.21 -0.38
CA LEU C 13 38.08 -46.25 -1.43
C LEU C 13 39.44 -45.61 -1.17
N GLY C 14 40.39 -45.87 -2.07
CA GLY C 14 41.72 -45.33 -1.88
C GLY C 14 42.29 -45.97 -0.63
N ARG C 15 42.80 -45.17 0.30
CA ARG C 15 43.34 -45.73 1.52
C ARG C 15 42.33 -45.51 2.66
N TYR C 16 41.06 -45.32 2.29
CA TYR C 16 40.01 -45.09 3.27
C TYR C 16 38.86 -46.08 3.16
N THR C 17 37.95 -46.01 4.13
CA THR C 17 36.77 -46.85 4.15
C THR C 17 35.58 -45.93 4.42
N LEU C 18 34.73 -45.75 3.41
CA LEU C 18 33.53 -44.91 3.56
C LEU C 18 32.55 -45.69 4.42
N ARG C 19 31.82 -44.97 5.28
CA ARG C 19 30.85 -45.62 6.15
C ARG C 19 29.64 -46.08 5.35
N ASN C 20 29.44 -45.46 4.20
CA ASN C 20 28.34 -45.80 3.31
C ASN C 20 28.66 -45.33 1.90
N ARG C 21 27.79 -45.65 0.96
CA ARG C 21 28.01 -45.27 -0.43
C ARG C 21 27.16 -44.10 -0.90
N ILE C 22 26.73 -43.27 0.05
CA ILE C 22 25.93 -42.09 -0.26
C ILE C 22 26.95 -40.95 -0.25
N ILE C 23 27.36 -40.53 -1.45
CA ILE C 23 28.36 -39.49 -1.58
C ILE C 23 27.80 -38.11 -1.90
N MET C 24 28.39 -37.08 -1.32
CA MET C 24 27.96 -35.71 -1.58
C MET C 24 28.75 -35.20 -2.78
N ALA C 25 28.05 -34.93 -3.87
CA ALA C 25 28.69 -34.43 -5.08
C ALA C 25 29.25 -33.02 -4.88
N PRO C 26 30.30 -32.67 -5.64
CA PRO C 26 30.88 -31.32 -5.51
C PRO C 26 29.80 -30.31 -5.90
N LEU C 27 29.60 -29.31 -5.05
CA LEU C 27 28.56 -28.33 -5.31
C LEU C 27 28.96 -26.89 -5.03
N THR C 28 29.20 -26.14 -6.09
CA THR C 28 29.58 -24.74 -5.99
C THR C 28 28.44 -23.99 -5.30
N ARG C 29 28.75 -23.32 -4.19
CA ARG C 29 27.73 -22.58 -3.46
C ARG C 29 28.09 -21.10 -3.32
N CYS C 30 29.27 -20.72 -3.80
CA CYS C 30 29.71 -19.33 -3.75
C CYS C 30 29.75 -18.70 -2.36
N GLN C 31 30.10 -19.48 -1.35
CA GLN C 31 30.16 -18.98 0.02
C GLN C 31 31.57 -18.61 0.47
N ALA C 32 32.37 -18.09 -0.44
CA ALA C 32 33.73 -17.66 -0.14
C ALA C 32 33.77 -16.15 -0.36
N THR C 33 34.85 -15.50 0.09
CA THR C 33 34.99 -14.04 -0.07
C THR C 33 35.32 -13.70 -1.53
N GLU C 34 34.76 -12.60 -2.01
CA GLU C 34 34.93 -12.18 -3.39
C GLU C 34 36.32 -12.21 -4.03
N ASP C 35 37.18 -11.26 -3.66
CA ASP C 35 38.50 -11.16 -4.26
C ASP C 35 39.61 -12.07 -3.73
N ASP C 36 39.55 -12.43 -2.45
CA ASP C 36 40.57 -13.29 -1.88
C ASP C 36 40.18 -14.77 -1.96
N HIS C 37 38.92 -15.00 -2.32
CA HIS C 37 38.37 -16.34 -2.45
C HIS C 37 38.62 -17.22 -1.23
N VAL C 38 38.55 -16.63 -0.05
CA VAL C 38 38.75 -17.36 1.20
C VAL C 38 37.41 -17.88 1.69
N PRO C 39 37.34 -19.17 2.05
CA PRO C 39 36.08 -19.73 2.55
C PRO C 39 35.54 -18.93 3.73
N ARG C 40 34.22 -18.72 3.76
CA ARG C 40 33.60 -18.00 4.86
C ARG C 40 33.28 -19.10 5.87
N THR C 41 34.31 -19.48 6.61
CA THR C 41 34.26 -20.54 7.60
C THR C 41 32.98 -20.67 8.42
N GLU C 42 32.48 -19.57 8.97
CA GLU C 42 31.27 -19.62 9.77
C GLU C 42 30.21 -20.45 9.06
N SER C 43 29.81 -20.00 7.87
CA SER C 43 28.79 -20.65 7.09
C SER C 43 29.19 -21.98 6.47
N MET C 44 30.36 -22.04 5.82
CA MET C 44 30.80 -23.26 5.17
C MET C 44 31.11 -24.39 6.15
N LEU C 45 31.54 -24.06 7.35
CA LEU C 45 31.85 -25.09 8.33
C LEU C 45 30.55 -25.80 8.75
N LYS C 46 29.53 -25.02 9.08
CA LYS C 46 28.25 -25.60 9.47
C LYS C 46 27.66 -26.41 8.32
N TYR C 47 27.74 -25.87 7.12
CA TYR C 47 27.21 -26.53 5.93
C TYR C 47 27.79 -27.93 5.71
N TYR C 48 29.11 -28.04 5.69
CA TYR C 48 29.75 -29.34 5.47
C TYR C 48 29.62 -30.25 6.69
N GLU C 49 29.75 -29.67 7.87
CA GLU C 49 29.64 -30.43 9.11
C GLU C 49 28.26 -31.05 9.23
N ASP C 50 27.23 -30.34 8.75
CA ASP C 50 25.87 -30.87 8.81
C ASP C 50 25.63 -32.02 7.84
N ARG C 51 26.55 -32.20 6.89
CA ARG C 51 26.41 -33.27 5.90
C ARG C 51 27.54 -34.29 6.03
N ALA C 52 28.29 -34.18 7.13
CA ALA C 52 29.43 -35.05 7.39
C ALA C 52 29.09 -36.54 7.54
N SER C 53 27.81 -36.86 7.64
CA SER C 53 27.43 -38.26 7.78
C SER C 53 27.54 -38.96 6.42
N ALA C 54 27.76 -38.17 5.36
CA ALA C 54 27.91 -38.71 4.02
C ALA C 54 29.11 -39.66 3.99
N GLY C 55 29.00 -40.75 3.24
CA GLY C 55 30.10 -41.69 3.17
C GLY C 55 31.36 -40.95 2.78
N LEU C 56 31.18 -39.97 1.89
CA LEU C 56 32.29 -39.14 1.43
C LEU C 56 31.73 -37.83 0.94
N ILE C 57 32.38 -36.74 1.34
CA ILE C 57 31.99 -35.42 0.90
C ILE C 57 33.05 -34.96 -0.10
N ILE C 58 32.61 -34.57 -1.29
CA ILE C 58 33.53 -34.05 -2.29
C ILE C 58 33.23 -32.56 -2.25
N ALA C 59 34.13 -31.79 -1.64
CA ALA C 59 33.93 -30.35 -1.54
C ALA C 59 33.84 -29.70 -2.91
N GLU C 60 33.12 -28.59 -2.95
CA GLU C 60 32.89 -27.81 -4.18
C GLU C 60 34.15 -27.43 -4.95
N ALA C 61 33.96 -27.19 -6.25
CA ALA C 61 35.05 -26.81 -7.14
C ALA C 61 35.84 -25.66 -6.51
N THR C 62 37.13 -25.86 -6.34
CA THR C 62 37.98 -24.84 -5.73
C THR C 62 39.14 -24.46 -6.64
N MET C 63 39.34 -23.15 -6.78
CA MET C 63 40.37 -22.56 -7.65
C MET C 63 41.81 -22.98 -7.36
N VAL C 64 42.55 -23.26 -8.43
CA VAL C 64 43.96 -23.64 -8.32
C VAL C 64 44.83 -22.52 -8.86
N GLN C 65 44.27 -21.68 -9.73
CA GLN C 65 45.04 -20.56 -10.27
C GLN C 65 44.56 -19.25 -9.65
N PRO C 66 45.48 -18.51 -9.01
CA PRO C 66 45.17 -17.24 -8.37
C PRO C 66 44.34 -16.31 -9.25
N ASN C 67 43.24 -15.82 -8.68
CA ASN C 67 42.34 -14.90 -9.36
C ASN C 67 41.57 -15.42 -10.57
N TYR C 68 41.76 -16.69 -10.94
CA TYR C 68 41.03 -17.22 -12.09
C TYR C 68 39.68 -17.73 -11.62
N THR C 69 38.74 -16.81 -11.48
CA THR C 69 37.40 -17.13 -11.01
C THR C 69 36.37 -17.33 -12.11
N GLY C 70 35.49 -18.29 -11.87
CA GLY C 70 34.44 -18.56 -12.82
C GLY C 70 33.10 -18.32 -12.15
N PHE C 71 33.12 -18.35 -10.81
CA PHE C 71 31.89 -18.16 -10.03
C PHE C 71 31.88 -16.91 -9.14
N LEU C 72 32.88 -16.06 -9.32
CA LEU C 72 32.99 -14.81 -8.56
C LEU C 72 33.40 -14.97 -7.10
N THR C 73 32.67 -15.80 -6.35
CA THR C 73 32.99 -16.00 -4.95
C THR C 73 33.17 -17.46 -4.53
N GLU C 74 33.83 -18.25 -5.38
CA GLU C 74 34.09 -19.65 -5.06
C GLU C 74 35.38 -19.68 -4.25
N PRO C 75 35.67 -20.81 -3.56
CA PRO C 75 36.91 -20.88 -2.78
C PRO C 75 38.13 -21.12 -3.65
N GLY C 76 39.30 -20.96 -3.03
CA GLY C 76 40.56 -21.18 -3.69
C GLY C 76 41.37 -22.07 -2.75
N ILE C 77 42.44 -22.69 -3.25
CA ILE C 77 43.27 -23.53 -2.38
C ILE C 77 44.74 -23.27 -2.71
N TYR C 78 45.01 -22.04 -3.16
CA TYR C 78 46.36 -21.62 -3.53
C TYR C 78 47.01 -20.65 -2.53
N SER C 79 46.23 -20.10 -1.61
CA SER C 79 46.79 -19.15 -0.64
C SER C 79 46.73 -19.67 0.79
N ASP C 80 47.63 -19.16 1.64
CA ASP C 80 47.67 -19.58 3.04
C ASP C 80 46.34 -19.25 3.71
N ALA C 81 45.83 -18.06 3.43
CA ALA C 81 44.57 -17.60 3.99
C ALA C 81 43.47 -18.63 3.72
N GLN C 82 43.41 -19.11 2.48
CA GLN C 82 42.42 -20.11 2.09
C GLN C 82 42.65 -21.41 2.85
N ILE C 83 43.91 -21.86 2.86
CA ILE C 83 44.30 -23.09 3.53
C ILE C 83 43.90 -23.10 5.01
N GLU C 84 44.12 -21.98 5.69
CA GLU C 84 43.80 -21.82 7.11
C GLU C 84 42.32 -22.08 7.37
N GLU C 85 41.47 -21.43 6.58
CA GLU C 85 40.04 -21.58 6.74
C GLU C 85 39.58 -22.99 6.37
N TRP C 86 40.06 -23.49 5.23
CA TRP C 86 39.73 -24.85 4.81
C TRP C 86 40.08 -25.83 5.92
N ARG C 87 41.24 -25.62 6.56
CA ARG C 87 41.67 -26.50 7.64
C ARG C 87 40.58 -26.64 8.70
N LYS C 88 39.96 -25.52 9.05
CA LYS C 88 38.91 -25.53 10.07
C LYS C 88 37.71 -26.34 9.60
N ILE C 89 37.32 -26.14 8.34
CA ILE C 89 36.19 -26.87 7.76
C ILE C 89 36.48 -28.36 7.74
N VAL C 90 37.65 -28.74 7.26
CA VAL C 90 38.03 -30.15 7.21
C VAL C 90 38.07 -30.74 8.61
N ASP C 91 38.55 -29.97 9.58
CA ASP C 91 38.64 -30.43 10.96
C ASP C 91 37.27 -30.78 11.51
N ALA C 92 36.29 -29.92 11.23
CA ALA C 92 34.92 -30.13 11.70
C ALA C 92 34.30 -31.39 11.09
N VAL C 93 34.59 -31.63 9.81
CA VAL C 93 34.06 -32.80 9.15
C VAL C 93 34.64 -34.08 9.72
N HIS C 94 35.93 -34.07 10.01
CA HIS C 94 36.59 -35.25 10.57
C HIS C 94 36.12 -35.54 12.00
N LYS C 95 35.85 -34.48 12.76
CA LYS C 95 35.40 -34.64 14.14
C LYS C 95 34.03 -35.31 14.19
N LYS C 96 33.35 -35.37 13.06
CA LYS C 96 32.05 -36.02 12.99
C LYS C 96 32.22 -37.40 12.36
N GLY C 97 33.48 -37.78 12.15
CA GLY C 97 33.78 -39.08 11.56
C GLY C 97 33.62 -39.14 10.06
N GLY C 98 33.59 -37.97 9.41
CA GLY C 98 33.43 -37.96 7.97
C GLY C 98 34.74 -37.98 7.20
N LEU C 99 34.62 -38.05 5.88
CA LEU C 99 35.77 -38.06 4.98
C LEU C 99 35.50 -36.96 3.95
N ILE C 100 36.54 -36.29 3.48
CA ILE C 100 36.31 -35.21 2.52
C ILE C 100 37.44 -34.99 1.53
N PHE C 101 37.07 -34.95 0.26
CA PHE C 101 38.01 -34.71 -0.83
C PHE C 101 37.67 -33.33 -1.40
N LEU C 102 38.69 -32.60 -1.85
CA LEU C 102 38.45 -31.28 -2.43
C LEU C 102 38.55 -31.33 -3.95
N GLN C 103 37.57 -30.79 -4.65
CA GLN C 103 37.61 -30.79 -6.11
C GLN C 103 38.42 -29.58 -6.55
N LEU C 104 39.39 -29.81 -7.43
CA LEU C 104 40.27 -28.76 -7.95
C LEU C 104 39.80 -28.38 -9.35
N ILE C 105 39.61 -27.09 -9.57
CA ILE C 105 39.12 -26.62 -10.86
C ILE C 105 39.86 -25.43 -11.47
N HIS C 106 39.75 -25.33 -12.79
CA HIS C 106 40.31 -24.22 -13.55
C HIS C 106 39.16 -23.95 -14.52
N ALA C 107 38.58 -22.76 -14.42
CA ALA C 107 37.42 -22.39 -15.23
C ALA C 107 37.60 -22.37 -16.74
N GLY C 108 38.84 -22.33 -17.21
CA GLY C 108 39.07 -22.30 -18.64
C GLY C 108 38.38 -21.12 -19.32
N ARG C 109 37.67 -21.37 -20.40
CA ARG C 109 37.00 -20.29 -21.11
C ARG C 109 35.75 -19.76 -20.39
N ALA C 110 35.40 -20.36 -19.26
CA ALA C 110 34.24 -19.89 -18.52
C ALA C 110 34.65 -18.92 -17.42
N GLY C 111 35.89 -18.45 -17.49
CA GLY C 111 36.37 -17.50 -16.50
C GLY C 111 35.64 -16.18 -16.68
N ILE C 112 35.49 -15.42 -15.60
CA ILE C 112 34.80 -14.13 -15.63
C ILE C 112 35.77 -13.02 -16.07
N PRO C 113 35.57 -12.49 -17.29
CA PRO C 113 36.41 -11.43 -17.87
C PRO C 113 36.63 -10.18 -17.02
N GLU C 114 35.57 -9.66 -16.42
CA GLU C 114 35.69 -8.44 -15.61
C GLU C 114 36.57 -8.59 -14.37
N LYS C 115 36.77 -9.82 -13.91
CA LYS C 115 37.62 -10.05 -12.75
C LYS C 115 39.01 -10.50 -13.16
N ILE C 116 39.07 -11.46 -14.07
CA ILE C 116 40.34 -12.01 -14.54
C ILE C 116 41.19 -11.00 -15.31
N LEU C 117 40.55 -10.13 -16.10
CA LEU C 117 41.28 -9.14 -16.88
C LEU C 117 41.68 -7.89 -16.10
N GLN C 118 41.37 -7.85 -14.81
CA GLN C 118 41.72 -6.70 -13.98
C GLN C 118 43.20 -6.76 -13.64
N GLN C 119 43.79 -7.95 -13.75
CA GLN C 119 45.21 -8.12 -13.46
C GLN C 119 46.04 -7.98 -14.74
N SER C 120 47.28 -7.58 -14.58
CA SER C 120 48.18 -7.43 -15.72
C SER C 120 49.13 -8.64 -15.73
N LYS C 121 49.45 -9.14 -16.92
CA LYS C 121 50.33 -10.30 -17.03
C LYS C 121 51.80 -9.94 -17.06
N SER C 122 52.51 -10.25 -15.97
CA SER C 122 53.94 -9.97 -15.88
C SER C 122 54.69 -11.11 -16.56
N ASP C 123 56.01 -11.14 -16.39
CA ASP C 123 56.82 -12.20 -16.98
C ASP C 123 57.09 -13.32 -15.99
N GLN C 124 56.97 -13.01 -14.70
CA GLN C 124 57.18 -13.98 -13.64
C GLN C 124 55.85 -14.66 -13.31
N ASP C 125 54.80 -14.24 -14.02
CA ASP C 125 53.45 -14.77 -13.84
C ASP C 125 52.75 -14.68 -15.20
N PRO C 126 53.21 -15.46 -16.19
CA PRO C 126 52.70 -15.52 -17.57
C PRO C 126 51.23 -15.91 -17.78
N LEU C 127 50.57 -16.41 -16.74
CA LEU C 127 49.19 -16.82 -16.86
C LEU C 127 48.17 -15.81 -16.30
N ALA C 128 48.64 -14.86 -15.50
CA ALA C 128 47.75 -13.87 -14.90
C ALA C 128 47.23 -12.86 -15.91
N GLY C 129 46.05 -12.29 -15.61
CA GLY C 129 45.45 -11.29 -16.47
C GLY C 129 45.06 -11.80 -17.86
N ARG C 130 44.79 -13.09 -17.96
CA ARG C 130 44.43 -13.65 -19.25
C ARG C 130 43.36 -14.73 -19.15
N LEU C 131 42.56 -14.83 -20.20
CA LEU C 131 41.51 -15.86 -20.29
C LEU C 131 42.22 -17.00 -21.01
N LEU C 132 42.17 -18.19 -20.44
CA LEU C 132 42.87 -19.33 -21.03
C LEU C 132 42.00 -20.53 -21.36
N ALA C 133 42.33 -21.21 -22.45
CA ALA C 133 41.59 -22.39 -22.88
C ALA C 133 42.38 -23.24 -23.86
N ALA C 134 41.80 -24.36 -24.25
CA ALA C 134 42.42 -25.27 -25.19
C ALA C 134 42.49 -24.59 -26.56
N SER C 135 41.41 -23.92 -26.92
CA SER C 135 41.31 -23.24 -28.21
C SER C 135 40.62 -21.89 -28.04
N ALA C 136 40.88 -20.97 -28.96
CA ALA C 136 40.29 -19.64 -28.91
C ALA C 136 38.83 -19.63 -29.35
N ILE C 137 38.03 -20.52 -28.77
CA ILE C 137 36.62 -20.62 -29.08
C ILE C 137 35.81 -20.15 -27.89
N PRO C 138 35.27 -18.93 -27.96
CA PRO C 138 34.48 -18.41 -26.84
C PRO C 138 33.13 -19.10 -26.74
N ILE C 139 32.64 -19.29 -25.52
CA ILE C 139 31.34 -19.91 -25.34
C ILE C 139 30.32 -18.91 -25.88
N LYS C 140 29.45 -19.37 -26.78
CA LYS C 140 28.47 -18.48 -27.38
C LYS C 140 27.01 -18.85 -27.15
N ASP C 141 26.15 -17.87 -27.39
CA ASP C 141 24.70 -18.04 -27.23
C ASP C 141 24.30 -18.15 -25.77
N HIS C 142 25.22 -17.80 -24.88
CA HIS C 142 24.97 -17.85 -23.44
C HIS C 142 25.78 -16.80 -22.72
N ARG C 143 25.28 -16.36 -21.56
CA ARG C 143 25.98 -15.33 -20.81
C ARG C 143 26.28 -15.79 -19.40
N ILE C 144 27.27 -15.16 -18.80
CA ILE C 144 27.63 -15.49 -17.43
C ILE C 144 26.38 -15.18 -16.62
N PRO C 145 25.83 -16.19 -15.94
CA PRO C 145 24.64 -15.98 -15.14
C PRO C 145 24.75 -14.79 -14.18
N ALA C 146 23.60 -14.20 -13.85
CA ALA C 146 23.57 -13.05 -12.96
C ALA C 146 24.23 -13.33 -11.61
N TYR C 147 24.03 -14.53 -11.10
CA TYR C 147 24.59 -14.91 -9.81
C TYR C 147 26.10 -15.15 -9.81
N PHE C 148 26.72 -15.17 -10.98
CA PHE C 148 28.17 -15.38 -11.07
C PHE C 148 28.85 -14.12 -11.58
N ALA C 149 28.05 -13.23 -12.16
CA ALA C 149 28.54 -11.98 -12.71
C ALA C 149 28.97 -11.01 -11.63
N ALA C 150 30.09 -10.34 -11.86
CA ALA C 150 30.61 -9.38 -10.90
C ALA C 150 29.65 -8.21 -10.70
N SER C 151 28.84 -7.91 -11.72
CA SER C 151 27.90 -6.81 -11.65
C SER C 151 26.48 -7.18 -11.20
N GLY C 152 26.27 -8.44 -10.86
CA GLY C 152 24.96 -8.87 -10.43
C GLY C 152 23.98 -8.95 -11.59
N GLU C 153 24.48 -8.62 -12.78
CA GLU C 153 23.68 -8.67 -14.00
C GLU C 153 24.41 -9.56 -14.98
N LYS C 154 23.67 -10.18 -15.91
CA LYS C 154 24.29 -11.05 -16.90
C LYS C 154 25.48 -10.36 -17.55
N GLU C 155 26.58 -11.08 -17.71
CA GLU C 155 27.75 -10.53 -18.35
C GLU C 155 28.14 -11.43 -19.50
N THR C 156 28.95 -10.90 -20.41
CA THR C 156 29.38 -11.66 -21.57
C THR C 156 30.71 -12.36 -21.33
N TYR C 157 30.84 -13.56 -21.88
CA TYR C 157 32.09 -14.31 -21.76
C TYR C 157 33.11 -13.69 -22.69
N GLY C 158 34.36 -14.12 -22.58
CA GLY C 158 35.39 -13.57 -23.45
C GLY C 158 35.96 -14.62 -24.37
N VAL C 159 36.77 -14.19 -25.32
CA VAL C 159 37.41 -15.12 -26.25
C VAL C 159 38.70 -15.54 -25.55
N PRO C 160 38.82 -16.82 -25.21
CA PRO C 160 40.03 -17.29 -24.52
C PRO C 160 41.25 -17.40 -25.42
N GLU C 161 42.42 -17.25 -24.82
CA GLU C 161 43.67 -17.36 -25.56
C GLU C 161 44.06 -18.84 -25.60
N GLU C 162 44.62 -19.26 -26.72
CA GLU C 162 45.03 -20.64 -26.88
C GLU C 162 46.30 -20.91 -26.08
N LEU C 163 46.16 -21.77 -25.07
CA LEU C 163 47.30 -22.13 -24.23
C LEU C 163 48.35 -22.83 -25.09
N THR C 164 49.61 -22.50 -24.86
CA THR C 164 50.69 -23.16 -25.59
C THR C 164 50.93 -24.44 -24.80
N ASP C 165 51.53 -25.45 -25.45
CA ASP C 165 51.80 -26.70 -24.75
C ASP C 165 52.65 -26.45 -23.51
N ASP C 166 53.59 -25.52 -23.61
CA ASP C 166 54.44 -25.21 -22.46
C ASP C 166 53.66 -24.59 -21.30
N GLU C 167 52.71 -23.71 -21.60
CA GLU C 167 51.92 -23.08 -20.55
C GLU C 167 51.10 -24.15 -19.83
N VAL C 168 50.66 -25.17 -20.58
CA VAL C 168 49.89 -26.25 -20.00
C VAL C 168 50.74 -27.07 -19.03
N ARG C 169 51.92 -27.49 -19.51
CA ARG C 169 52.83 -28.30 -18.71
C ARG C 169 53.53 -27.56 -17.58
N ASP C 170 53.95 -26.32 -17.83
CA ASP C 170 54.67 -25.56 -16.81
C ASP C 170 53.82 -24.58 -16.01
N GLY C 171 52.60 -24.33 -16.45
CA GLY C 171 51.75 -23.39 -15.73
C GLY C 171 50.51 -24.02 -15.13
N ILE C 172 49.72 -24.70 -15.96
CA ILE C 172 48.48 -25.32 -15.50
C ILE C 172 48.66 -26.55 -14.61
N ILE C 173 49.45 -27.51 -15.06
CA ILE C 173 49.67 -28.73 -14.28
C ILE C 173 50.25 -28.44 -12.89
N PRO C 174 51.31 -27.62 -12.82
CA PRO C 174 51.90 -27.32 -11.51
C PRO C 174 50.93 -26.65 -10.52
N LEU C 175 49.94 -25.93 -11.03
CA LEU C 175 48.97 -25.28 -10.16
C LEU C 175 48.04 -26.31 -9.54
N PHE C 176 47.67 -27.31 -10.34
CA PHE C 176 46.82 -28.39 -9.85
C PHE C 176 47.61 -29.17 -8.81
N VAL C 177 48.87 -29.45 -9.13
CA VAL C 177 49.74 -30.21 -8.24
C VAL C 177 49.94 -29.46 -6.93
N GLU C 178 50.24 -28.16 -7.05
CA GLU C 178 50.46 -27.33 -5.86
C GLU C 178 49.16 -27.26 -5.05
N GLY C 179 48.05 -27.14 -5.77
CA GLY C 179 46.75 -27.07 -5.13
C GLY C 179 46.45 -28.33 -4.34
N ALA C 180 46.80 -29.49 -4.90
CA ALA C 180 46.55 -30.78 -4.25
C ALA C 180 47.41 -30.92 -3.00
N LYS C 181 48.67 -30.51 -3.09
CA LYS C 181 49.56 -30.60 -1.94
C LYS C 181 49.02 -29.71 -0.82
N ASN C 182 48.56 -28.50 -1.17
CA ASN C 182 48.02 -27.57 -0.20
C ASN C 182 46.82 -28.18 0.51
N ALA C 183 45.92 -28.76 -0.26
CA ALA C 183 44.71 -29.39 0.27
C ALA C 183 44.97 -30.57 1.19
N ILE C 184 45.80 -31.50 0.73
CA ILE C 184 46.08 -32.70 1.50
C ILE C 184 47.09 -32.55 2.62
N PHE C 185 48.26 -32.01 2.30
CA PHE C 185 49.33 -31.85 3.28
C PHE C 185 49.18 -30.71 4.27
N LYS C 186 48.38 -29.70 3.91
CA LYS C 186 48.20 -28.56 4.80
C LYS C 186 46.79 -28.41 5.36
N ALA C 187 45.78 -28.47 4.51
CA ALA C 187 44.39 -28.33 4.96
C ALA C 187 43.88 -29.64 5.57
N GLY C 188 44.54 -30.74 5.25
CA GLY C 188 44.15 -32.02 5.80
C GLY C 188 43.10 -32.82 5.04
N PHE C 189 42.68 -32.33 3.87
CA PHE C 189 41.70 -33.08 3.09
C PHE C 189 42.20 -34.51 2.91
N ASP C 190 41.28 -35.46 2.82
CA ASP C 190 41.65 -36.86 2.65
C ASP C 190 42.13 -37.13 1.23
N GLY C 191 41.76 -36.25 0.31
CA GLY C 191 42.18 -36.41 -1.07
C GLY C 191 41.66 -35.27 -1.91
N VAL C 192 41.85 -35.37 -3.21
CA VAL C 192 41.36 -34.34 -4.11
C VAL C 192 40.68 -35.00 -5.29
N GLU C 193 39.79 -34.26 -5.94
CA GLU C 193 39.10 -34.76 -7.12
C GLU C 193 39.44 -33.80 -8.25
N ILE C 194 39.99 -34.34 -9.34
CA ILE C 194 40.35 -33.53 -10.49
C ILE C 194 39.08 -33.23 -11.30
N HIS C 195 38.79 -31.95 -11.52
CA HIS C 195 37.60 -31.58 -12.28
C HIS C 195 37.87 -31.67 -13.79
N GLY C 196 37.51 -32.79 -14.38
CA GLY C 196 37.72 -32.95 -15.81
C GLY C 196 36.36 -32.99 -16.50
N ALA C 197 35.42 -32.22 -15.96
CA ALA C 197 34.07 -32.21 -16.51
C ALA C 197 33.42 -30.84 -16.63
N ASN C 198 32.14 -30.89 -16.99
CA ASN C 198 31.26 -29.73 -17.12
C ASN C 198 31.76 -28.53 -17.89
N GLY C 199 32.55 -28.78 -18.93
CA GLY C 199 33.02 -27.70 -19.78
C GLY C 199 34.09 -26.76 -19.25
N TYR C 200 34.77 -27.14 -18.17
CA TYR C 200 35.83 -26.30 -17.66
C TYR C 200 37.12 -26.70 -18.33
N LEU C 201 38.24 -26.10 -17.93
CA LEU C 201 39.52 -26.35 -18.58
C LEU C 201 39.84 -27.77 -19.04
N LEU C 202 39.84 -28.74 -18.12
CA LEU C 202 40.17 -30.11 -18.47
C LEU C 202 39.18 -30.75 -19.42
N ASP C 203 37.89 -30.52 -19.19
CA ASP C 203 36.87 -31.08 -20.06
C ASP C 203 36.98 -30.41 -21.43
N ALA C 204 37.52 -29.20 -21.44
CA ALA C 204 37.68 -28.42 -22.68
C ALA C 204 38.69 -29.05 -23.64
N PHE C 205 39.72 -29.67 -23.08
CA PHE C 205 40.73 -30.35 -23.90
C PHE C 205 40.24 -31.75 -24.23
N PHE C 206 39.38 -32.26 -23.36
CA PHE C 206 38.81 -33.60 -23.46
C PHE C 206 37.88 -33.84 -24.64
N ARG C 207 36.92 -32.96 -24.86
CA ARG C 207 35.96 -33.12 -25.95
C ARG C 207 36.25 -32.24 -27.18
N GLU C 208 36.01 -32.81 -28.35
CA GLU C 208 36.28 -32.12 -29.61
C GLU C 208 35.56 -30.81 -29.91
N SER C 209 34.35 -30.62 -29.39
CA SER C 209 33.63 -29.40 -29.68
C SER C 209 34.42 -28.19 -29.18
N SER C 210 35.19 -28.38 -28.12
CA SER C 210 35.98 -27.29 -27.56
C SER C 210 37.48 -27.36 -27.82
N ASN C 211 37.97 -28.55 -28.19
CA ASN C 211 39.40 -28.69 -28.46
C ASN C 211 39.69 -28.76 -29.95
N LYS C 212 40.19 -27.66 -30.51
CA LYS C 212 40.50 -27.60 -31.92
C LYS C 212 42.01 -27.54 -32.16
N ARG C 213 42.79 -27.81 -31.13
CA ARG C 213 44.25 -27.78 -31.26
C ARG C 213 44.67 -28.68 -32.41
N GLN C 214 45.53 -28.15 -33.28
CA GLN C 214 46.00 -28.88 -34.44
C GLN C 214 47.10 -29.89 -34.15
N SER C 215 48.06 -29.49 -33.33
CA SER C 215 49.17 -30.37 -33.01
C SER C 215 49.48 -30.34 -31.52
N GLY C 216 50.63 -30.91 -31.16
CA GLY C 216 51.01 -30.94 -29.76
C GLY C 216 50.44 -32.18 -29.09
N PRO C 217 50.94 -32.55 -27.90
CA PRO C 217 50.44 -33.73 -27.19
C PRO C 217 48.97 -33.61 -26.75
N TYR C 218 48.40 -32.42 -26.82
CA TYR C 218 47.03 -32.22 -26.41
C TYR C 218 46.13 -31.85 -27.58
N ALA C 219 46.53 -32.26 -28.77
CA ALA C 219 45.77 -31.98 -29.98
C ALA C 219 44.33 -32.48 -29.84
N GLY C 220 43.41 -31.81 -30.51
CA GLY C 220 42.02 -32.24 -30.45
C GLY C 220 41.75 -33.22 -31.57
N THR C 221 42.80 -33.51 -32.34
CA THR C 221 42.73 -34.42 -33.48
C THR C 221 42.46 -35.90 -33.17
N THR C 222 42.92 -36.38 -32.02
CA THR C 222 42.67 -37.79 -31.67
C THR C 222 42.17 -37.94 -30.25
N ILE C 223 41.43 -39.03 -30.01
CA ILE C 223 40.88 -39.32 -28.70
C ILE C 223 41.97 -39.38 -27.64
N ASP C 224 43.10 -40.02 -27.97
CA ASP C 224 44.19 -40.12 -27.01
C ASP C 224 44.80 -38.77 -26.66
N THR C 225 45.04 -37.93 -27.66
CA THR C 225 45.62 -36.62 -27.40
C THR C 225 44.64 -35.76 -26.60
N ARG C 226 43.34 -35.96 -26.83
CA ARG C 226 42.36 -35.18 -26.10
C ARG C 226 42.24 -35.64 -24.64
N CYS C 227 42.63 -36.88 -24.37
CA CYS C 227 42.57 -37.44 -23.03
C CYS C 227 43.84 -37.09 -22.25
N GLN C 228 44.91 -36.77 -22.99
CA GLN C 228 46.21 -36.48 -22.43
C GLN C 228 46.29 -35.44 -21.30
N LEU C 229 45.61 -34.32 -21.44
CA LEU C 229 45.70 -33.32 -20.38
C LEU C 229 45.10 -33.86 -19.09
N ILE C 230 43.93 -34.47 -19.18
CA ILE C 230 43.32 -35.04 -17.99
C ILE C 230 44.30 -36.03 -17.39
N TYR C 231 44.86 -36.90 -18.22
CA TYR C 231 45.82 -37.89 -17.73
C TYR C 231 47.03 -37.25 -17.06
N ASP C 232 47.63 -36.26 -17.72
CA ASP C 232 48.83 -35.60 -17.19
C ASP C 232 48.59 -34.85 -15.89
N VAL C 233 47.45 -34.18 -15.78
CA VAL C 233 47.14 -33.45 -14.56
C VAL C 233 46.94 -34.46 -13.44
N THR C 234 46.19 -35.51 -13.73
CA THR C 234 45.91 -36.55 -12.74
C THR C 234 47.17 -37.31 -12.34
N LYS C 235 47.99 -37.65 -13.32
CA LYS C 235 49.24 -38.37 -13.05
C LYS C 235 50.18 -37.52 -12.20
N SER C 236 50.35 -36.27 -12.60
CA SER C 236 51.24 -35.37 -11.86
C SER C 236 50.76 -35.17 -10.43
N VAL C 237 49.44 -35.10 -10.24
CA VAL C 237 48.89 -34.93 -8.90
C VAL C 237 49.15 -36.20 -8.09
N CYS C 238 49.01 -37.36 -8.74
CA CYS C 238 49.24 -38.65 -8.10
C CYS C 238 50.68 -38.75 -7.62
N ASP C 239 51.63 -38.33 -8.46
CA ASP C 239 53.04 -38.38 -8.07
C ASP C 239 53.27 -37.58 -6.81
N ALA C 240 52.56 -36.46 -6.68
CA ALA C 240 52.72 -35.58 -5.52
C ALA C 240 51.99 -35.96 -4.23
N VAL C 241 50.81 -36.53 -4.32
CA VAL C 241 50.07 -36.86 -3.10
C VAL C 241 49.64 -38.31 -2.98
N GLY C 242 49.95 -39.13 -3.98
CA GLY C 242 49.58 -40.53 -3.95
C GLY C 242 48.24 -40.74 -4.63
N SER C 243 48.17 -41.73 -5.52
CA SER C 243 46.95 -42.00 -6.26
C SER C 243 45.74 -42.38 -5.39
N ASP C 244 45.97 -43.01 -4.24
CA ASP C 244 44.87 -43.39 -3.36
C ASP C 244 44.25 -42.21 -2.61
N ARG C 245 44.71 -41.01 -2.94
CA ARG C 245 44.19 -39.76 -2.37
C ARG C 245 43.72 -38.90 -3.55
N VAL C 246 43.57 -39.52 -4.71
CA VAL C 246 43.16 -38.79 -5.90
C VAL C 246 41.98 -39.42 -6.65
N GLY C 247 41.00 -38.58 -6.95
CA GLY C 247 39.84 -39.04 -7.70
C GLY C 247 39.77 -38.18 -8.95
N LEU C 248 38.99 -38.61 -9.94
CA LEU C 248 38.83 -37.84 -11.18
C LEU C 248 37.37 -37.78 -11.55
N ARG C 249 36.91 -36.60 -11.98
CA ARG C 249 35.52 -36.48 -12.40
C ARG C 249 35.41 -36.06 -13.87
N ILE C 250 34.50 -36.72 -14.58
CA ILE C 250 34.27 -36.43 -15.98
C ILE C 250 32.77 -36.41 -16.24
N SER C 251 32.38 -35.87 -17.39
CA SER C 251 30.97 -35.79 -17.78
C SER C 251 30.92 -35.88 -19.30
N PRO C 252 31.16 -37.08 -19.85
CA PRO C 252 31.17 -37.37 -21.28
C PRO C 252 29.93 -36.98 -22.08
N LEU C 253 28.81 -36.78 -21.40
CA LEU C 253 27.58 -36.41 -22.10
C LEU C 253 26.95 -35.11 -21.66
N ASN C 254 27.61 -34.37 -20.78
CA ASN C 254 27.04 -33.10 -20.31
C ASN C 254 27.21 -32.02 -21.38
N GLY C 255 26.10 -31.52 -21.89
CA GLY C 255 26.15 -30.50 -22.93
C GLY C 255 26.27 -29.06 -22.49
N VAL C 256 26.43 -28.82 -21.19
CA VAL C 256 26.56 -27.45 -20.70
C VAL C 256 27.73 -26.72 -21.38
N HIS C 257 27.59 -25.41 -21.54
CA HIS C 257 28.62 -24.60 -22.18
C HIS C 257 28.96 -25.11 -23.57
N GLY C 258 27.93 -25.58 -24.29
CA GLY C 258 28.12 -26.08 -25.64
C GLY C 258 29.17 -27.17 -25.76
N MET C 259 29.19 -28.09 -24.79
CA MET C 259 30.15 -29.18 -24.80
C MET C 259 29.59 -30.44 -25.44
N ILE C 260 30.29 -30.98 -26.43
CA ILE C 260 29.86 -32.20 -27.08
C ILE C 260 30.99 -32.89 -27.82
N ASP C 261 30.94 -34.23 -27.82
CA ASP C 261 31.95 -35.03 -28.51
C ASP C 261 31.20 -35.97 -29.47
N SER C 262 31.73 -36.17 -30.67
CA SER C 262 31.07 -37.03 -31.64
C SER C 262 31.02 -38.50 -31.24
N ASN C 263 31.99 -38.95 -30.43
CA ASN C 263 31.99 -40.34 -29.99
C ASN C 263 32.31 -40.41 -28.49
N PRO C 264 31.37 -39.96 -27.66
CA PRO C 264 31.56 -39.98 -26.21
C PRO C 264 31.90 -41.37 -25.69
N GLU C 265 31.30 -42.40 -26.29
CA GLU C 265 31.56 -43.77 -25.85
C GLU C 265 33.02 -44.16 -26.03
N ALA C 266 33.55 -43.98 -27.23
CA ALA C 266 34.95 -44.34 -27.48
C ALA C 266 35.85 -43.47 -26.61
N LEU C 267 35.50 -42.20 -26.47
CA LEU C 267 36.29 -41.28 -25.67
C LEU C 267 36.36 -41.74 -24.23
N THR C 268 35.21 -42.11 -23.67
CA THR C 268 35.11 -42.57 -22.29
C THR C 268 35.87 -43.86 -22.03
N LYS C 269 35.61 -44.88 -22.84
CA LYS C 269 36.27 -46.16 -22.66
C LYS C 269 37.79 -46.04 -22.74
N HIS C 270 38.27 -45.17 -23.63
CA HIS C 270 39.71 -44.99 -23.76
C HIS C 270 40.29 -44.28 -22.55
N LEU C 271 39.58 -43.27 -22.03
CA LEU C 271 40.08 -42.55 -20.86
C LEU C 271 40.20 -43.52 -19.70
N CYS C 272 39.20 -44.38 -19.53
CA CYS C 272 39.20 -45.37 -18.45
C CYS C 272 40.45 -46.22 -18.50
N LYS C 273 40.77 -46.74 -19.69
CA LYS C 273 41.94 -47.58 -19.85
C LYS C 273 43.22 -46.79 -19.60
N LYS C 274 43.26 -45.55 -20.08
CA LYS C 274 44.43 -44.70 -19.94
C LYS C 274 44.79 -44.36 -18.49
N ILE C 275 43.78 -44.21 -17.64
CA ILE C 275 44.02 -43.89 -16.23
C ILE C 275 44.01 -45.12 -15.33
N GLU C 276 43.74 -46.28 -15.91
CA GLU C 276 43.71 -47.52 -15.14
C GLU C 276 45.04 -47.72 -14.40
N PRO C 277 46.17 -47.57 -15.11
CA PRO C 277 47.50 -47.73 -14.50
C PRO C 277 47.78 -46.79 -13.32
N LEU C 278 46.98 -45.74 -13.18
CA LEU C 278 47.17 -44.79 -12.09
C LEU C 278 46.64 -45.26 -10.73
N SER C 279 45.74 -46.23 -10.73
CA SER C 279 45.16 -46.74 -9.49
C SER C 279 44.60 -45.64 -8.61
N LEU C 280 43.77 -44.79 -9.21
CA LEU C 280 43.14 -43.68 -8.52
C LEU C 280 42.22 -44.18 -7.42
N ALA C 281 41.89 -43.30 -6.48
CA ALA C 281 40.98 -43.66 -5.41
C ALA C 281 39.62 -43.96 -6.07
N TYR C 282 39.30 -43.24 -7.14
CA TYR C 282 38.03 -43.45 -7.82
C TYR C 282 37.84 -42.62 -9.09
N LEU C 283 36.90 -43.06 -9.93
CA LEU C 283 36.53 -42.34 -11.14
C LEU C 283 35.09 -41.91 -10.90
N HIS C 284 34.85 -40.61 -10.89
CA HIS C 284 33.53 -40.02 -10.66
C HIS C 284 33.02 -39.47 -11.99
N TYR C 285 31.81 -39.86 -12.38
CA TYR C 285 31.26 -39.39 -13.65
C TYR C 285 29.77 -39.07 -13.62
N LEU C 286 29.35 -38.18 -14.53
CA LEU C 286 27.94 -37.85 -14.68
C LEU C 286 27.53 -38.88 -15.73
N ARG C 287 26.52 -39.67 -15.44
CA ARG C 287 26.07 -40.71 -16.36
C ARG C 287 25.22 -40.18 -17.51
N GLY C 288 24.93 -38.88 -17.48
CA GLY C 288 24.11 -38.31 -18.53
C GLY C 288 24.31 -36.83 -18.73
N ASP C 289 23.31 -36.19 -19.34
CA ASP C 289 23.37 -34.76 -19.61
C ASP C 289 22.44 -33.95 -18.72
N MET C 290 22.93 -32.83 -18.21
CA MET C 290 22.12 -31.96 -17.38
C MET C 290 21.13 -31.19 -18.24
N VAL C 291 21.44 -31.06 -19.52
CA VAL C 291 20.56 -30.38 -20.46
C VAL C 291 19.76 -31.44 -21.24
N ASN C 292 19.86 -32.68 -20.77
CA ASN C 292 19.15 -33.83 -21.34
C ASN C 292 19.65 -34.31 -22.70
N GLN C 293 19.80 -33.38 -23.64
CA GLN C 293 20.27 -33.71 -24.98
C GLN C 293 21.51 -34.60 -24.78
N GLN C 294 21.73 -35.55 -25.68
CA GLN C 294 22.87 -36.46 -25.56
C GLN C 294 22.50 -37.68 -24.71
N ILE C 295 22.56 -38.86 -25.32
CA ILE C 295 22.22 -40.11 -24.64
C ILE C 295 23.32 -41.15 -24.78
N GLY C 296 23.45 -42.00 -23.77
CA GLY C 296 24.45 -43.06 -23.76
C GLY C 296 24.52 -43.66 -22.37
N ASP C 297 24.85 -44.94 -22.29
CA ASP C 297 24.93 -45.59 -21.00
C ASP C 297 26.34 -45.48 -20.46
N VAL C 298 26.66 -44.31 -19.93
CA VAL C 298 27.99 -44.07 -19.36
C VAL C 298 28.29 -45.11 -18.29
N VAL C 299 27.31 -45.42 -17.45
CA VAL C 299 27.52 -46.42 -16.40
C VAL C 299 28.04 -47.71 -17.01
N ALA C 300 27.43 -48.13 -18.12
CA ALA C 300 27.84 -49.36 -18.79
C ALA C 300 29.24 -49.25 -19.40
N TRP C 301 29.55 -48.10 -20.01
CA TRP C 301 30.86 -47.92 -20.62
C TRP C 301 32.00 -48.00 -19.62
N VAL C 302 31.83 -47.34 -18.48
CA VAL C 302 32.85 -47.34 -17.45
C VAL C 302 33.04 -48.71 -16.80
N ARG C 303 31.94 -49.33 -16.39
CA ARG C 303 32.05 -50.62 -15.72
C ARG C 303 32.71 -51.69 -16.60
N GLY C 304 32.62 -51.52 -17.91
CA GLY C 304 33.22 -52.47 -18.81
C GLY C 304 34.64 -52.13 -19.23
N SER C 305 35.14 -50.97 -18.78
CA SER C 305 36.48 -50.55 -19.16
C SER C 305 37.35 -50.04 -18.02
N TYR C 306 36.80 -50.01 -16.80
CA TYR C 306 37.56 -49.53 -15.64
C TYR C 306 37.41 -50.51 -14.48
N SER C 307 38.52 -50.93 -13.88
CA SER C 307 38.47 -51.88 -12.78
C SER C 307 38.49 -51.23 -11.40
N GLY C 308 38.65 -49.92 -11.35
CA GLY C 308 38.68 -49.22 -10.06
C GLY C 308 37.30 -48.89 -9.50
N VAL C 309 37.28 -48.01 -8.51
CA VAL C 309 36.04 -47.58 -7.86
C VAL C 309 35.26 -46.63 -8.77
N LYS C 310 34.00 -46.96 -9.02
CA LYS C 310 33.15 -46.17 -9.90
C LYS C 310 32.03 -45.44 -9.16
N ILE C 311 32.10 -44.11 -9.16
CA ILE C 311 31.06 -43.31 -8.53
C ILE C 311 30.22 -42.67 -9.63
N SER C 312 28.95 -43.01 -9.68
CA SER C 312 28.07 -42.45 -10.69
C SER C 312 27.23 -41.32 -10.09
N ASN C 313 26.71 -40.45 -10.96
CA ASN C 313 25.91 -39.32 -10.52
C ASN C 313 24.92 -38.86 -11.58
N LEU C 314 23.89 -38.13 -11.12
CA LEU C 314 22.84 -37.52 -11.94
C LEU C 314 21.48 -38.18 -11.91
N ARG C 315 20.53 -37.48 -11.29
CA ARG C 315 19.15 -37.92 -11.18
C ARG C 315 18.92 -39.30 -10.57
N TYR C 316 19.66 -39.62 -9.52
CA TYR C 316 19.48 -40.89 -8.85
C TYR C 316 18.58 -40.69 -7.64
N ASP C 317 17.85 -41.74 -7.28
CA ASP C 317 17.04 -41.69 -6.08
C ASP C 317 17.60 -42.88 -5.32
N PHE C 318 17.22 -43.05 -4.06
CA PHE C 318 17.74 -44.16 -3.25
C PHE C 318 17.62 -45.56 -3.86
N GLU C 319 16.42 -45.92 -4.32
CA GLU C 319 16.22 -47.26 -4.88
C GLU C 319 17.13 -47.55 -6.06
N GLU C 320 17.20 -46.62 -7.01
CA GLU C 320 18.05 -46.83 -8.18
C GLU C 320 19.52 -46.91 -7.81
N ALA C 321 19.95 -46.06 -6.87
CA ALA C 321 21.34 -46.08 -6.43
C ALA C 321 21.62 -47.43 -5.80
N ASP C 322 20.72 -47.86 -4.93
CA ASP C 322 20.83 -49.15 -4.25
C ASP C 322 20.88 -50.30 -5.24
N GLN C 323 20.00 -50.27 -6.25
CA GLN C 323 19.96 -51.33 -7.26
C GLN C 323 21.19 -51.43 -8.15
N GLN C 324 21.71 -50.32 -8.64
CA GLN C 324 22.88 -50.39 -9.50
C GLN C 324 24.11 -50.86 -8.72
N ILE C 325 24.16 -50.53 -7.43
CA ILE C 325 25.28 -50.96 -6.60
C ILE C 325 25.16 -52.47 -6.43
N ARG C 326 23.95 -52.94 -6.12
CA ARG C 326 23.71 -54.36 -5.93
C ARG C 326 24.06 -55.13 -7.20
N GLU C 327 23.66 -54.57 -8.35
CA GLU C 327 23.94 -55.19 -9.63
C GLU C 327 25.41 -55.06 -10.01
N GLY C 328 26.18 -54.38 -9.15
CA GLY C 328 27.61 -54.21 -9.41
C GLY C 328 27.97 -53.27 -10.55
N LYS C 329 27.05 -52.40 -10.93
CA LYS C 329 27.31 -51.46 -12.01
C LYS C 329 28.08 -50.22 -11.54
N VAL C 330 27.87 -49.85 -10.29
CA VAL C 330 28.57 -48.72 -9.69
C VAL C 330 28.94 -49.12 -8.27
N ASP C 331 29.92 -48.44 -7.70
CA ASP C 331 30.35 -48.76 -6.34
C ASP C 331 29.72 -47.82 -5.33
N ALA C 332 29.38 -46.61 -5.79
CA ALA C 332 28.74 -45.61 -4.95
C ALA C 332 28.08 -44.57 -5.84
N VAL C 333 27.14 -43.82 -5.27
CA VAL C 333 26.42 -42.79 -6.01
C VAL C 333 26.56 -41.44 -5.32
N ALA C 334 26.90 -40.42 -6.09
CA ALA C 334 27.03 -39.06 -5.54
C ALA C 334 25.73 -38.33 -5.84
N PHE C 335 25.21 -37.63 -4.83
CA PHE C 335 23.97 -36.90 -4.99
C PHE C 335 24.25 -35.41 -4.91
N GLY C 336 23.62 -34.65 -5.79
CA GLY C 336 23.82 -33.21 -5.80
C GLY C 336 22.67 -32.47 -5.13
N ALA C 337 21.60 -32.25 -5.87
CA ALA C 337 20.44 -31.54 -5.35
C ALA C 337 19.97 -32.12 -4.01
N LYS C 338 19.93 -33.45 -3.91
CA LYS C 338 19.47 -34.07 -2.67
C LYS C 338 20.36 -33.72 -1.47
N PHE C 339 21.65 -33.52 -1.69
CA PHE C 339 22.52 -33.17 -0.57
C PHE C 339 22.43 -31.68 -0.27
N ILE C 340 21.98 -30.91 -1.25
CA ILE C 340 21.80 -29.48 -1.03
C ILE C 340 20.64 -29.31 -0.05
N ALA C 341 19.57 -30.06 -0.31
CA ALA C 341 18.36 -29.97 0.50
C ALA C 341 18.29 -30.86 1.74
N ASN C 342 19.03 -31.96 1.77
CA ASN C 342 18.95 -32.86 2.92
C ASN C 342 20.27 -33.08 3.64
N PRO C 343 20.55 -32.24 4.65
CA PRO C 343 21.79 -32.36 5.41
C PRO C 343 21.93 -33.77 5.99
N ASP C 344 20.80 -34.36 6.37
CA ASP C 344 20.77 -35.70 6.93
C ASP C 344 20.31 -36.71 5.88
N LEU C 345 20.77 -36.53 4.65
CA LEU C 345 20.39 -37.44 3.57
C LEU C 345 20.63 -38.90 3.93
N VAL C 346 21.78 -39.18 4.53
CA VAL C 346 22.11 -40.54 4.91
C VAL C 346 21.10 -41.14 5.89
N GLU C 347 20.69 -40.37 6.89
CA GLU C 347 19.75 -40.90 7.86
C GLU C 347 18.39 -41.13 7.20
N ARG C 348 18.04 -40.29 6.23
CA ARG C 348 16.76 -40.44 5.56
C ARG C 348 16.74 -41.74 4.75
N ALA C 349 17.91 -42.19 4.31
CA ALA C 349 17.99 -43.44 3.54
C ALA C 349 17.85 -44.61 4.52
N GLN C 350 18.43 -44.45 5.70
CA GLN C 350 18.38 -45.49 6.74
C GLN C 350 16.96 -45.74 7.23
N GLN C 351 16.16 -44.69 7.29
CA GLN C 351 14.80 -44.80 7.78
C GLN C 351 13.77 -44.69 6.67
N ASN C 352 14.23 -44.45 5.46
CA ASN C 352 13.36 -44.30 4.30
C ASN C 352 12.37 -43.18 4.57
N TRP C 353 12.88 -42.05 5.06
CA TRP C 353 12.07 -40.88 5.34
C TRP C 353 11.95 -40.01 4.10
N PRO C 354 10.88 -39.20 4.03
CA PRO C 354 10.63 -38.30 2.89
C PRO C 354 11.83 -37.37 2.73
N LEU C 355 12.08 -36.92 1.50
CA LEU C 355 13.20 -36.03 1.24
C LEU C 355 12.76 -34.58 1.08
N ASN C 356 13.60 -33.64 1.52
CA ASN C 356 13.29 -32.23 1.40
C ASN C 356 13.28 -31.87 -0.08
N GLU C 357 12.65 -30.76 -0.42
CA GLU C 357 12.57 -30.31 -1.81
C GLU C 357 13.65 -29.26 -2.09
N PRO C 358 14.52 -29.52 -3.08
CA PRO C 358 15.57 -28.53 -3.38
C PRO C 358 14.94 -27.29 -3.98
N ARG C 359 15.56 -26.14 -3.76
CA ARG C 359 15.03 -24.87 -4.28
C ARG C 359 16.08 -24.19 -5.15
N PRO C 360 16.14 -24.57 -6.44
CA PRO C 360 17.07 -24.04 -7.44
C PRO C 360 17.31 -22.53 -7.40
N GLU C 361 16.23 -21.78 -7.23
CA GLU C 361 16.35 -20.32 -7.18
C GLU C 361 17.15 -19.81 -5.99
N THR C 362 17.51 -20.70 -5.06
CA THR C 362 18.28 -20.28 -3.90
C THR C 362 19.60 -21.05 -3.72
N TYR C 363 20.13 -21.56 -4.83
CA TYR C 363 21.39 -22.32 -4.80
C TYR C 363 22.60 -21.43 -4.56
N TYR C 364 22.53 -20.17 -5.00
CA TYR C 364 23.63 -19.23 -4.90
C TYR C 364 23.31 -17.92 -4.20
N THR C 365 22.55 -17.96 -3.11
CA THR C 365 22.18 -16.74 -2.40
C THR C 365 23.33 -16.06 -1.66
N ARG C 366 24.40 -16.79 -1.43
CA ARG C 366 25.55 -16.26 -0.69
C ARG C 366 25.15 -15.92 0.75
N THR C 367 23.99 -16.41 1.18
CA THR C 367 23.52 -16.19 2.55
C THR C 367 23.11 -17.56 3.08
N ALA C 368 22.50 -17.60 4.27
CA ALA C 368 22.06 -18.88 4.84
C ALA C 368 20.87 -19.40 4.06
N VAL C 369 20.13 -18.48 3.42
CA VAL C 369 18.96 -18.82 2.63
C VAL C 369 19.27 -19.80 1.52
N GLY C 370 18.65 -20.98 1.58
CA GLY C 370 18.87 -21.99 0.57
C GLY C 370 20.25 -22.63 0.71
N TYR C 371 20.89 -22.35 1.83
CA TYR C 371 22.23 -22.90 2.08
C TYR C 371 22.27 -23.69 3.39
N ASN C 372 22.08 -23.00 4.51
CA ASN C 372 22.09 -23.66 5.82
C ASN C 372 20.71 -23.69 6.47
N ASP C 373 19.67 -23.38 5.71
CA ASP C 373 18.33 -23.37 6.27
C ASP C 373 17.51 -24.62 5.96
N TYR C 374 18.14 -25.64 5.39
CA TYR C 374 17.45 -26.89 5.12
C TYR C 374 17.53 -27.69 6.41
N PRO C 375 16.37 -27.96 7.03
CA PRO C 375 16.36 -28.72 8.28
C PRO C 375 16.48 -30.22 8.11
N THR C 376 16.83 -30.88 9.22
CA THR C 376 16.93 -32.34 9.22
C THR C 376 15.46 -32.77 9.27
N TYR C 377 15.20 -34.06 9.14
CA TYR C 377 13.83 -34.55 9.17
C TYR C 377 13.28 -34.58 10.60
N ALA D 2 -11.52 -74.68 48.87
CA ALA D 2 -10.52 -73.61 48.52
C ALA D 2 -10.97 -72.84 47.27
N THR D 3 -10.95 -71.52 47.37
CA THR D 3 -11.35 -70.64 46.27
C THR D 3 -10.52 -70.84 44.99
N PHE D 4 -9.26 -70.42 45.04
CA PHE D 4 -8.37 -70.56 43.89
C PHE D 4 -7.10 -71.29 44.34
N PRO D 5 -7.18 -72.63 44.41
CA PRO D 5 -6.11 -73.53 44.83
C PRO D 5 -4.76 -73.30 44.16
N GLU D 6 -4.76 -73.22 42.83
CA GLU D 6 -3.53 -73.02 42.08
C GLU D 6 -2.89 -71.69 42.40
N LEU D 7 -3.69 -70.64 42.29
CA LEU D 7 -3.23 -69.29 42.54
C LEU D 7 -2.67 -69.08 43.95
N LEU D 8 -3.15 -69.87 44.91
CA LEU D 8 -2.70 -69.74 46.30
C LEU D 8 -1.64 -70.76 46.71
N ARG D 9 -1.15 -71.53 45.75
CA ARG D 9 -0.13 -72.54 46.00
C ARG D 9 1.29 -71.96 45.93
N PRO D 10 2.18 -72.40 46.83
CA PRO D 10 3.57 -71.91 46.84
C PRO D 10 4.28 -72.22 45.51
N LEU D 11 5.39 -71.54 45.26
CA LEU D 11 6.13 -71.74 44.02
C LEU D 11 7.63 -71.54 44.19
N LYS D 12 8.42 -72.48 43.66
CA LYS D 12 9.86 -72.37 43.71
C LYS D 12 10.23 -71.41 42.58
N LEU D 13 10.82 -70.27 42.95
CA LEU D 13 11.21 -69.28 41.96
C LEU D 13 12.63 -68.81 42.28
N GLY D 14 13.56 -69.11 41.37
CA GLY D 14 14.93 -68.73 41.61
C GLY D 14 15.39 -69.47 42.86
N ARG D 15 16.06 -68.77 43.76
CA ARG D 15 16.53 -69.40 45.00
C ARG D 15 15.54 -69.18 46.14
N TYR D 16 14.30 -68.84 45.80
CA TYR D 16 13.27 -68.57 46.80
C TYR D 16 12.02 -69.42 46.64
N THR D 17 11.18 -69.37 47.67
CA THR D 17 9.92 -70.09 47.68
C THR D 17 8.81 -69.07 47.90
N LEU D 18 7.98 -68.86 46.88
CA LEU D 18 6.87 -67.91 46.98
C LEU D 18 5.73 -68.54 47.78
N ARG D 19 5.08 -67.74 48.61
CA ARG D 19 3.97 -68.24 49.42
C ARG D 19 2.74 -68.50 48.55
N ASN D 20 2.66 -67.79 47.42
CA ASN D 20 1.54 -67.94 46.51
C ASN D 20 1.98 -67.48 45.12
N ARG D 21 1.09 -67.63 44.14
CA ARG D 21 1.43 -67.24 42.77
C ARG D 21 0.76 -65.95 42.32
N ILE D 22 0.38 -65.13 43.29
CA ILE D 22 -0.25 -63.83 43.01
C ILE D 22 0.89 -62.83 43.05
N ILE D 23 1.35 -62.44 41.88
CA ILE D 23 2.47 -61.52 41.76
C ILE D 23 2.02 -60.09 41.58
N MET D 24 2.74 -59.16 42.20
CA MET D 24 2.43 -57.75 42.04
C MET D 24 3.27 -57.25 40.86
N ALA D 25 2.61 -56.90 39.77
CA ALA D 25 3.27 -56.42 38.57
C ALA D 25 4.00 -55.12 38.87
N PRO D 26 5.06 -54.82 38.09
CA PRO D 26 5.79 -53.57 38.33
C PRO D 26 4.87 -52.41 37.94
N LEU D 27 4.69 -51.46 38.84
CA LEU D 27 3.81 -50.33 38.61
C LEU D 27 4.41 -48.97 38.93
N THR D 28 4.74 -48.22 37.88
CA THR D 28 5.30 -46.88 38.01
C THR D 28 4.27 -45.98 38.68
N ARG D 29 4.59 -45.46 39.87
CA ARG D 29 3.67 -44.60 40.59
C ARG D 29 4.17 -43.17 40.78
N CYS D 30 5.40 -42.91 40.34
CA CYS D 30 6.02 -41.58 40.44
C CYS D 30 6.11 -41.00 41.85
N GLN D 31 6.50 -41.84 42.82
CA GLN D 31 6.61 -41.41 44.20
C GLN D 31 8.05 -41.20 44.67
N ALA D 32 8.91 -40.75 43.77
CA ALA D 32 10.31 -40.49 44.12
C ALA D 32 10.56 -39.01 43.94
N THR D 33 11.71 -38.54 44.39
CA THR D 33 12.04 -37.12 44.26
C THR D 33 12.42 -36.80 42.81
N GLU D 34 11.85 -35.71 42.30
CA GLU D 34 12.06 -35.29 40.92
C GLU D 34 13.49 -35.32 40.36
N ASP D 35 14.37 -34.47 40.89
CA ASP D 35 15.72 -34.40 40.36
C ASP D 35 16.73 -35.49 40.71
N ASP D 36 16.69 -36.00 41.94
CA ASP D 36 17.63 -37.05 42.32
C ASP D 36 17.00 -38.45 42.36
N HIS D 37 15.72 -38.51 41.97
CA HIS D 37 14.98 -39.76 41.90
C HIS D 37 15.13 -40.68 43.12
N VAL D 38 15.16 -40.08 44.30
CA VAL D 38 15.27 -40.83 45.54
C VAL D 38 13.86 -41.19 46.00
N PRO D 39 13.62 -42.49 46.27
CA PRO D 39 12.28 -42.90 46.71
C PRO D 39 11.82 -42.08 47.91
N ARG D 40 10.54 -41.72 47.93
CA ARG D 40 9.97 -40.98 49.05
C ARG D 40 9.52 -42.07 50.01
N THR D 41 10.51 -42.66 50.68
CA THR D 41 10.37 -43.76 51.61
C THR D 41 9.09 -43.86 52.44
N GLU D 42 8.80 -42.85 53.25
CA GLU D 42 7.60 -42.90 54.09
C GLU D 42 6.35 -43.25 53.29
N SER D 43 6.29 -42.80 52.06
CA SER D 43 5.14 -43.08 51.20
C SER D 43 5.24 -44.46 50.55
N MET D 44 6.35 -44.69 49.85
CA MET D 44 6.58 -45.96 49.16
C MET D 44 6.69 -47.16 50.08
N LEU D 45 7.21 -46.96 51.29
CA LEU D 45 7.35 -48.06 52.24
C LEU D 45 5.96 -48.60 52.63
N LYS D 46 5.06 -47.70 53.02
CA LYS D 46 3.71 -48.11 53.38
C LYS D 46 3.06 -48.85 52.22
N TYR D 47 3.13 -48.25 51.04
CA TYR D 47 2.57 -48.80 49.81
C TYR D 47 2.98 -50.26 49.61
N TYR D 48 4.29 -50.50 49.52
CA TYR D 48 4.77 -51.85 49.30
C TYR D 48 4.55 -52.76 50.50
N GLU D 49 4.69 -52.21 51.71
CA GLU D 49 4.49 -52.99 52.92
C GLU D 49 3.05 -53.48 52.98
N ASP D 50 2.12 -52.63 52.56
CA ASP D 50 0.69 -52.95 52.54
C ASP D 50 0.36 -54.08 51.57
N ARG D 51 1.29 -54.36 50.65
CA ARG D 51 1.08 -55.39 49.65
C ARG D 51 2.08 -56.55 49.79
N ALA D 52 2.81 -56.57 50.90
CA ALA D 52 3.80 -57.61 51.13
C ALA D 52 3.27 -59.04 51.18
N SER D 53 1.95 -59.22 51.17
CA SER D 53 1.40 -60.58 51.18
C SER D 53 1.49 -61.18 49.78
N ALA D 54 1.80 -60.35 48.78
CA ALA D 54 1.94 -60.84 47.41
C ALA D 54 3.01 -61.95 47.40
N GLY D 55 2.81 -62.97 46.58
CA GLY D 55 3.78 -64.05 46.52
C GLY D 55 5.13 -63.45 46.19
N LEU D 56 5.10 -62.39 45.41
CA LEU D 56 6.31 -61.68 45.03
C LEU D 56 5.92 -60.30 44.54
N ILE D 57 6.68 -59.30 44.97
CA ILE D 57 6.43 -57.94 44.55
C ILE D 57 7.51 -57.58 43.55
N ILE D 58 7.10 -57.08 42.40
CA ILE D 58 8.06 -56.64 41.41
C ILE D 58 7.94 -55.14 41.50
N ALA D 59 8.94 -54.50 42.10
CA ALA D 59 8.92 -53.05 42.27
C ALA D 59 8.97 -52.33 40.93
N GLU D 60 8.34 -51.17 40.90
CA GLU D 60 8.24 -50.31 39.72
C GLU D 60 9.55 -50.10 38.96
N ALA D 61 9.42 -49.74 37.68
CA ALA D 61 10.55 -49.47 36.80
C ALA D 61 11.48 -48.47 37.49
N THR D 62 12.74 -48.84 37.64
CA THR D 62 13.73 -47.98 38.30
C THR D 62 14.95 -47.74 37.40
N MET D 63 15.31 -46.47 37.25
CA MET D 63 16.42 -46.03 36.42
C MET D 63 17.80 -46.60 36.73
N VAL D 64 18.53 -46.97 35.68
CA VAL D 64 19.88 -47.49 35.85
C VAL D 64 20.89 -46.44 35.37
N GLN D 65 20.44 -45.51 34.53
CA GLN D 65 21.32 -44.45 34.05
C GLN D 65 20.98 -43.14 34.74
N PRO D 66 21.99 -42.49 35.32
CA PRO D 66 21.76 -41.21 36.02
C PRO D 66 21.01 -40.18 35.18
N ASN D 67 19.94 -39.65 35.76
CA ASN D 67 19.12 -38.63 35.13
C ASN D 67 18.37 -39.01 33.87
N TYR D 68 18.51 -40.25 33.41
CA TYR D 68 17.79 -40.66 32.21
C TYR D 68 16.37 -41.03 32.60
N THR D 69 15.57 -39.99 32.85
CA THR D 69 14.20 -40.14 33.28
C THR D 69 13.17 -40.24 32.16
N GLY D 70 12.15 -41.07 32.40
CA GLY D 70 11.08 -41.24 31.44
C GLY D 70 9.74 -40.94 32.07
N PHE D 71 9.70 -40.87 33.40
CA PHE D 71 8.44 -40.61 34.11
C PHE D 71 8.57 -39.44 35.05
N LEU D 72 9.65 -38.67 34.86
CA LEU D 72 9.94 -37.47 35.64
C LEU D 72 10.31 -37.68 37.10
N THR D 73 9.49 -38.44 37.83
CA THR D 73 9.77 -38.66 39.24
C THR D 73 9.79 -40.13 39.65
N GLU D 74 10.41 -40.98 38.84
CA GLU D 74 10.49 -42.39 39.16
C GLU D 74 11.77 -42.61 39.97
N PRO D 75 11.86 -43.74 40.68
CA PRO D 75 13.09 -43.92 41.45
C PRO D 75 14.25 -44.43 40.61
N GLY D 76 15.44 -44.34 41.17
CA GLY D 76 16.63 -44.81 40.51
C GLY D 76 17.34 -45.77 41.45
N ILE D 77 18.35 -46.47 40.95
CA ILE D 77 19.11 -47.40 41.78
C ILE D 77 20.60 -47.23 41.46
N TYR D 78 20.97 -46.02 41.02
CA TYR D 78 22.36 -45.74 40.69
C TYR D 78 23.14 -44.92 41.72
N SER D 79 22.45 -44.31 42.68
CA SER D 79 23.12 -43.52 43.71
C SER D 79 22.91 -44.15 45.09
N ASP D 80 23.84 -43.90 46.01
CA ASP D 80 23.70 -44.46 47.36
C ASP D 80 22.47 -43.88 48.05
N ALA D 81 22.14 -42.63 47.75
CA ALA D 81 20.98 -42.00 48.36
C ALA D 81 19.74 -42.84 48.08
N GLN D 82 19.61 -43.29 46.83
CA GLN D 82 18.47 -44.12 46.43
C GLN D 82 18.56 -45.49 47.08
N ILE D 83 19.76 -46.06 47.03
CA ILE D 83 20.02 -47.38 47.59
C ILE D 83 19.58 -47.43 49.06
N GLU D 84 19.96 -46.44 49.83
CA GLU D 84 19.59 -46.38 51.25
C GLU D 84 18.09 -46.39 51.52
N GLU D 85 17.32 -45.63 50.74
CA GLU D 85 15.87 -45.59 50.94
C GLU D 85 15.22 -46.91 50.49
N TRP D 86 15.72 -47.47 49.40
CA TRP D 86 15.21 -48.73 48.89
C TRP D 86 15.48 -49.84 49.90
N ARG D 87 16.66 -49.78 50.53
CA ARG D 87 17.04 -50.78 51.51
C ARG D 87 16.03 -50.82 52.66
N LYS D 88 15.55 -49.65 53.06
CA LYS D 88 14.58 -49.56 54.14
C LYS D 88 13.24 -50.11 53.72
N ILE D 89 12.86 -49.83 52.48
CA ILE D 89 11.60 -50.32 51.94
C ILE D 89 11.66 -51.84 51.87
N VAL D 90 12.78 -52.36 51.36
CA VAL D 90 12.94 -53.81 51.24
C VAL D 90 12.89 -54.48 52.60
N ASP D 91 13.52 -53.87 53.60
CA ASP D 91 13.53 -54.41 54.95
C ASP D 91 12.10 -54.57 55.49
N ALA D 92 11.27 -53.55 55.26
CA ALA D 92 9.89 -53.59 55.72
C ALA D 92 9.13 -54.73 55.04
N VAL D 93 9.37 -54.93 53.75
CA VAL D 93 8.70 -56.00 53.01
C VAL D 93 9.15 -57.34 53.57
N HIS D 94 10.45 -57.46 53.79
CA HIS D 94 11.01 -58.69 54.32
C HIS D 94 10.50 -58.98 55.73
N LYS D 95 10.25 -57.94 56.51
CA LYS D 95 9.75 -58.13 57.87
C LYS D 95 8.36 -58.76 57.86
N LYS D 96 7.62 -58.56 56.76
CA LYS D 96 6.28 -59.13 56.62
C LYS D 96 6.33 -60.50 55.95
N GLY D 97 7.54 -61.01 55.75
CA GLY D 97 7.71 -62.31 55.13
C GLY D 97 7.59 -62.24 53.62
N GLY D 98 7.63 -61.03 53.07
CA GLY D 98 7.50 -60.88 51.64
C GLY D 98 8.78 -61.01 50.87
N LEU D 99 8.65 -61.04 49.54
CA LEU D 99 9.78 -61.13 48.63
C LEU D 99 9.64 -59.98 47.63
N ILE D 100 10.75 -59.41 47.19
CA ILE D 100 10.66 -58.30 46.26
C ILE D 100 11.82 -58.20 45.29
N PHE D 101 11.50 -58.02 44.01
CA PHE D 101 12.50 -57.86 42.96
C PHE D 101 12.37 -56.43 42.46
N LEU D 102 13.46 -55.86 41.97
CA LEU D 102 13.43 -54.50 41.45
C LEU D 102 13.52 -54.52 39.94
N GLN D 103 12.57 -53.87 39.26
CA GLN D 103 12.62 -53.83 37.80
C GLN D 103 13.58 -52.73 37.39
N LEU D 104 14.55 -53.08 36.54
CA LEU D 104 15.55 -52.14 36.08
C LEU D 104 15.20 -51.64 34.68
N ILE D 105 15.12 -50.33 34.51
CA ILE D 105 14.73 -49.79 33.21
C ILE D 105 15.62 -48.70 32.63
N HIS D 106 15.56 -48.58 31.31
CA HIS D 106 16.24 -47.51 30.59
C HIS D 106 15.18 -47.10 29.56
N ALA D 107 14.63 -45.90 29.74
CA ALA D 107 13.56 -45.36 28.89
C ALA D 107 13.83 -45.31 27.40
N GLY D 108 15.08 -45.39 26.98
CA GLY D 108 15.39 -45.35 25.56
C GLY D 108 14.84 -44.10 24.89
N ARG D 109 14.16 -44.27 23.76
CA ARG D 109 13.60 -43.14 23.03
C ARG D 109 12.41 -42.51 23.73
N ALA D 110 11.99 -43.09 24.85
CA ALA D 110 10.87 -42.57 25.63
C ALA D 110 11.35 -41.61 26.73
N GLY D 111 12.61 -41.23 26.67
CA GLY D 111 13.13 -40.32 27.68
C GLY D 111 12.50 -38.94 27.56
N ILE D 112 12.44 -38.21 28.67
CA ILE D 112 11.86 -36.86 28.67
C ILE D 112 12.97 -35.87 28.29
N PRO D 113 12.84 -35.24 27.11
CA PRO D 113 13.81 -34.26 26.60
C PRO D 113 14.18 -33.10 27.53
N GLU D 114 13.18 -32.46 28.12
CA GLU D 114 13.42 -31.33 29.01
C GLU D 114 14.39 -31.61 30.15
N LYS D 115 14.38 -32.84 30.65
CA LYS D 115 15.27 -33.17 31.77
C LYS D 115 16.60 -33.76 31.32
N ILE D 116 16.55 -34.70 30.39
CA ILE D 116 17.76 -35.36 29.89
C ILE D 116 18.68 -34.42 29.11
N LEU D 117 18.12 -33.67 28.17
CA LEU D 117 18.92 -32.77 27.35
C LEU D 117 19.37 -31.51 28.10
N GLN D 118 18.79 -31.26 29.28
CA GLN D 118 19.19 -30.08 30.05
C GLN D 118 20.46 -30.41 30.83
N GLN D 119 20.79 -31.69 30.88
CA GLN D 119 22.00 -32.15 31.54
C GLN D 119 23.08 -31.97 30.49
N SER D 120 24.28 -31.57 30.89
CA SER D 120 25.35 -31.37 29.92
C SER D 120 26.28 -32.57 29.84
N LYS D 121 26.97 -32.71 28.72
CA LYS D 121 27.92 -33.80 28.55
C LYS D 121 28.88 -33.75 29.73
N SER D 122 29.20 -34.91 30.28
CA SER D 122 30.07 -34.96 31.46
C SER D 122 31.53 -35.37 31.27
N ASP D 123 31.77 -36.46 30.53
CA ASP D 123 33.12 -36.98 30.34
C ASP D 123 33.35 -38.02 31.45
N GLN D 124 32.64 -37.82 32.57
CA GLN D 124 32.71 -38.78 33.67
C GLN D 124 31.48 -39.65 33.41
N ASP D 125 30.68 -39.20 32.43
CA ASP D 125 29.47 -39.87 31.98
C ASP D 125 29.19 -39.34 30.56
N PRO D 126 29.82 -39.95 29.55
CA PRO D 126 29.66 -39.57 28.15
C PRO D 126 28.24 -39.81 27.62
N LEU D 127 27.44 -40.54 28.38
CA LEU D 127 26.07 -40.84 27.96
C LEU D 127 25.07 -39.82 28.45
N ALA D 128 25.56 -38.85 29.22
CA ALA D 128 24.71 -37.80 29.77
C ALA D 128 24.31 -36.77 28.73
N GLY D 129 23.18 -36.11 28.98
CA GLY D 129 22.68 -35.09 28.07
C GLY D 129 22.35 -35.56 26.67
N ARG D 130 21.99 -36.83 26.54
CA ARG D 130 21.66 -37.39 25.23
C ARG D 130 20.51 -38.40 25.25
N LEU D 131 19.65 -38.31 24.24
CA LEU D 131 18.54 -39.26 24.11
C LEU D 131 19.16 -40.42 23.35
N LEU D 132 18.96 -41.64 23.85
CA LEU D 132 19.56 -42.82 23.23
C LEU D 132 18.59 -43.92 22.87
N ALA D 133 18.87 -44.61 21.77
CA ALA D 133 18.02 -45.70 21.32
C ALA D 133 18.77 -46.59 20.31
N ALA D 134 18.08 -47.61 19.82
CA ALA D 134 18.66 -48.54 18.86
C ALA D 134 18.84 -47.85 17.52
N SER D 135 17.87 -47.03 17.16
CA SER D 135 17.91 -46.30 15.90
C SER D 135 17.33 -44.90 16.10
N ALA D 136 17.72 -43.98 15.23
CA ALA D 136 17.25 -42.60 15.31
C ALA D 136 15.79 -42.46 14.89
N ILE D 137 14.92 -43.23 15.54
CA ILE D 137 13.50 -43.20 15.25
C ILE D 137 12.71 -42.67 16.45
N PRO D 138 12.22 -41.43 16.36
CA PRO D 138 11.46 -40.83 17.45
C PRO D 138 10.08 -41.44 17.57
N ILE D 139 9.50 -41.38 18.77
CA ILE D 139 8.15 -41.90 18.97
C ILE D 139 7.26 -40.97 18.15
N LYS D 140 6.48 -41.56 17.25
CA LYS D 140 5.61 -40.78 16.36
C LYS D 140 4.20 -40.49 16.84
N ASP D 141 3.74 -39.27 16.57
CA ASP D 141 2.41 -38.78 16.92
C ASP D 141 1.82 -39.28 18.22
N HIS D 142 2.64 -39.21 19.25
CA HIS D 142 2.29 -39.62 20.59
C HIS D 142 3.06 -38.59 21.41
N ARG D 143 2.38 -37.87 22.28
CA ARG D 143 3.10 -36.91 23.11
C ARG D 143 3.29 -37.46 24.49
N ILE D 144 4.24 -36.89 25.21
CA ILE D 144 4.48 -37.30 26.58
C ILE D 144 3.25 -36.85 27.35
N PRO D 145 2.61 -37.76 28.10
CA PRO D 145 1.42 -37.36 28.86
C PRO D 145 1.76 -36.34 29.94
N ALA D 146 0.78 -35.48 30.25
CA ALA D 146 0.96 -34.44 31.25
C ALA D 146 1.54 -34.92 32.57
N TYR D 147 1.24 -36.16 32.97
CA TYR D 147 1.76 -36.66 34.24
C TYR D 147 3.22 -37.12 34.23
N PHE D 148 3.85 -37.11 33.06
CA PHE D 148 5.25 -37.50 32.94
C PHE D 148 6.07 -36.29 32.49
N ALA D 149 5.40 -35.37 31.80
CA ALA D 149 6.03 -34.16 31.28
C ALA D 149 6.57 -33.22 32.35
N ALA D 150 7.75 -32.67 32.09
CA ALA D 150 8.40 -31.75 33.03
C ALA D 150 7.55 -30.52 33.33
N SER D 151 6.80 -30.04 32.35
CA SER D 151 5.97 -28.86 32.50
C SER D 151 4.57 -29.15 33.06
N GLY D 152 4.27 -30.42 33.27
CA GLY D 152 2.96 -30.77 33.80
C GLY D 152 1.91 -30.79 32.70
N GLU D 153 2.35 -30.52 31.47
CA GLU D 153 1.46 -30.53 30.32
C GLU D 153 2.12 -31.34 29.22
N LYS D 154 1.33 -31.89 28.31
CA LYS D 154 1.88 -32.70 27.24
C LYS D 154 3.09 -32.06 26.58
N GLU D 155 4.11 -32.89 26.31
CA GLU D 155 5.34 -32.45 25.68
C GLU D 155 5.66 -33.47 24.59
N THR D 156 6.52 -33.09 23.64
CA THR D 156 6.86 -33.99 22.54
C THR D 156 8.11 -34.83 22.80
N TYR D 157 8.13 -36.04 22.24
CA TYR D 157 9.27 -36.93 22.39
C TYR D 157 10.41 -36.43 21.51
N GLY D 158 11.63 -36.54 22.00
CA GLY D 158 12.77 -36.07 21.23
C GLY D 158 13.29 -37.08 20.22
N VAL D 159 14.29 -36.68 19.46
CA VAL D 159 14.89 -37.56 18.47
C VAL D 159 16.02 -38.29 19.20
N PRO D 160 16.03 -39.63 19.14
CA PRO D 160 17.09 -40.35 19.84
C PRO D 160 18.30 -40.58 18.94
N GLU D 161 19.47 -40.69 19.56
CA GLU D 161 20.69 -40.95 18.81
C GLU D 161 20.86 -42.47 18.74
N GLU D 162 21.46 -42.93 17.65
CA GLU D 162 21.69 -44.36 17.47
C GLU D 162 22.93 -44.77 18.27
N LEU D 163 22.72 -45.62 19.28
CA LEU D 163 23.83 -46.09 20.10
C LEU D 163 24.81 -46.91 19.26
N THR D 164 26.11 -46.65 19.42
CA THR D 164 27.11 -47.42 18.71
C THR D 164 27.17 -48.73 19.49
N ASP D 165 27.65 -49.80 18.86
CA ASP D 165 27.74 -51.08 19.56
C ASP D 165 28.57 -50.97 20.84
N ASP D 166 29.61 -50.13 20.79
CA ASP D 166 30.47 -49.93 21.96
C ASP D 166 29.70 -49.28 23.09
N GLU D 167 28.91 -48.26 22.76
CA GLU D 167 28.13 -47.56 23.79
C GLU D 167 27.18 -48.53 24.46
N VAL D 168 26.70 -49.50 23.70
CA VAL D 168 25.79 -50.51 24.24
C VAL D 168 26.52 -51.44 25.19
N ARG D 169 27.63 -52.01 24.71
CA ARG D 169 28.42 -52.95 25.50
C ARG D 169 29.17 -52.37 26.68
N ASP D 170 29.72 -51.17 26.52
CA ASP D 170 30.50 -50.55 27.58
C ASP D 170 29.78 -49.47 28.38
N GLY D 171 28.62 -49.05 27.89
CA GLY D 171 27.86 -48.04 28.59
C GLY D 171 26.53 -48.55 29.13
N ILE D 172 25.66 -49.00 28.24
CA ILE D 172 24.35 -49.50 28.64
C ILE D 172 24.42 -50.75 29.53
N ILE D 173 25.08 -51.80 29.04
CA ILE D 173 25.16 -53.04 29.81
C ILE D 173 25.77 -52.87 31.20
N PRO D 174 26.89 -52.16 31.31
CA PRO D 174 27.47 -51.99 32.66
C PRO D 174 26.51 -51.28 33.62
N LEU D 175 25.69 -50.36 33.10
CA LEU D 175 24.74 -49.65 33.94
C LEU D 175 23.72 -50.60 34.55
N PHE D 176 23.25 -51.56 33.76
CA PHE D 176 22.27 -52.54 34.23
C PHE D 176 22.90 -53.47 35.24
N VAL D 177 24.13 -53.87 34.99
CA VAL D 177 24.85 -54.75 35.90
C VAL D 177 25.08 -54.02 37.22
N GLU D 178 25.54 -52.78 37.14
CA GLU D 178 25.80 -52.02 38.35
C GLU D 178 24.50 -51.77 39.12
N GLY D 179 23.43 -51.46 38.39
CA GLY D 179 22.15 -51.24 39.04
C GLY D 179 21.69 -52.52 39.71
N ALA D 180 21.96 -53.66 39.06
CA ALA D 180 21.58 -54.96 39.60
C ALA D 180 22.29 -55.23 40.92
N LYS D 181 23.61 -55.09 40.92
CA LYS D 181 24.41 -55.31 42.11
C LYS D 181 24.02 -54.32 43.22
N ASN D 182 23.65 -53.10 42.83
CA ASN D 182 23.23 -52.08 43.80
C ASN D 182 21.93 -52.52 44.49
N ALA D 183 20.97 -52.97 43.69
CA ALA D 183 19.68 -53.40 44.21
C ALA D 183 19.81 -54.63 45.11
N ILE D 184 20.54 -55.62 44.62
CA ILE D 184 20.71 -56.87 45.35
C ILE D 184 21.73 -56.84 46.50
N PHE D 185 22.98 -56.52 46.16
CA PHE D 185 24.05 -56.50 47.16
C PHE D 185 23.98 -55.33 48.15
N LYS D 186 23.52 -54.18 47.68
CA LYS D 186 23.47 -52.99 48.52
C LYS D 186 22.11 -52.67 49.13
N ALA D 187 21.04 -52.88 48.39
CA ALA D 187 19.71 -52.57 48.91
C ALA D 187 19.02 -53.78 49.50
N GLY D 188 19.52 -54.97 49.20
CA GLY D 188 18.92 -56.18 49.74
C GLY D 188 17.77 -56.78 48.94
N PHE D 189 17.50 -56.26 47.75
CA PHE D 189 16.42 -56.82 46.95
C PHE D 189 16.73 -58.30 46.75
N ASP D 190 15.69 -59.11 46.67
CA ASP D 190 15.87 -60.54 46.48
C ASP D 190 16.30 -60.84 45.05
N GLY D 191 16.03 -59.89 44.16
CA GLY D 191 16.40 -60.06 42.76
C GLY D 191 16.02 -58.83 41.97
N VAL D 192 16.23 -58.90 40.66
CA VAL D 192 15.89 -57.80 39.78
C VAL D 192 15.21 -58.34 38.53
N GLU D 193 14.39 -57.51 37.90
CA GLU D 193 13.70 -57.89 36.68
C GLU D 193 14.21 -56.98 35.56
N ILE D 194 14.72 -57.58 34.50
CA ILE D 194 15.21 -56.79 33.38
C ILE D 194 13.99 -56.30 32.61
N HIS D 195 13.90 -54.99 32.39
CA HIS D 195 12.76 -54.43 31.67
C HIS D 195 13.02 -54.49 30.17
N GLY D 196 12.58 -55.56 29.54
CA GLY D 196 12.78 -55.71 28.11
C GLY D 196 11.45 -55.58 27.41
N ALA D 197 10.59 -54.70 27.92
CA ALA D 197 9.25 -54.52 27.35
C ALA D 197 8.76 -53.09 27.22
N ASN D 198 7.49 -53.01 26.83
CA ASN D 198 6.73 -51.77 26.69
C ASN D 198 7.37 -50.60 25.97
N GLY D 199 8.12 -50.89 24.92
CA GLY D 199 8.75 -49.84 24.13
C GLY D 199 9.95 -49.11 24.67
N TYR D 200 10.57 -49.62 25.73
CA TYR D 200 11.73 -48.91 26.23
C TYR D 200 13.01 -49.44 25.58
N LEU D 201 14.17 -49.01 26.04
CA LEU D 201 15.43 -49.38 25.40
C LEU D 201 15.57 -50.81 24.90
N LEU D 202 15.51 -51.78 25.80
CA LEU D 202 15.66 -53.18 25.41
C LEU D 202 14.60 -53.68 24.44
N ASP D 203 13.35 -53.28 24.66
CA ASP D 203 12.27 -53.71 23.77
C ASP D 203 12.48 -53.08 22.40
N ALA D 204 13.12 -51.91 22.38
CA ALA D 204 13.37 -51.17 21.14
C ALA D 204 14.35 -51.91 20.22
N PHE D 205 15.32 -52.61 20.82
CA PHE D 205 16.28 -53.37 20.04
C PHE D 205 15.60 -54.67 19.62
N PHE D 206 14.70 -55.13 20.50
CA PHE D 206 13.93 -56.37 20.35
C PHE D 206 12.99 -56.45 19.14
N ARG D 207 12.14 -55.43 18.95
CA ARG D 207 11.20 -55.45 17.85
C ARG D 207 11.64 -54.66 16.62
N GLU D 208 11.30 -55.18 15.45
CA GLU D 208 11.72 -54.58 14.19
C GLU D 208 11.31 -53.15 13.89
N SER D 209 10.15 -52.72 14.36
CA SER D 209 9.71 -51.36 14.07
C SER D 209 10.68 -50.29 14.60
N SER D 210 11.33 -50.57 15.72
CA SER D 210 12.24 -49.60 16.32
C SER D 210 13.73 -49.85 16.16
N ASN D 211 14.10 -51.05 15.71
CA ASN D 211 15.50 -51.37 15.51
C ASN D 211 15.76 -51.55 14.03
N LYS D 212 16.37 -50.54 13.41
CA LYS D 212 16.68 -50.58 11.99
C LYS D 212 18.20 -50.59 11.79
N ARG D 213 18.93 -51.01 12.83
CA ARG D 213 20.39 -51.05 12.75
C ARG D 213 20.79 -51.97 11.60
N GLN D 214 21.70 -51.48 10.77
CA GLN D 214 22.20 -52.21 9.60
C GLN D 214 23.15 -53.37 9.91
N SER D 215 24.02 -53.19 10.89
CA SER D 215 24.98 -54.23 11.23
C SER D 215 25.28 -54.28 12.73
N GLY D 216 26.28 -55.07 13.08
CA GLY D 216 26.67 -55.20 14.47
C GLY D 216 25.94 -56.35 15.13
N PRO D 217 26.30 -56.71 16.38
CA PRO D 217 25.66 -57.81 17.09
C PRO D 217 24.19 -57.56 17.48
N TYR D 218 23.76 -56.31 17.35
CA TYR D 218 22.38 -55.96 17.69
C TYR D 218 21.61 -55.44 16.48
N ALA D 219 21.98 -55.95 15.31
CA ALA D 219 21.34 -55.53 14.08
C ALA D 219 19.85 -55.87 14.10
N GLY D 220 19.05 -55.01 13.47
CA GLY D 220 17.62 -55.26 13.43
C GLY D 220 17.26 -56.16 12.26
N THR D 221 18.29 -56.55 11.49
CA THR D 221 18.12 -57.39 10.31
C THR D 221 17.60 -58.80 10.56
N THR D 222 17.89 -59.37 11.72
CA THR D 222 17.42 -60.73 12.02
C THR D 222 16.79 -60.80 13.41
N ILE D 223 15.97 -61.83 13.60
CA ILE D 223 15.32 -62.05 14.88
C ILE D 223 16.37 -62.33 15.96
N ASP D 224 17.37 -63.14 15.63
CA ASP D 224 18.39 -63.47 16.62
C ASP D 224 19.20 -62.26 17.07
N THR D 225 19.62 -61.42 16.12
CA THR D 225 20.40 -60.24 16.49
C THR D 225 19.56 -59.26 17.27
N ARG D 226 18.25 -59.25 17.03
CA ARG D 226 17.38 -58.34 17.78
C ARG D 226 17.21 -58.82 19.22
N CYS D 227 17.30 -60.14 19.41
CA CYS D 227 17.16 -60.72 20.75
C CYS D 227 18.46 -60.59 21.53
N GLN D 228 19.55 -60.31 20.81
CA GLN D 228 20.87 -60.22 21.43
C GLN D 228 21.08 -59.27 22.60
N LEU D 229 20.64 -58.01 22.48
CA LEU D 229 20.83 -57.08 23.60
C LEU D 229 20.15 -57.57 24.87
N ILE D 230 18.91 -58.03 24.75
CA ILE D 230 18.18 -58.52 25.90
C ILE D 230 18.97 -59.69 26.50
N TYR D 231 19.47 -60.57 25.64
CA TYR D 231 20.24 -61.70 26.12
C TYR D 231 21.50 -61.21 26.82
N ASP D 232 22.27 -60.34 26.17
CA ASP D 232 23.51 -59.82 26.73
C ASP D 232 23.36 -59.09 28.05
N VAL D 233 22.35 -58.23 28.15
CA VAL D 233 22.12 -57.50 29.37
C VAL D 233 21.74 -58.47 30.47
N THR D 234 20.80 -59.36 30.15
CA THR D 234 20.34 -60.35 31.11
C THR D 234 21.48 -61.26 31.56
N LYS D 235 22.18 -61.86 30.60
CA LYS D 235 23.30 -62.76 30.92
C LYS D 235 24.34 -62.06 31.79
N SER D 236 24.62 -60.79 31.50
CA SER D 236 25.60 -60.04 32.26
C SER D 236 25.20 -59.79 33.71
N VAL D 237 23.92 -59.50 33.97
CA VAL D 237 23.53 -59.28 35.36
C VAL D 237 23.52 -60.64 36.05
N CYS D 238 23.21 -61.69 35.28
CA CYS D 238 23.20 -63.05 35.82
C CYS D 238 24.59 -63.40 36.35
N ASP D 239 25.61 -63.11 35.56
CA ASP D 239 26.98 -63.41 35.96
C ASP D 239 27.39 -62.62 37.19
N ALA D 240 26.81 -61.44 37.36
CA ALA D 240 27.14 -60.59 38.49
C ALA D 240 26.35 -60.88 39.77
N VAL D 241 25.06 -61.22 39.65
CA VAL D 241 24.26 -61.47 40.84
C VAL D 241 23.69 -62.88 40.96
N GLY D 242 23.78 -63.64 39.88
CA GLY D 242 23.26 -65.00 39.89
C GLY D 242 21.95 -65.09 39.14
N SER D 243 21.86 -65.99 38.18
CA SER D 243 20.63 -66.12 37.40
C SER D 243 19.36 -66.34 38.23
N ASP D 244 19.50 -66.99 39.39
CA ASP D 244 18.34 -67.26 40.25
C ASP D 244 17.82 -66.05 41.03
N ARG D 245 18.34 -64.88 40.71
CA ARG D 245 17.89 -63.63 41.34
C ARG D 245 17.63 -62.66 40.19
N VAL D 246 17.42 -63.22 39.00
CA VAL D 246 17.19 -62.43 37.81
C VAL D 246 15.96 -62.86 37.04
N GLY D 247 15.09 -61.90 36.75
CA GLY D 247 13.90 -62.18 35.98
C GLY D 247 13.98 -61.29 34.75
N LEU D 248 13.18 -61.61 33.74
CA LEU D 248 13.15 -60.83 32.50
C LEU D 248 11.70 -60.57 32.11
N ARG D 249 11.41 -59.33 31.72
CA ARG D 249 10.05 -59.00 31.31
C ARG D 249 9.98 -58.56 29.85
N ILE D 250 9.09 -59.18 29.09
CA ILE D 250 8.89 -58.83 27.69
C ILE D 250 7.41 -58.56 27.40
N SER D 251 7.15 -57.97 26.24
CA SER D 251 5.80 -57.65 25.81
C SER D 251 5.75 -57.70 24.27
N PRO D 252 5.77 -58.92 23.71
CA PRO D 252 5.75 -59.23 22.27
C PRO D 252 4.64 -58.57 21.44
N LEU D 253 3.53 -58.22 22.07
CA LEU D 253 2.40 -57.63 21.35
C LEU D 253 1.94 -56.26 21.83
N ASN D 254 2.63 -55.67 22.79
CA ASN D 254 2.21 -54.37 23.30
C ASN D 254 2.57 -53.32 22.26
N GLY D 255 1.55 -52.67 21.71
CA GLY D 255 1.77 -51.66 20.69
C GLY D 255 2.04 -50.25 21.15
N VAL D 256 2.12 -50.03 22.46
CA VAL D 256 2.40 -48.70 22.98
C VAL D 256 3.59 -48.10 22.20
N HIS D 257 3.60 -46.78 22.03
CA HIS D 257 4.67 -46.09 21.31
C HIS D 257 4.85 -46.58 19.87
N GLY D 258 3.79 -47.12 19.27
CA GLY D 258 3.90 -47.60 17.90
C GLY D 258 4.82 -48.79 17.73
N MET D 259 5.06 -49.54 18.81
CA MET D 259 5.92 -50.71 18.74
C MET D 259 5.22 -51.87 18.03
N ILE D 260 5.96 -52.58 17.18
CA ILE D 260 5.39 -53.73 16.49
C ILE D 260 6.44 -54.54 15.74
N ASP D 261 6.30 -55.86 15.82
CA ASP D 261 7.19 -56.78 15.13
C ASP D 261 6.30 -57.62 14.22
N SER D 262 6.70 -57.79 12.97
CA SER D 262 5.89 -58.53 12.01
C SER D 262 5.80 -60.04 12.25
N ASN D 263 6.68 -60.57 13.11
CA ASN D 263 6.66 -62.00 13.43
C ASN D 263 6.77 -62.21 14.94
N PRO D 264 5.82 -61.67 15.71
CA PRO D 264 5.84 -61.81 17.17
C PRO D 264 5.97 -63.24 17.70
N GLU D 265 5.32 -64.19 17.04
CA GLU D 265 5.39 -65.58 17.49
C GLU D 265 6.81 -66.11 17.36
N ALA D 266 7.40 -65.97 16.17
CA ALA D 266 8.75 -66.44 15.95
C ALA D 266 9.69 -65.72 16.91
N LEU D 267 9.54 -64.41 16.97
CA LEU D 267 10.37 -63.58 17.84
C LEU D 267 10.34 -64.07 19.29
N THR D 268 9.13 -64.26 19.82
CA THR D 268 8.95 -64.72 21.19
C THR D 268 9.55 -66.10 21.45
N LYS D 269 9.22 -67.06 20.59
CA LYS D 269 9.74 -68.41 20.76
C LYS D 269 11.25 -68.42 20.69
N HIS D 270 11.80 -67.64 19.77
CA HIS D 270 13.24 -67.60 19.64
C HIS D 270 13.92 -67.05 20.90
N LEU D 271 13.33 -66.00 21.49
CA LEU D 271 13.90 -65.42 22.71
C LEU D 271 13.88 -66.44 23.86
N CYS D 272 12.78 -67.17 23.99
CA CYS D 272 12.67 -68.18 25.05
C CYS D 272 13.77 -69.22 24.89
N LYS D 273 13.97 -69.67 23.65
CA LYS D 273 15.01 -70.66 23.38
C LYS D 273 16.37 -70.08 23.72
N LYS D 274 16.57 -68.81 23.38
CA LYS D 274 17.83 -68.14 23.62
C LYS D 274 18.17 -67.92 25.09
N ILE D 275 17.17 -67.69 25.94
CA ILE D 275 17.42 -67.44 27.35
C ILE D 275 17.25 -68.69 28.23
N GLU D 276 16.78 -69.78 27.63
CA GLU D 276 16.59 -71.03 28.36
C GLU D 276 17.85 -71.44 29.11
N PRO D 277 19.02 -71.36 28.46
CA PRO D 277 20.30 -71.73 29.08
C PRO D 277 20.70 -70.88 30.28
N LEU D 278 20.06 -69.73 30.44
CA LEU D 278 20.40 -68.83 31.55
C LEU D 278 19.87 -69.26 32.91
N SER D 279 18.89 -70.15 32.91
CA SER D 279 18.30 -70.61 34.17
C SER D 279 17.87 -69.41 35.02
N LEU D 280 17.08 -68.53 34.39
CA LEU D 280 16.58 -67.33 35.07
C LEU D 280 15.60 -67.70 36.18
N ALA D 281 15.38 -66.76 37.10
CA ALA D 281 14.43 -66.95 38.18
C ALA D 281 13.07 -67.13 37.51
N TYR D 282 12.86 -66.35 36.44
CA TYR D 282 11.62 -66.41 35.68
C TYR D 282 11.60 -65.54 34.43
N LEU D 283 10.60 -65.77 33.59
CA LEU D 283 10.37 -64.98 32.40
C LEU D 283 8.96 -64.43 32.66
N HIS D 284 8.83 -63.12 32.61
CA HIS D 284 7.57 -62.42 32.87
C HIS D 284 7.16 -61.76 31.56
N TYR D 285 5.88 -61.83 31.21
CA TYR D 285 5.44 -61.25 29.95
C TYR D 285 4.00 -60.75 29.88
N LEU D 286 3.78 -59.77 29.03
CA LEU D 286 2.42 -59.27 28.81
C LEU D 286 1.91 -60.22 27.73
N ARG D 287 0.77 -60.84 27.97
CA ARG D 287 0.22 -61.80 27.02
C ARG D 287 -0.50 -61.13 25.87
N GLY D 288 -0.57 -59.80 25.89
CA GLY D 288 -1.28 -59.12 24.82
C GLY D 288 -0.92 -57.68 24.57
N ASP D 289 -1.85 -56.99 23.91
CA ASP D 289 -1.68 -55.60 23.54
C ASP D 289 -2.42 -54.66 24.48
N MET D 290 -1.73 -53.63 24.95
CA MET D 290 -2.33 -52.66 25.84
C MET D 290 -3.49 -51.99 25.11
N VAL D 291 -3.24 -51.56 23.87
CA VAL D 291 -4.24 -50.91 23.05
C VAL D 291 -5.18 -51.94 22.44
N ASN D 292 -4.98 -53.21 22.80
CA ASN D 292 -5.79 -54.32 22.33
C ASN D 292 -5.94 -54.39 20.80
N GLN D 293 -4.84 -54.13 20.09
CA GLN D 293 -4.85 -54.15 18.64
C GLN D 293 -4.17 -55.38 18.06
N GLN D 294 -3.03 -55.73 18.64
CA GLN D 294 -2.28 -56.91 18.18
C GLN D 294 -2.76 -58.14 18.94
N ILE D 295 -3.07 -59.20 18.20
CA ILE D 295 -3.56 -60.44 18.79
C ILE D 295 -2.58 -61.59 18.64
N GLY D 296 -2.58 -62.50 19.62
CA GLY D 296 -1.68 -63.63 19.59
C GLY D 296 -1.68 -64.33 20.93
N ASP D 297 -1.51 -65.65 20.92
CA ASP D 297 -1.53 -66.45 22.14
C ASP D 297 -0.14 -66.56 22.76
N VAL D 298 0.37 -65.43 23.26
CA VAL D 298 1.71 -65.40 23.86
C VAL D 298 1.86 -66.47 24.94
N VAL D 299 0.84 -66.64 25.76
CA VAL D 299 0.89 -67.66 26.82
C VAL D 299 1.33 -69.00 26.22
N ALA D 300 0.66 -69.43 25.15
CA ALA D 300 0.99 -70.70 24.50
C ALA D 300 2.38 -70.70 23.87
N TRP D 301 2.76 -69.58 23.24
CA TRP D 301 4.08 -69.50 22.60
C TRP D 301 5.17 -69.74 23.63
N VAL D 302 5.08 -69.03 24.75
CA VAL D 302 6.07 -69.17 25.80
C VAL D 302 6.06 -70.55 26.43
N ARG D 303 4.87 -71.08 26.72
CA ARG D 303 4.77 -72.39 27.33
C ARG D 303 5.43 -73.47 26.46
N GLY D 304 5.24 -73.34 25.15
CA GLY D 304 5.82 -74.32 24.25
C GLY D 304 7.31 -74.17 24.04
N SER D 305 7.85 -72.98 24.34
CA SER D 305 9.27 -72.74 24.10
C SER D 305 10.15 -72.45 25.32
N TYR D 306 9.57 -72.41 26.51
CA TYR D 306 10.35 -72.10 27.70
C TYR D 306 10.01 -73.06 28.84
N SER D 307 11.03 -73.71 29.39
CA SER D 307 10.83 -74.66 30.47
C SER D 307 10.89 -74.05 31.86
N GLY D 308 11.33 -72.79 31.96
CA GLY D 308 11.44 -72.15 33.26
C GLY D 308 10.15 -71.60 33.84
N VAL D 309 10.25 -70.87 34.94
CA VAL D 309 9.09 -70.29 35.59
C VAL D 309 8.50 -69.22 34.65
N LYS D 310 7.21 -69.36 34.36
CA LYS D 310 6.54 -68.43 33.46
C LYS D 310 5.48 -67.62 34.20
N ILE D 311 5.65 -66.30 34.17
CA ILE D 311 4.70 -65.40 34.84
C ILE D 311 4.00 -64.60 33.76
N SER D 312 2.69 -64.77 33.64
CA SER D 312 1.91 -64.07 32.64
C SER D 312 1.22 -62.86 33.25
N ASN D 313 0.79 -61.94 32.40
CA ASN D 313 0.12 -60.73 32.86
C ASN D 313 -0.76 -60.11 31.77
N LEU D 314 -1.67 -59.23 32.21
CA LEU D 314 -2.61 -58.48 31.37
C LEU D 314 -4.07 -58.95 31.38
N ARG D 315 -4.90 -58.18 32.04
CA ARG D 315 -6.33 -58.47 32.13
C ARG D 315 -6.70 -59.82 32.69
N TYR D 316 -6.03 -60.21 33.77
CA TYR D 316 -6.33 -61.47 34.43
C TYR D 316 -7.21 -61.28 35.64
N ASP D 317 -8.00 -62.30 35.97
CA ASP D 317 -8.80 -62.25 37.18
C ASP D 317 -8.50 -63.57 37.87
N PHE D 318 -8.81 -63.67 39.15
CA PHE D 318 -8.52 -64.88 39.91
C PHE D 318 -8.88 -66.17 39.20
N GLU D 319 -10.12 -66.26 38.72
CA GLU D 319 -10.59 -67.45 38.04
C GLU D 319 -9.70 -67.88 36.86
N GLU D 320 -9.43 -66.97 35.94
CA GLU D 320 -8.62 -67.30 34.77
C GLU D 320 -7.16 -67.60 35.09
N ALA D 321 -6.59 -66.87 36.05
CA ALA D 321 -5.21 -67.10 36.42
C ALA D 321 -5.12 -68.47 37.08
N ASP D 322 -6.07 -68.76 37.96
CA ASP D 322 -6.09 -70.03 38.66
C ASP D 322 -6.14 -71.20 37.68
N GLN D 323 -7.04 -71.08 36.72
CA GLN D 323 -7.23 -72.11 35.70
C GLN D 323 -6.00 -72.29 34.79
N GLN D 324 -5.39 -71.19 34.34
CA GLN D 324 -4.23 -71.34 33.48
C GLN D 324 -3.06 -72.01 34.21
N ILE D 325 -2.92 -71.74 35.50
CA ILE D 325 -1.87 -72.36 36.29
C ILE D 325 -2.19 -73.86 36.42
N ARG D 326 -3.47 -74.16 36.57
CA ARG D 326 -3.91 -75.54 36.72
C ARG D 326 -3.60 -76.36 35.46
N GLU D 327 -3.79 -75.76 34.30
CA GLU D 327 -3.55 -76.42 33.03
C GLU D 327 -2.07 -76.51 32.64
N GLY D 328 -1.22 -75.84 33.39
CA GLY D 328 0.20 -75.87 33.09
C GLY D 328 0.61 -74.82 32.08
N LYS D 329 -0.30 -73.90 31.75
CA LYS D 329 0.02 -72.85 30.79
C LYS D 329 0.98 -71.81 31.38
N VAL D 330 0.80 -71.48 32.66
CA VAL D 330 1.63 -70.50 33.32
C VAL D 330 1.91 -70.97 34.75
N ASP D 331 2.91 -70.38 35.40
CA ASP D 331 3.24 -70.79 36.75
C ASP D 331 2.74 -69.83 37.82
N ALA D 332 2.55 -68.57 37.43
CA ALA D 332 2.06 -67.54 38.32
C ALA D 332 1.55 -66.40 37.43
N VAL D 333 0.73 -65.54 38.00
CA VAL D 333 0.20 -64.40 37.24
C VAL D 333 0.43 -63.10 38.00
N ALA D 334 0.92 -62.10 37.28
CA ALA D 334 1.16 -60.80 37.88
C ALA D 334 -0.04 -59.91 37.59
N PHE D 335 -0.49 -59.19 38.61
CA PHE D 335 -1.63 -58.30 38.48
C PHE D 335 -1.18 -56.86 38.67
N GLY D 336 -1.65 -55.98 37.79
CA GLY D 336 -1.30 -54.58 37.89
C GLY D 336 -2.41 -53.78 38.56
N ALA D 337 -3.40 -53.40 37.77
CA ALA D 337 -4.53 -52.62 38.27
C ALA D 337 -5.10 -53.13 39.58
N LYS D 338 -5.33 -54.44 39.68
CA LYS D 338 -5.90 -55.01 40.88
C LYS D 338 -5.03 -54.79 42.12
N PHE D 339 -3.71 -54.78 41.95
CA PHE D 339 -2.84 -54.55 43.08
C PHE D 339 -2.82 -53.08 43.45
N ILE D 340 -3.01 -52.22 42.46
CA ILE D 340 -3.05 -50.78 42.69
C ILE D 340 -4.23 -50.48 43.63
N ALA D 341 -5.37 -51.07 43.29
CA ALA D 341 -6.61 -50.85 44.03
C ALA D 341 -6.83 -51.77 45.24
N ASN D 342 -6.05 -52.83 45.36
CA ASN D 342 -6.24 -53.75 46.47
C ASN D 342 -4.96 -54.14 47.19
N PRO D 343 -4.64 -53.46 48.30
CA PRO D 343 -3.41 -53.81 49.02
C PRO D 343 -3.51 -55.21 49.61
N ASP D 344 -4.73 -55.62 49.93
CA ASP D 344 -4.97 -56.95 50.49
C ASP D 344 -5.55 -57.87 49.41
N LEU D 345 -5.06 -57.74 48.19
CA LEU D 345 -5.53 -58.55 47.08
C LEU D 345 -5.44 -60.05 47.38
N VAL D 346 -4.30 -60.49 47.89
CA VAL D 346 -4.11 -61.90 48.21
C VAL D 346 -5.16 -62.39 49.21
N GLU D 347 -5.48 -61.58 50.21
CA GLU D 347 -6.49 -62.01 51.17
C GLU D 347 -7.87 -62.10 50.52
N ARG D 348 -8.15 -61.23 49.55
CA ARG D 348 -9.43 -61.25 48.88
C ARG D 348 -9.55 -62.49 48.01
N ALA D 349 -8.41 -62.97 47.51
CA ALA D 349 -8.38 -64.18 46.67
C ALA D 349 -8.65 -65.38 47.58
N GLN D 350 -8.10 -65.34 48.80
CA GLN D 350 -8.27 -66.44 49.75
C GLN D 350 -9.71 -66.63 50.21
N GLN D 351 -10.47 -65.54 50.24
CA GLN D 351 -11.86 -65.60 50.68
C GLN D 351 -12.83 -65.29 49.54
N ASN D 352 -12.29 -65.08 48.35
CA ASN D 352 -13.09 -64.75 47.17
C ASN D 352 -13.99 -63.54 47.45
N TRP D 353 -13.41 -62.53 48.08
CA TRP D 353 -14.15 -61.31 48.39
C TRP D 353 -14.15 -60.38 47.20
N PRO D 354 -15.13 -59.46 47.14
CA PRO D 354 -15.21 -58.51 46.02
C PRO D 354 -14.00 -57.56 46.06
N LEU D 355 -13.59 -57.08 44.89
CA LEU D 355 -12.41 -56.22 44.81
C LEU D 355 -12.72 -54.73 44.66
N ASN D 356 -11.80 -53.88 45.12
CA ASN D 356 -11.98 -52.45 44.97
C ASN D 356 -11.78 -52.20 43.48
N GLU D 357 -12.31 -51.09 42.99
CA GLU D 357 -12.17 -50.75 41.58
C GLU D 357 -11.06 -49.73 41.43
N PRO D 358 -10.16 -49.96 40.47
CA PRO D 358 -9.03 -49.04 40.23
C PRO D 358 -9.48 -47.74 39.59
N ARG D 359 -8.87 -46.64 40.00
CA ARG D 359 -9.21 -45.33 39.44
C ARG D 359 -8.01 -44.79 38.65
N PRO D 360 -7.97 -45.07 37.35
CA PRO D 360 -6.86 -44.60 36.50
C PRO D 360 -6.51 -43.13 36.72
N GLU D 361 -7.54 -42.29 36.75
CA GLU D 361 -7.38 -40.85 36.95
C GLU D 361 -6.48 -40.46 38.12
N THR D 362 -6.24 -41.38 39.04
CA THR D 362 -5.39 -41.06 40.19
C THR D 362 -4.19 -41.98 40.36
N TYR D 363 -3.76 -42.59 39.26
CA TYR D 363 -2.60 -43.49 39.28
C TYR D 363 -1.29 -42.74 39.54
N TYR D 364 -1.24 -41.50 39.09
CA TYR D 364 -0.01 -40.69 39.19
C TYR D 364 -0.14 -39.37 39.96
N THR D 365 -0.86 -39.35 41.07
CA THR D 365 -1.04 -38.10 41.82
C THR D 365 0.21 -37.62 42.58
N ARG D 366 1.14 -38.53 42.84
CA ARG D 366 2.36 -38.19 43.58
C ARG D 366 2.03 -37.85 45.02
N THR D 367 0.84 -38.24 45.47
CA THR D 367 0.40 -38.01 46.83
C THR D 367 -0.26 -39.30 47.31
N ALA D 368 -0.81 -39.26 48.52
CA ALA D 368 -1.48 -40.44 49.07
C ALA D 368 -2.72 -40.80 48.26
N VAL D 369 -3.35 -39.79 47.66
CA VAL D 369 -4.55 -40.01 46.86
C VAL D 369 -4.33 -40.98 45.71
N GLY D 370 -5.21 -41.97 45.59
CA GLY D 370 -5.09 -42.96 44.53
C GLY D 370 -3.83 -43.78 44.63
N TYR D 371 -3.11 -43.63 45.74
CA TYR D 371 -1.86 -44.36 45.98
C TYR D 371 -1.95 -45.21 47.25
N ASN D 372 -2.01 -44.54 48.40
CA ASN D 372 -2.09 -45.25 49.68
C ASN D 372 -3.47 -45.18 50.32
N ASP D 373 -4.49 -44.80 49.57
CA ASP D 373 -5.83 -44.67 50.13
C ASP D 373 -6.91 -45.65 49.69
N TYR D 374 -6.51 -46.80 49.15
CA TYR D 374 -7.51 -47.80 48.78
C TYR D 374 -7.75 -48.61 50.06
N PRO D 375 -9.01 -48.72 50.48
CA PRO D 375 -9.38 -49.45 51.69
C PRO D 375 -9.19 -50.97 51.65
N THR D 376 -8.87 -51.54 52.82
CA THR D 376 -8.72 -52.98 52.92
C THR D 376 -10.15 -53.47 53.04
N TYR D 377 -10.38 -54.77 52.88
CA TYR D 377 -11.76 -55.25 52.98
C TYR D 377 -12.29 -55.32 54.41
#